data_9JRS
# 
_entry.id   9JRS 
# 
_audit_conform.dict_name       mmcif_pdbx.dic 
_audit_conform.dict_version    5.406 
_audit_conform.dict_location   http://mmcif.pdb.org/dictionaries/ascii/mmcif_pdbx.dic 
# 
loop_
_database_2.database_id 
_database_2.database_code 
_database_2.pdbx_database_accession 
_database_2.pdbx_DOI 
PDB   9JRS         pdb_00009jrs 10.2210/pdb9jrs/pdb 
WWPDB D_1300052045 ?            ?                   
# 
_pdbx_audit_revision_history.ordinal             1 
_pdbx_audit_revision_history.data_content_type   'Structure model' 
_pdbx_audit_revision_history.major_revision      1 
_pdbx_audit_revision_history.minor_revision      0 
_pdbx_audit_revision_history.revision_date       2025-10-01 
_pdbx_audit_revision_history.part_number         ? 
# 
_pdbx_audit_revision_details.ordinal             1 
_pdbx_audit_revision_details.revision_ordinal    1 
_pdbx_audit_revision_details.data_content_type   'Structure model' 
_pdbx_audit_revision_details.provider            repository 
_pdbx_audit_revision_details.type                'Initial release' 
_pdbx_audit_revision_details.description         ? 
_pdbx_audit_revision_details.details             ? 
# 
_pdbx_database_status.status_code                     REL 
_pdbx_database_status.status_code_sf                  REL 
_pdbx_database_status.status_code_mr                  ? 
_pdbx_database_status.entry_id                        9JRS 
_pdbx_database_status.recvd_initial_deposition_date   2024-09-29 
_pdbx_database_status.SG_entry                        N 
_pdbx_database_status.deposit_site                    PDBJ 
_pdbx_database_status.process_site                    PDBC 
_pdbx_database_status.status_code_cs                  ? 
_pdbx_database_status.status_code_nmr_data            ? 
_pdbx_database_status.methods_development_category    ? 
_pdbx_database_status.pdb_format_compatible           Y 
# 
_pdbx_contact_author.id                 2 
_pdbx_contact_author.email              xyguan@hku-szh.org 
_pdbx_contact_author.name_first         Xinyuan 
_pdbx_contact_author.name_last          Guan 
_pdbx_contact_author.name_mi            ? 
_pdbx_contact_author.role               'principal investigator/group leader' 
_pdbx_contact_author.identifier_ORCID   0000-0002-4485-6017 
# 
loop_
_audit_author.name 
_audit_author.pdbx_ordinal 
_audit_author.identifier_ORCID 
'Wang, H.' 1 ? 
'Guan, X.' 2 ? 
# 
_citation.abstract                  ? 
_citation.abstract_id_CAS           ? 
_citation.book_id_ISBN              ? 
_citation.book_publisher            ? 
_citation.book_publisher_city       ? 
_citation.book_title                ? 
_citation.coordinate_linkage        ? 
_citation.country                   ? 
_citation.database_id_Medline       ? 
_citation.details                   ? 
_citation.id                        primary 
_citation.journal_abbrev            'To Be Published' 
_citation.journal_id_ASTM           ? 
_citation.journal_id_CSD            0353 
_citation.journal_id_ISSN           ? 
_citation.journal_full              ? 
_citation.journal_issue             ? 
_citation.journal_volume            ? 
_citation.language                  ? 
_citation.page_first                ? 
_citation.page_last                 ? 
_citation.title                     'The crystal structure of antibody BH1' 
_citation.year                      ? 
_citation.database_id_CSD           ? 
_citation.pdbx_database_id_DOI      ? 
_citation.pdbx_database_id_PubMed   ? 
_citation.pdbx_database_id_patent   ? 
_citation.unpublished_flag          ? 
# 
loop_
_citation_author.citation_id 
_citation_author.name 
_citation_author.ordinal 
_citation_author.identifier_ORCID 
primary 'Wang, H.' 1 ? 
primary 'Guan, X.' 2 ? 
# 
loop_
_entity.id 
_entity.type 
_entity.src_method 
_entity.pdbx_description 
_entity.formula_weight 
_entity.pdbx_number_of_molecules 
_entity.pdbx_ec 
_entity.pdbx_mutation 
_entity.pdbx_fragment 
_entity.details 
1 polymer man 'B7-H3 antibody BH1' 13570.013 1  ? ? ? ? 
2 water   nat water                18.015    83 ? ? ? ? 
# 
_entity_poly.entity_id                      1 
_entity_poly.type                           'polypeptide(L)' 
_entity_poly.nstd_linkage                   no 
_entity_poly.nstd_monomer                   no 
_entity_poly.pdbx_seq_one_letter_code       
;QVKLVESGGGSVQAGGSLRLSCAASGDAFSTYFMAWFRQAPGKEREGLASVIPGGGHTYYADSVKGRFALSRDAAAKTVY
LQMDNLKPDDTAMYYCAARSRGGTWRFLNSNDYDYWGQGTQVAVSS
;
_entity_poly.pdbx_seq_one_letter_code_can   
;QVKLVESGGGSVQAGGSLRLSCAASGDAFSTYFMAWFRQAPGKEREGLASVIPGGGHTYYADSVKGRFALSRDAAAKTVY
LQMDNLKPDDTAMYYCAARSRGGTWRFLNSNDYDYWGQGTQVAVSS
;
_entity_poly.pdbx_strand_id                 A 
_entity_poly.pdbx_target_identifier         ? 
# 
_pdbx_entity_nonpoly.entity_id   2 
_pdbx_entity_nonpoly.name        water 
_pdbx_entity_nonpoly.comp_id     HOH 
# 
loop_
_entity_poly_seq.entity_id 
_entity_poly_seq.num 
_entity_poly_seq.mon_id 
_entity_poly_seq.hetero 
1 1   GLN n 
1 2   VAL n 
1 3   LYS n 
1 4   LEU n 
1 5   VAL n 
1 6   GLU n 
1 7   SER n 
1 8   GLY n 
1 9   GLY n 
1 10  GLY n 
1 11  SER n 
1 12  VAL n 
1 13  GLN n 
1 14  ALA n 
1 15  GLY n 
1 16  GLY n 
1 17  SER n 
1 18  LEU n 
1 19  ARG n 
1 20  LEU n 
1 21  SER n 
1 22  CYS n 
1 23  ALA n 
1 24  ALA n 
1 25  SER n 
1 26  GLY n 
1 27  ASP n 
1 28  ALA n 
1 29  PHE n 
1 30  SER n 
1 31  THR n 
1 32  TYR n 
1 33  PHE n 
1 34  MET n 
1 35  ALA n 
1 36  TRP n 
1 37  PHE n 
1 38  ARG n 
1 39  GLN n 
1 40  ALA n 
1 41  PRO n 
1 42  GLY n 
1 43  LYS n 
1 44  GLU n 
1 45  ARG n 
1 46  GLU n 
1 47  GLY n 
1 48  LEU n 
1 49  ALA n 
1 50  SER n 
1 51  VAL n 
1 52  ILE n 
1 53  PRO n 
1 54  GLY n 
1 55  GLY n 
1 56  GLY n 
1 57  HIS n 
1 58  THR n 
1 59  TYR n 
1 60  TYR n 
1 61  ALA n 
1 62  ASP n 
1 63  SER n 
1 64  VAL n 
1 65  LYS n 
1 66  GLY n 
1 67  ARG n 
1 68  PHE n 
1 69  ALA n 
1 70  LEU n 
1 71  SER n 
1 72  ARG n 
1 73  ASP n 
1 74  ALA n 
1 75  ALA n 
1 76  ALA n 
1 77  LYS n 
1 78  THR n 
1 79  VAL n 
1 80  TYR n 
1 81  LEU n 
1 82  GLN n 
1 83  MET n 
1 84  ASP n 
1 85  ASN n 
1 86  LEU n 
1 87  LYS n 
1 88  PRO n 
1 89  ASP n 
1 90  ASP n 
1 91  THR n 
1 92  ALA n 
1 93  MET n 
1 94  TYR n 
1 95  TYR n 
1 96  CYS n 
1 97  ALA n 
1 98  ALA n 
1 99  ARG n 
1 100 SER n 
1 101 ARG n 
1 102 GLY n 
1 103 GLY n 
1 104 THR n 
1 105 TRP n 
1 106 ARG n 
1 107 PHE n 
1 108 LEU n 
1 109 ASN n 
1 110 SER n 
1 111 ASN n 
1 112 ASP n 
1 113 TYR n 
1 114 ASP n 
1 115 TYR n 
1 116 TRP n 
1 117 GLY n 
1 118 GLN n 
1 119 GLY n 
1 120 THR n 
1 121 GLN n 
1 122 VAL n 
1 123 ALA n 
1 124 VAL n 
1 125 SER n 
1 126 SER n 
# 
_entity_src_gen.entity_id                          1 
_entity_src_gen.pdbx_src_id                        1 
_entity_src_gen.pdbx_alt_source_flag               sample 
_entity_src_gen.pdbx_seq_type                      'Biological sequence' 
_entity_src_gen.pdbx_beg_seq_num                   1 
_entity_src_gen.pdbx_end_seq_num                   126 
_entity_src_gen.gene_src_common_name               ? 
_entity_src_gen.gene_src_genus                     ? 
_entity_src_gen.pdbx_gene_src_gene                 ? 
_entity_src_gen.gene_src_species                   ? 
_entity_src_gen.gene_src_strain                    ? 
_entity_src_gen.gene_src_tissue                    ? 
_entity_src_gen.gene_src_tissue_fraction           ? 
_entity_src_gen.gene_src_details                   ? 
_entity_src_gen.pdbx_gene_src_fragment             ? 
_entity_src_gen.pdbx_gene_src_scientific_name      'Vicugna pacos' 
_entity_src_gen.pdbx_gene_src_ncbi_taxonomy_id     30538 
_entity_src_gen.pdbx_gene_src_variant              ? 
_entity_src_gen.pdbx_gene_src_cell_line            ? 
_entity_src_gen.pdbx_gene_src_atcc                 ? 
_entity_src_gen.pdbx_gene_src_organ                ? 
_entity_src_gen.pdbx_gene_src_organelle            ? 
_entity_src_gen.pdbx_gene_src_cell                 ? 
_entity_src_gen.pdbx_gene_src_cellular_location    ? 
_entity_src_gen.host_org_common_name               ? 
_entity_src_gen.pdbx_host_org_scientific_name      'Escherichia coli' 
_entity_src_gen.pdbx_host_org_ncbi_taxonomy_id     562 
_entity_src_gen.host_org_genus                     ? 
_entity_src_gen.pdbx_host_org_gene                 ? 
_entity_src_gen.pdbx_host_org_organ                ? 
_entity_src_gen.host_org_species                   ? 
_entity_src_gen.pdbx_host_org_tissue               ? 
_entity_src_gen.pdbx_host_org_tissue_fraction      ? 
_entity_src_gen.pdbx_host_org_strain               ? 
_entity_src_gen.pdbx_host_org_variant              ? 
_entity_src_gen.pdbx_host_org_cell_line            ? 
_entity_src_gen.pdbx_host_org_atcc                 ? 
_entity_src_gen.pdbx_host_org_culture_collection   ? 
_entity_src_gen.pdbx_host_org_cell                 ? 
_entity_src_gen.pdbx_host_org_organelle            ? 
_entity_src_gen.pdbx_host_org_cellular_location    ? 
_entity_src_gen.pdbx_host_org_vector_type          ? 
_entity_src_gen.pdbx_host_org_vector               ? 
_entity_src_gen.host_org_details                   ? 
_entity_src_gen.expression_system_id               ? 
_entity_src_gen.plasmid_name                       ? 
_entity_src_gen.plasmid_details                    ? 
_entity_src_gen.pdbx_description                   ? 
# 
loop_
_chem_comp.id 
_chem_comp.type 
_chem_comp.mon_nstd_flag 
_chem_comp.name 
_chem_comp.pdbx_synonyms 
_chem_comp.formula 
_chem_comp.formula_weight 
ALA 'L-peptide linking' y ALANINE         ? 'C3 H7 N O2'     89.093  
ARG 'L-peptide linking' y ARGININE        ? 'C6 H15 N4 O2 1' 175.209 
ASN 'L-peptide linking' y ASPARAGINE      ? 'C4 H8 N2 O3'    132.118 
ASP 'L-peptide linking' y 'ASPARTIC ACID' ? 'C4 H7 N O4'     133.103 
CYS 'L-peptide linking' y CYSTEINE        ? 'C3 H7 N O2 S'   121.158 
GLN 'L-peptide linking' y GLUTAMINE       ? 'C5 H10 N2 O3'   146.144 
GLU 'L-peptide linking' y 'GLUTAMIC ACID' ? 'C5 H9 N O4'     147.129 
GLY 'peptide linking'   y GLYCINE         ? 'C2 H5 N O2'     75.067  
HIS 'L-peptide linking' y HISTIDINE       ? 'C6 H10 N3 O2 1' 156.162 
HOH non-polymer         . WATER           ? 'H2 O'           18.015  
ILE 'L-peptide linking' y ISOLEUCINE      ? 'C6 H13 N O2'    131.173 
LEU 'L-peptide linking' y LEUCINE         ? 'C6 H13 N O2'    131.173 
LYS 'L-peptide linking' y LYSINE          ? 'C6 H15 N2 O2 1' 147.195 
MET 'L-peptide linking' y METHIONINE      ? 'C5 H11 N O2 S'  149.211 
PHE 'L-peptide linking' y PHENYLALANINE   ? 'C9 H11 N O2'    165.189 
PRO 'L-peptide linking' y PROLINE         ? 'C5 H9 N O2'     115.130 
SER 'L-peptide linking' y SERINE          ? 'C3 H7 N O3'     105.093 
THR 'L-peptide linking' y THREONINE       ? 'C4 H9 N O3'     119.119 
TRP 'L-peptide linking' y TRYPTOPHAN      ? 'C11 H12 N2 O2'  204.225 
TYR 'L-peptide linking' y TYROSINE        ? 'C9 H11 N O3'    181.189 
VAL 'L-peptide linking' y VALINE          ? 'C5 H11 N O2'    117.146 
# 
loop_
_pdbx_poly_seq_scheme.asym_id 
_pdbx_poly_seq_scheme.entity_id 
_pdbx_poly_seq_scheme.seq_id 
_pdbx_poly_seq_scheme.mon_id 
_pdbx_poly_seq_scheme.ndb_seq_num 
_pdbx_poly_seq_scheme.pdb_seq_num 
_pdbx_poly_seq_scheme.auth_seq_num 
_pdbx_poly_seq_scheme.pdb_mon_id 
_pdbx_poly_seq_scheme.auth_mon_id 
_pdbx_poly_seq_scheme.pdb_strand_id 
_pdbx_poly_seq_scheme.pdb_ins_code 
_pdbx_poly_seq_scheme.hetero 
A 1 1   GLN 1   1   1   GLN GLN A . n 
A 1 2   VAL 2   2   2   VAL VAL A . n 
A 1 3   LYS 3   3   3   LYS LYS A . n 
A 1 4   LEU 4   4   4   LEU LEU A . n 
A 1 5   VAL 5   5   5   VAL VAL A . n 
A 1 6   GLU 6   6   6   GLU GLU A . n 
A 1 7   SER 7   7   7   SER SER A . n 
A 1 8   GLY 8   8   8   GLY GLY A . n 
A 1 9   GLY 9   9   9   GLY GLY A . n 
A 1 10  GLY 10  10  10  GLY GLY A . n 
A 1 11  SER 11  11  11  SER SER A . n 
A 1 12  VAL 12  12  12  VAL VAL A . n 
A 1 13  GLN 13  13  13  GLN GLN A . n 
A 1 14  ALA 14  14  14  ALA ALA A . n 
A 1 15  GLY 15  15  15  GLY GLY A . n 
A 1 16  GLY 16  16  16  GLY GLY A . n 
A 1 17  SER 17  17  17  SER SER A . n 
A 1 18  LEU 18  18  18  LEU LEU A . n 
A 1 19  ARG 19  19  19  ARG ARG A . n 
A 1 20  LEU 20  20  20  LEU LEU A . n 
A 1 21  SER 21  21  21  SER SER A . n 
A 1 22  CYS 22  22  22  CYS CYS A . n 
A 1 23  ALA 23  23  23  ALA ALA A . n 
A 1 24  ALA 24  24  24  ALA ALA A . n 
A 1 25  SER 25  25  25  SER SER A . n 
A 1 26  GLY 26  26  26  GLY GLY A . n 
A 1 27  ASP 27  27  27  ASP ASP A . n 
A 1 28  ALA 28  28  28  ALA ALA A . n 
A 1 29  PHE 29  29  29  PHE PHE A . n 
A 1 30  SER 30  30  30  SER SER A . n 
A 1 31  THR 31  31  31  THR THR A . n 
A 1 32  TYR 32  32  32  TYR TYR A . n 
A 1 33  PHE 33  33  33  PHE PHE A . n 
A 1 34  MET 34  34  34  MET MET A . n 
A 1 35  ALA 35  35  35  ALA ALA A . n 
A 1 36  TRP 36  36  36  TRP TRP A . n 
A 1 37  PHE 37  37  37  PHE PHE A . n 
A 1 38  ARG 38  38  38  ARG ARG A . n 
A 1 39  GLN 39  39  39  GLN GLN A . n 
A 1 40  ALA 40  40  40  ALA ALA A . n 
A 1 41  PRO 41  41  41  PRO PRO A . n 
A 1 42  GLY 42  42  42  GLY GLY A . n 
A 1 43  LYS 43  43  43  LYS LYS A . n 
A 1 44  GLU 44  44  44  GLU GLU A . n 
A 1 45  ARG 45  45  45  ARG ARG A . n 
A 1 46  GLU 46  46  46  GLU GLU A . n 
A 1 47  GLY 47  47  47  GLY GLY A . n 
A 1 48  LEU 48  48  48  LEU LEU A . n 
A 1 49  ALA 49  49  49  ALA ALA A . n 
A 1 50  SER 50  50  50  SER SER A . n 
A 1 51  VAL 51  51  51  VAL VAL A . n 
A 1 52  ILE 52  52  52  ILE ILE A . n 
A 1 53  PRO 53  53  53  PRO PRO A . n 
A 1 54  GLY 54  54  54  GLY GLY A . n 
A 1 55  GLY 55  55  55  GLY GLY A . n 
A 1 56  GLY 56  56  56  GLY GLY A . n 
A 1 57  HIS 57  57  57  HIS HIS A . n 
A 1 58  THR 58  58  58  THR THR A . n 
A 1 59  TYR 59  59  59  TYR TYR A . n 
A 1 60  TYR 60  60  60  TYR TYR A . n 
A 1 61  ALA 61  61  61  ALA ALA A . n 
A 1 62  ASP 62  62  62  ASP ASP A . n 
A 1 63  SER 63  63  63  SER SER A . n 
A 1 64  VAL 64  64  64  VAL VAL A . n 
A 1 65  LYS 65  65  65  LYS LYS A . n 
A 1 66  GLY 66  66  66  GLY GLY A . n 
A 1 67  ARG 67  67  67  ARG ARG A . n 
A 1 68  PHE 68  68  68  PHE PHE A . n 
A 1 69  ALA 69  69  69  ALA ALA A . n 
A 1 70  LEU 70  70  70  LEU LEU A . n 
A 1 71  SER 71  71  71  SER SER A . n 
A 1 72  ARG 72  72  72  ARG ARG A . n 
A 1 73  ASP 73  73  73  ASP ASP A . n 
A 1 74  ALA 74  74  74  ALA ALA A . n 
A 1 75  ALA 75  75  75  ALA ALA A . n 
A 1 76  ALA 76  76  76  ALA ALA A . n 
A 1 77  LYS 77  77  77  LYS LYS A . n 
A 1 78  THR 78  78  78  THR THR A . n 
A 1 79  VAL 79  79  79  VAL VAL A . n 
A 1 80  TYR 80  80  80  TYR TYR A . n 
A 1 81  LEU 81  81  81  LEU LEU A . n 
A 1 82  GLN 82  82  82  GLN GLN A . n 
A 1 83  MET 83  83  83  MET MET A . n 
A 1 84  ASP 84  84  84  ASP ASP A . n 
A 1 85  ASN 85  85  85  ASN ASN A . n 
A 1 86  LEU 86  86  86  LEU LEU A . n 
A 1 87  LYS 87  87  87  LYS LYS A . n 
A 1 88  PRO 88  88  88  PRO PRO A . n 
A 1 89  ASP 89  89  89  ASP ASP A . n 
A 1 90  ASP 90  90  90  ASP ASP A . n 
A 1 91  THR 91  91  91  THR THR A . n 
A 1 92  ALA 92  92  92  ALA ALA A . n 
A 1 93  MET 93  93  93  MET MET A . n 
A 1 94  TYR 94  94  94  TYR TYR A . n 
A 1 95  TYR 95  95  95  TYR TYR A . n 
A 1 96  CYS 96  96  96  CYS CYS A . n 
A 1 97  ALA 97  97  97  ALA ALA A . n 
A 1 98  ALA 98  98  98  ALA ALA A . n 
A 1 99  ARG 99  99  99  ARG ARG A . n 
A 1 100 SER 100 100 100 SER SER A . n 
A 1 101 ARG 101 101 101 ARG ARG A . n 
A 1 102 GLY 102 102 102 GLY GLY A . n 
A 1 103 GLY 103 103 103 GLY GLY A . n 
A 1 104 THR 104 104 104 THR THR A . n 
A 1 105 TRP 105 105 105 TRP TRP A . n 
A 1 106 ARG 106 106 106 ARG ARG A . n 
A 1 107 PHE 107 107 107 PHE PHE A . n 
A 1 108 LEU 108 108 108 LEU LEU A . n 
A 1 109 ASN 109 109 109 ASN ASN A . n 
A 1 110 SER 110 110 110 SER SER A . n 
A 1 111 ASN 111 111 111 ASN ASN A . n 
A 1 112 ASP 112 112 112 ASP ASP A . n 
A 1 113 TYR 113 113 113 TYR TYR A . n 
A 1 114 ASP 114 114 114 ASP ASP A . n 
A 1 115 TYR 115 115 115 TYR TYR A . n 
A 1 116 TRP 116 116 116 TRP TRP A . n 
A 1 117 GLY 117 117 117 GLY GLY A . n 
A 1 118 GLN 118 118 118 GLN GLN A . n 
A 1 119 GLY 119 119 119 GLY GLY A . n 
A 1 120 THR 120 120 120 THR THR A . n 
A 1 121 GLN 121 121 121 GLN GLN A . n 
A 1 122 VAL 122 122 122 VAL VAL A . n 
A 1 123 ALA 123 123 123 ALA ALA A . n 
A 1 124 VAL 124 124 124 VAL VAL A . n 
A 1 125 SER 125 125 125 SER SER A . n 
A 1 126 SER 126 126 126 SER SER A . n 
# 
loop_
_pdbx_nonpoly_scheme.asym_id 
_pdbx_nonpoly_scheme.entity_id 
_pdbx_nonpoly_scheme.mon_id 
_pdbx_nonpoly_scheme.ndb_seq_num 
_pdbx_nonpoly_scheme.pdb_seq_num 
_pdbx_nonpoly_scheme.auth_seq_num 
_pdbx_nonpoly_scheme.pdb_mon_id 
_pdbx_nonpoly_scheme.auth_mon_id 
_pdbx_nonpoly_scheme.pdb_strand_id 
_pdbx_nonpoly_scheme.pdb_ins_code 
B 2 HOH 1  201 103 HOH HOH A . 
B 2 HOH 2  202 20  HOH HOH A . 
B 2 HOH 3  203 147 HOH HOH A . 
B 2 HOH 4  204 26  HOH HOH A . 
B 2 HOH 5  205 23  HOH HOH A . 
B 2 HOH 6  206 163 HOH HOH A . 
B 2 HOH 7  207 123 HOH HOH A . 
B 2 HOH 8  208 40  HOH HOH A . 
B 2 HOH 9  209 66  HOH HOH A . 
B 2 HOH 10 210 89  HOH HOH A . 
B 2 HOH 11 211 16  HOH HOH A . 
B 2 HOH 12 212 74  HOH HOH A . 
B 2 HOH 13 213 12  HOH HOH A . 
B 2 HOH 14 214 32  HOH HOH A . 
B 2 HOH 15 215 113 HOH HOH A . 
B 2 HOH 16 216 28  HOH HOH A . 
B 2 HOH 17 217 44  HOH HOH A . 
B 2 HOH 18 218 121 HOH HOH A . 
B 2 HOH 19 219 50  HOH HOH A . 
B 2 HOH 20 220 25  HOH HOH A . 
B 2 HOH 21 221 110 HOH HOH A . 
B 2 HOH 22 222 148 HOH HOH A . 
B 2 HOH 23 223 10  HOH HOH A . 
B 2 HOH 24 224 82  HOH HOH A . 
B 2 HOH 25 225 4   HOH HOH A . 
B 2 HOH 26 226 135 HOH HOH A . 
B 2 HOH 27 227 19  HOH HOH A . 
B 2 HOH 28 228 114 HOH HOH A . 
B 2 HOH 29 229 108 HOH HOH A . 
B 2 HOH 30 230 37  HOH HOH A . 
B 2 HOH 31 231 5   HOH HOH A . 
B 2 HOH 32 232 35  HOH HOH A . 
B 2 HOH 33 233 3   HOH HOH A . 
B 2 HOH 34 234 8   HOH HOH A . 
B 2 HOH 35 235 30  HOH HOH A . 
B 2 HOH 36 236 119 HOH HOH A . 
B 2 HOH 37 237 36  HOH HOH A . 
B 2 HOH 38 238 41  HOH HOH A . 
B 2 HOH 39 239 140 HOH HOH A . 
B 2 HOH 40 240 72  HOH HOH A . 
B 2 HOH 41 241 33  HOH HOH A . 
B 2 HOH 42 242 68  HOH HOH A . 
B 2 HOH 43 243 17  HOH HOH A . 
B 2 HOH 44 244 15  HOH HOH A . 
B 2 HOH 45 245 7   HOH HOH A . 
B 2 HOH 46 246 6   HOH HOH A . 
B 2 HOH 47 247 45  HOH HOH A . 
B 2 HOH 48 248 18  HOH HOH A . 
B 2 HOH 49 249 39  HOH HOH A . 
B 2 HOH 50 250 49  HOH HOH A . 
B 2 HOH 51 251 9   HOH HOH A . 
B 2 HOH 52 252 1   HOH HOH A . 
B 2 HOH 53 253 24  HOH HOH A . 
B 2 HOH 54 254 11  HOH HOH A . 
B 2 HOH 55 255 77  HOH HOH A . 
B 2 HOH 56 256 156 HOH HOH A . 
B 2 HOH 57 257 43  HOH HOH A . 
B 2 HOH 58 258 87  HOH HOH A . 
B 2 HOH 59 259 109 HOH HOH A . 
B 2 HOH 60 260 95  HOH HOH A . 
B 2 HOH 61 261 47  HOH HOH A . 
B 2 HOH 62 262 98  HOH HOH A . 
B 2 HOH 63 263 60  HOH HOH A . 
B 2 HOH 64 264 51  HOH HOH A . 
B 2 HOH 65 265 105 HOH HOH A . 
B 2 HOH 66 266 83  HOH HOH A . 
B 2 HOH 67 267 102 HOH HOH A . 
B 2 HOH 68 268 53  HOH HOH A . 
B 2 HOH 69 269 14  HOH HOH A . 
B 2 HOH 70 270 27  HOH HOH A . 
B 2 HOH 71 271 118 HOH HOH A . 
B 2 HOH 72 272 157 HOH HOH A . 
B 2 HOH 73 273 145 HOH HOH A . 
B 2 HOH 74 274 159 HOH HOH A . 
B 2 HOH 75 275 166 HOH HOH A . 
B 2 HOH 76 276 22  HOH HOH A . 
B 2 HOH 77 277 80  HOH HOH A . 
B 2 HOH 78 278 162 HOH HOH A . 
B 2 HOH 79 279 13  HOH HOH A . 
B 2 HOH 80 280 107 HOH HOH A . 
B 2 HOH 81 281 134 HOH HOH A . 
B 2 HOH 82 282 21  HOH HOH A . 
B 2 HOH 83 283 34  HOH HOH A . 
# 
loop_
_software.citation_id 
_software.classification 
_software.compiler_name 
_software.compiler_version 
_software.contact_author 
_software.contact_author_email 
_software.date 
_software.description 
_software.dependencies 
_software.hardware 
_software.language 
_software.location 
_software.mods 
_software.name 
_software.os 
_software.os_version 
_software.type 
_software.version 
_software.pdbx_ordinal 
? refinement       ? ? ? ? ? ? ? ? ? ? ? PHENIX  ? ? ? '(1.21_5207: ???)' 1 
? 'data reduction' ? ? ? ? ? ? ? ? ? ? ? XDS     ? ? ? .                  2 
? 'data scaling'   ? ? ? ? ? ? ? ? ? ? ? Aimless ? ? ? .                  3 
? phasing          ? ? ? ? ? ? ? ? ? ? ? PHASER  ? ? ? .                  4 
# 
_cell.angle_alpha                  90.00 
_cell.angle_alpha_esd              ? 
_cell.angle_beta                   90.00 
_cell.angle_beta_esd               ? 
_cell.angle_gamma                  90.00 
_cell.angle_gamma_esd              ? 
_cell.entry_id                     9JRS 
_cell.details                      ? 
_cell.formula_units_Z              ? 
_cell.length_a                     91.740 
_cell.length_a_esd                 ? 
_cell.length_b                     91.740 
_cell.length_b_esd                 ? 
_cell.length_c                     91.740 
_cell.length_c_esd                 ? 
_cell.volume                       ? 
_cell.volume_esd                   ? 
_cell.Z_PDB                        24 
_cell.reciprocal_angle_alpha       ? 
_cell.reciprocal_angle_beta        ? 
_cell.reciprocal_angle_gamma       ? 
_cell.reciprocal_angle_alpha_esd   ? 
_cell.reciprocal_angle_beta_esd    ? 
_cell.reciprocal_angle_gamma_esd   ? 
_cell.reciprocal_length_a          ? 
_cell.reciprocal_length_b          ? 
_cell.reciprocal_length_c          ? 
_cell.reciprocal_length_a_esd      ? 
_cell.reciprocal_length_b_esd      ? 
_cell.reciprocal_length_c_esd      ? 
_cell.pdbx_unique_axis             ? 
_cell.pdbx_esd_method              ? 
# 
_symmetry.entry_id                         9JRS 
_symmetry.cell_setting                     ? 
_symmetry.Int_Tables_number                197 
_symmetry.space_group_name_Hall            ? 
_symmetry.space_group_name_H-M             'I 2 3' 
_symmetry.pdbx_full_space_group_name_H-M   ? 
# 
_exptl.absorpt_coefficient_mu     ? 
_exptl.absorpt_correction_T_max   ? 
_exptl.absorpt_correction_T_min   ? 
_exptl.absorpt_correction_type    ? 
_exptl.absorpt_process_details    ? 
_exptl.entry_id                   9JRS 
_exptl.crystals_number            1 
_exptl.details                    ? 
_exptl.method                     'X-RAY DIFFRACTION' 
_exptl.method_details             ? 
# 
_exptl_crystal.colour                       ? 
_exptl_crystal.density_diffrn               ? 
_exptl_crystal.density_Matthews             2.37 
_exptl_crystal.density_method               ? 
_exptl_crystal.density_percent_sol          48.12 
_exptl_crystal.description                  ? 
_exptl_crystal.F_000                        ? 
_exptl_crystal.id                           1 
_exptl_crystal.preparation                  ? 
_exptl_crystal.size_max                     ? 
_exptl_crystal.size_mid                     ? 
_exptl_crystal.size_min                     ? 
_exptl_crystal.size_rad                     ? 
_exptl_crystal.colour_lustre                ? 
_exptl_crystal.colour_modifier              ? 
_exptl_crystal.colour_primary               ? 
_exptl_crystal.density_meas                 ? 
_exptl_crystal.density_meas_esd             ? 
_exptl_crystal.density_meas_gt              ? 
_exptl_crystal.density_meas_lt              ? 
_exptl_crystal.density_meas_temp            ? 
_exptl_crystal.density_meas_temp_esd        ? 
_exptl_crystal.density_meas_temp_gt         ? 
_exptl_crystal.density_meas_temp_lt         ? 
_exptl_crystal.pdbx_crystal_image_url       ? 
_exptl_crystal.pdbx_crystal_image_format    ? 
_exptl_crystal.pdbx_mosaicity               ? 
_exptl_crystal.pdbx_mosaicity_esd           ? 
_exptl_crystal.pdbx_mosaic_method           ? 
_exptl_crystal.pdbx_mosaic_block_size       ? 
_exptl_crystal.pdbx_mosaic_block_size_esd   ? 
# 
_exptl_crystal_grow.apparatus       ? 
_exptl_crystal_grow.atmosphere      ? 
_exptl_crystal_grow.crystal_id      1 
_exptl_crystal_grow.details         ? 
_exptl_crystal_grow.method          'VAPOR DIFFUSION, HANGING DROP' 
_exptl_crystal_grow.method_ref      ? 
_exptl_crystal_grow.pH              ? 
_exptl_crystal_grow.pressure        ? 
_exptl_crystal_grow.pressure_esd    ? 
_exptl_crystal_grow.seeding         ? 
_exptl_crystal_grow.seeding_ref     ? 
_exptl_crystal_grow.temp_details    ? 
_exptl_crystal_grow.temp_esd        ? 
_exptl_crystal_grow.time            ? 
_exptl_crystal_grow.pdbx_details    '20 mM HEPES, Ph7.5, 150 mM NaCl, and 1 mM DTT' 
_exptl_crystal_grow.pdbx_pH_range   ? 
_exptl_crystal_grow.temp            293 
# 
_diffrn.ambient_environment              ? 
_diffrn.ambient_temp                     100 
_diffrn.ambient_temp_details             ? 
_diffrn.ambient_temp_esd                 ? 
_diffrn.crystal_id                       1 
_diffrn.crystal_support                  ? 
_diffrn.crystal_treatment                ? 
_diffrn.details                          ? 
_diffrn.id                               1 
_diffrn.ambient_pressure                 ? 
_diffrn.ambient_pressure_esd             ? 
_diffrn.ambient_pressure_gt              ? 
_diffrn.ambient_pressure_lt              ? 
_diffrn.ambient_temp_gt                  ? 
_diffrn.ambient_temp_lt                  ? 
_diffrn.pdbx_serial_crystal_experiment   N 
# 
_diffrn_detector.details                      ? 
_diffrn_detector.detector                     PIXEL 
_diffrn_detector.diffrn_id                    1 
_diffrn_detector.type                         'DECTRIS PILATUS 6M' 
_diffrn_detector.area_resol_mean              ? 
_diffrn_detector.dtime                        ? 
_diffrn_detector.pdbx_frames_total            ? 
_diffrn_detector.pdbx_collection_time_total   ? 
_diffrn_detector.pdbx_collection_date         2024-04-01 
_diffrn_detector.pdbx_frequency               ? 
_diffrn_detector.id                           ? 
_diffrn_detector.number_of_axes               ? 
# 
_diffrn_radiation.collimation                      ? 
_diffrn_radiation.diffrn_id                        1 
_diffrn_radiation.filter_edge                      ? 
_diffrn_radiation.inhomogeneity                    ? 
_diffrn_radiation.monochromator                    ? 
_diffrn_radiation.polarisn_norm                    ? 
_diffrn_radiation.polarisn_ratio                   ? 
_diffrn_radiation.probe                            ? 
_diffrn_radiation.type                             ? 
_diffrn_radiation.xray_symbol                      ? 
_diffrn_radiation.wavelength_id                    1 
_diffrn_radiation.pdbx_monochromatic_or_laue_m_l   M 
_diffrn_radiation.pdbx_wavelength_list             ? 
_diffrn_radiation.pdbx_wavelength                  ? 
_diffrn_radiation.pdbx_diffrn_protocol             'SINGLE WAVELENGTH' 
_diffrn_radiation.pdbx_analyzer                    ? 
_diffrn_radiation.pdbx_scattering_type             x-ray 
# 
_diffrn_radiation_wavelength.id           1 
_diffrn_radiation_wavelength.wavelength   0.97954 
_diffrn_radiation_wavelength.wt           1.0 
# 
_diffrn_source.current                     ? 
_diffrn_source.details                     ? 
_diffrn_source.diffrn_id                   1 
_diffrn_source.power                       ? 
_diffrn_source.size                        ? 
_diffrn_source.source                      SYNCHROTRON 
_diffrn_source.target                      ? 
_diffrn_source.type                        'SSRF BEAMLINE BL19U1' 
_diffrn_source.voltage                     ? 
_diffrn_source.take-off_angle              ? 
_diffrn_source.pdbx_wavelength_list        0.97954 
_diffrn_source.pdbx_wavelength             ? 
_diffrn_source.pdbx_synchrotron_beamline   BL19U1 
_diffrn_source.pdbx_synchrotron_site       SSRF 
# 
_reflns.B_iso_Wilson_estimate                          ? 
_reflns.entry_id                                       9JRS 
_reflns.data_reduction_details                         ? 
_reflns.data_reduction_method                          ? 
_reflns.d_resolution_high                              1.46 
_reflns.d_resolution_low                               37.45 
_reflns.details                                        ? 
_reflns.limit_h_max                                    ? 
_reflns.limit_h_min                                    ? 
_reflns.limit_k_max                                    ? 
_reflns.limit_k_min                                    ? 
_reflns.limit_l_max                                    ? 
_reflns.limit_l_min                                    ? 
_reflns.number_all                                     ? 
_reflns.number_obs                                     22379 
_reflns.observed_criterion                             ? 
_reflns.observed_criterion_F_max                       ? 
_reflns.observed_criterion_F_min                       ? 
_reflns.observed_criterion_I_max                       ? 
_reflns.observed_criterion_I_min                       ? 
_reflns.observed_criterion_sigma_F                     ? 
_reflns.observed_criterion_sigma_I                     ? 
_reflns.percent_possible_obs                           99.7 
_reflns.R_free_details                                 ? 
_reflns.Rmerge_F_all                                   ? 
_reflns.Rmerge_F_obs                                   ? 
_reflns.Friedel_coverage                               ? 
_reflns.number_gt                                      ? 
_reflns.threshold_expression                           ? 
_reflns.pdbx_redundancy                                12.0 
_reflns.pdbx_netI_over_av_sigmaI                       ? 
_reflns.pdbx_netI_over_sigmaI                          35.7 
_reflns.pdbx_res_netI_over_av_sigmaI_2                 ? 
_reflns.pdbx_res_netI_over_sigmaI_2                    ? 
_reflns.pdbx_chi_squared                               ? 
_reflns.pdbx_scaling_rejects                           ? 
_reflns.pdbx_d_res_high_opt                            ? 
_reflns.pdbx_d_res_low_opt                             ? 
_reflns.pdbx_d_res_opt_method                          ? 
_reflns.phase_calculation_details                      ? 
_reflns.pdbx_Rrim_I_all                                ? 
_reflns.pdbx_Rpim_I_all                                ? 
_reflns.pdbx_d_opt                                     ? 
_reflns.pdbx_number_measured_all                       ? 
_reflns.pdbx_diffrn_id                                 1 
_reflns.pdbx_ordinal                                   1 
_reflns.pdbx_CC_half                                   1.000 
_reflns.pdbx_CC_star                                   ? 
_reflns.pdbx_R_split                                   ? 
_reflns.pdbx_Rmerge_I_obs                              ? 
_reflns.pdbx_Rmerge_I_all                              ? 
_reflns.pdbx_Rsym_value                                ? 
_reflns.pdbx_CC_split_method                           ? 
_reflns.pdbx_aniso_diffraction_limit_axis_1_ortho[1]   ? 
_reflns.pdbx_aniso_diffraction_limit_axis_1_ortho[2]   ? 
_reflns.pdbx_aniso_diffraction_limit_axis_1_ortho[3]   ? 
_reflns.pdbx_aniso_diffraction_limit_axis_2_ortho[1]   ? 
_reflns.pdbx_aniso_diffraction_limit_axis_2_ortho[2]   ? 
_reflns.pdbx_aniso_diffraction_limit_axis_2_ortho[3]   ? 
_reflns.pdbx_aniso_diffraction_limit_axis_3_ortho[1]   ? 
_reflns.pdbx_aniso_diffraction_limit_axis_3_ortho[2]   ? 
_reflns.pdbx_aniso_diffraction_limit_axis_3_ortho[3]   ? 
_reflns.pdbx_aniso_diffraction_limit_1                 ? 
_reflns.pdbx_aniso_diffraction_limit_2                 ? 
_reflns.pdbx_aniso_diffraction_limit_3                 ? 
_reflns.pdbx_aniso_B_tensor_eigenvector_1_ortho[1]     ? 
_reflns.pdbx_aniso_B_tensor_eigenvector_1_ortho[2]     ? 
_reflns.pdbx_aniso_B_tensor_eigenvector_1_ortho[3]     ? 
_reflns.pdbx_aniso_B_tensor_eigenvector_2_ortho[1]     ? 
_reflns.pdbx_aniso_B_tensor_eigenvector_2_ortho[2]     ? 
_reflns.pdbx_aniso_B_tensor_eigenvector_2_ortho[3]     ? 
_reflns.pdbx_aniso_B_tensor_eigenvector_3_ortho[1]     ? 
_reflns.pdbx_aniso_B_tensor_eigenvector_3_ortho[2]     ? 
_reflns.pdbx_aniso_B_tensor_eigenvector_3_ortho[3]     ? 
_reflns.pdbx_aniso_B_tensor_eigenvalue_1               ? 
_reflns.pdbx_aniso_B_tensor_eigenvalue_2               ? 
_reflns.pdbx_aniso_B_tensor_eigenvalue_3               ? 
_reflns.pdbx_orthogonalization_convention              ? 
_reflns.pdbx_percent_possible_ellipsoidal              ? 
_reflns.pdbx_percent_possible_spherical                ? 
_reflns.pdbx_percent_possible_ellipsoidal_anomalous    ? 
_reflns.pdbx_percent_possible_spherical_anomalous      ? 
_reflns.pdbx_redundancy_anomalous                      ? 
_reflns.pdbx_CC_half_anomalous                         ? 
_reflns.pdbx_absDiff_over_sigma_anomalous              ? 
_reflns.pdbx_percent_possible_anomalous                ? 
_reflns.pdbx_observed_signal_threshold                 ? 
_reflns.pdbx_signal_type                               ? 
_reflns.pdbx_signal_details                            ? 
_reflns.pdbx_signal_software_id                        ? 
# 
_reflns_shell.d_res_high                                    1.46 
_reflns_shell.d_res_low                                     1.50 
_reflns_shell.meanI_over_sigI_all                           ? 
_reflns_shell.meanI_over_sigI_obs                           ? 
_reflns_shell.number_measured_all                           ? 
_reflns_shell.number_measured_obs                           ? 
_reflns_shell.number_possible                               ? 
_reflns_shell.number_unique_all                             ? 
_reflns_shell.number_unique_obs                             1591 
_reflns_shell.percent_possible_obs                          ? 
_reflns_shell.Rmerge_F_all                                  ? 
_reflns_shell.Rmerge_F_obs                                  ? 
_reflns_shell.meanI_over_sigI_gt                            ? 
_reflns_shell.meanI_over_uI_all                             ? 
_reflns_shell.meanI_over_uI_gt                              ? 
_reflns_shell.number_measured_gt                            ? 
_reflns_shell.number_unique_gt                              ? 
_reflns_shell.percent_possible_gt                           ? 
_reflns_shell.Rmerge_F_gt                                   ? 
_reflns_shell.Rmerge_I_gt                                   ? 
_reflns_shell.pdbx_redundancy                               ? 
_reflns_shell.pdbx_chi_squared                              ? 
_reflns_shell.pdbx_netI_over_sigmaI_all                     ? 
_reflns_shell.pdbx_netI_over_sigmaI_obs                     ? 
_reflns_shell.pdbx_Rrim_I_all                               ? 
_reflns_shell.pdbx_Rpim_I_all                               ? 
_reflns_shell.pdbx_rejects                                  ? 
_reflns_shell.pdbx_ordinal                                  1 
_reflns_shell.pdbx_diffrn_id                                1 
_reflns_shell.pdbx_CC_half                                  0.651 
_reflns_shell.pdbx_CC_star                                  ? 
_reflns_shell.pdbx_R_split                                  ? 
_reflns_shell.percent_possible_all                          ? 
_reflns_shell.Rmerge_I_all                                  ? 
_reflns_shell.Rmerge_I_obs                                  ? 
_reflns_shell.pdbx_Rsym_value                               ? 
_reflns_shell.pdbx_percent_possible_ellipsoidal             ? 
_reflns_shell.pdbx_percent_possible_spherical               ? 
_reflns_shell.pdbx_percent_possible_ellipsoidal_anomalous   ? 
_reflns_shell.pdbx_percent_possible_spherical_anomalous     ? 
_reflns_shell.pdbx_redundancy_anomalous                     ? 
_reflns_shell.pdbx_CC_half_anomalous                        ? 
_reflns_shell.pdbx_absDiff_over_sigma_anomalous             ? 
_reflns_shell.pdbx_percent_possible_anomalous               ? 
# 
_refine.aniso_B[1][1]                            ? 
_refine.aniso_B[1][2]                            ? 
_refine.aniso_B[1][3]                            ? 
_refine.aniso_B[2][2]                            ? 
_refine.aniso_B[2][3]                            ? 
_refine.aniso_B[3][3]                            ? 
_refine.B_iso_max                                ? 
_refine.B_iso_mean                               ? 
_refine.B_iso_min                                ? 
_refine.correlation_coeff_Fo_to_Fc               ? 
_refine.correlation_coeff_Fo_to_Fc_free          ? 
_refine.details                                  ? 
_refine.diff_density_max                         ? 
_refine.diff_density_max_esd                     ? 
_refine.diff_density_min                         ? 
_refine.diff_density_min_esd                     ? 
_refine.diff_density_rms                         ? 
_refine.diff_density_rms_esd                     ? 
_refine.entry_id                                 9JRS 
_refine.pdbx_refine_id                           'X-RAY DIFFRACTION' 
_refine.ls_abs_structure_details                 ? 
_refine.ls_abs_structure_Flack                   ? 
_refine.ls_abs_structure_Flack_esd               ? 
_refine.ls_abs_structure_Rogers                  ? 
_refine.ls_abs_structure_Rogers_esd              ? 
_refine.ls_d_res_high                            1.46 
_refine.ls_d_res_low                             37.45 
_refine.ls_extinction_coef                       ? 
_refine.ls_extinction_coef_esd                   ? 
_refine.ls_extinction_expression                 ? 
_refine.ls_extinction_method                     ? 
_refine.ls_goodness_of_fit_all                   ? 
_refine.ls_goodness_of_fit_all_esd               ? 
_refine.ls_goodness_of_fit_obs                   ? 
_refine.ls_goodness_of_fit_obs_esd               ? 
_refine.ls_hydrogen_treatment                    ? 
_refine.ls_matrix_type                           ? 
_refine.ls_number_constraints                    ? 
_refine.ls_number_parameters                     ? 
_refine.ls_number_reflns_all                     ? 
_refine.ls_number_reflns_obs                     22378 
_refine.ls_number_reflns_R_free                  1990 
_refine.ls_number_reflns_R_work                  ? 
_refine.ls_number_restraints                     ? 
_refine.ls_percent_reflns_obs                    99.68 
_refine.ls_percent_reflns_R_free                 8.89 
_refine.ls_R_factor_all                          ? 
_refine.ls_R_factor_obs                          0.2164 
_refine.ls_R_factor_R_free                       0.2520 
_refine.ls_R_factor_R_free_error                 ? 
_refine.ls_R_factor_R_free_error_details         ? 
_refine.ls_R_factor_R_work                       0.2131 
_refine.ls_R_Fsqd_factor_obs                     ? 
_refine.ls_R_I_factor_obs                        ? 
_refine.ls_redundancy_reflns_all                 ? 
_refine.ls_redundancy_reflns_obs                 ? 
_refine.ls_restrained_S_all                      ? 
_refine.ls_restrained_S_obs                      ? 
_refine.ls_shift_over_esd_max                    ? 
_refine.ls_shift_over_esd_mean                   ? 
_refine.ls_structure_factor_coef                 ? 
_refine.ls_weighting_details                     ? 
_refine.ls_weighting_scheme                      ? 
_refine.ls_wR_factor_all                         ? 
_refine.ls_wR_factor_obs                         ? 
_refine.ls_wR_factor_R_free                      ? 
_refine.ls_wR_factor_R_work                      ? 
_refine.occupancy_max                            ? 
_refine.occupancy_min                            ? 
_refine.solvent_model_details                    'FLAT BULK SOLVENT MODEL' 
_refine.solvent_model_param_bsol                 ? 
_refine.solvent_model_param_ksol                 ? 
_refine.pdbx_R_complete                          ? 
_refine.ls_R_factor_gt                           ? 
_refine.ls_goodness_of_fit_gt                    ? 
_refine.ls_goodness_of_fit_ref                   ? 
_refine.ls_shift_over_su_max                     ? 
_refine.ls_shift_over_su_max_lt                  ? 
_refine.ls_shift_over_su_mean                    ? 
_refine.ls_shift_over_su_mean_lt                 ? 
_refine.pdbx_ls_sigma_I                          ? 
_refine.pdbx_ls_sigma_F                          1.36 
_refine.pdbx_ls_sigma_Fsqd                       ? 
_refine.pdbx_data_cutoff_high_absF               ? 
_refine.pdbx_data_cutoff_high_rms_absF           ? 
_refine.pdbx_data_cutoff_low_absF                ? 
_refine.pdbx_isotropic_thermal_model             ? 
_refine.pdbx_ls_cross_valid_method               'FREE R-VALUE' 
_refine.pdbx_method_to_determine_struct          'MOLECULAR REPLACEMENT' 
_refine.pdbx_starting_model                      ? 
_refine.pdbx_stereochemistry_target_values       ML 
_refine.pdbx_R_Free_selection_details            ? 
_refine.pdbx_stereochem_target_val_spec_case     ? 
_refine.pdbx_overall_ESU_R                       ? 
_refine.pdbx_overall_ESU_R_Free                  ? 
_refine.pdbx_solvent_vdw_probe_radii             1.10 
_refine.pdbx_solvent_ion_probe_radii             ? 
_refine.pdbx_solvent_shrinkage_radii             0.90 
_refine.pdbx_real_space_R                        ? 
_refine.pdbx_density_correlation                 ? 
_refine.pdbx_pd_number_of_powder_patterns        ? 
_refine.pdbx_pd_number_of_points                 ? 
_refine.pdbx_pd_meas_number_of_points            ? 
_refine.pdbx_pd_proc_ls_prof_R_factor            ? 
_refine.pdbx_pd_proc_ls_prof_wR_factor           ? 
_refine.pdbx_pd_Marquardt_correlation_coeff      ? 
_refine.pdbx_pd_Fsqrd_R_factor                   ? 
_refine.pdbx_pd_ls_matrix_band_width             ? 
_refine.pdbx_overall_phase_error                 29.73 
_refine.pdbx_overall_SU_R_free_Cruickshank_DPI   ? 
_refine.pdbx_overall_SU_R_free_Blow_DPI          ? 
_refine.pdbx_overall_SU_R_Blow_DPI               ? 
_refine.pdbx_TLS_residual_ADP_flag               ? 
_refine.pdbx_diffrn_id                           1 
_refine.overall_SU_B                             ? 
_refine.overall_SU_ML                            0.19 
_refine.overall_SU_R_Cruickshank_DPI             ? 
_refine.overall_SU_R_free                        ? 
_refine.overall_FOM_free_R_set                   ? 
_refine.overall_FOM_work_R_set                   ? 
_refine.pdbx_average_fsc_overall                 ? 
_refine.pdbx_average_fsc_work                    ? 
_refine.pdbx_average_fsc_free                    ? 
# 
_refine_hist.pdbx_refine_id                   'X-RAY DIFFRACTION' 
_refine_hist.cycle_id                         LAST 
_refine_hist.pdbx_number_atoms_protein        954 
_refine_hist.pdbx_number_atoms_nucleic_acid   0 
_refine_hist.pdbx_number_atoms_ligand         0 
_refine_hist.number_atoms_solvent             83 
_refine_hist.number_atoms_total               1037 
_refine_hist.d_res_high                       1.46 
_refine_hist.d_res_low                        37.45 
# 
loop_
_refine_ls_restr.pdbx_refine_id 
_refine_ls_restr.criterion 
_refine_ls_restr.dev_ideal 
_refine_ls_restr.dev_ideal_target 
_refine_ls_restr.number 
_refine_ls_restr.rejects 
_refine_ls_restr.type 
_refine_ls_restr.weight 
_refine_ls_restr.pdbx_restraint_function 
'X-RAY DIFFRACTION' ? 17.352 ? 341 ? f_dihedral_angle_d ? ? 
'X-RAY DIFFRACTION' ? 0.078  ? 133 ? f_chiral_restr     ? ? 
'X-RAY DIFFRACTION' ? 0.008  ? 173 ? f_plane_restr      ? ? 
# 
loop_
_refine_ls_shell.pdbx_refine_id 
_refine_ls_shell.d_res_high 
_refine_ls_shell.d_res_low 
_refine_ls_shell.number_reflns_all 
_refine_ls_shell.number_reflns_obs 
_refine_ls_shell.number_reflns_R_free 
_refine_ls_shell.number_reflns_R_work 
_refine_ls_shell.percent_reflns_obs 
_refine_ls_shell.percent_reflns_R_free 
_refine_ls_shell.R_factor_all 
_refine_ls_shell.R_factor_obs 
_refine_ls_shell.R_factor_R_free_error 
_refine_ls_shell.R_factor_R_work 
_refine_ls_shell.redundancy_reflns_all 
_refine_ls_shell.redundancy_reflns_obs 
_refine_ls_shell.wR_factor_all 
_refine_ls_shell.wR_factor_obs 
_refine_ls_shell.wR_factor_R_free 
_refine_ls_shell.wR_factor_R_work 
_refine_ls_shell.pdbx_R_complete 
_refine_ls_shell.pdbx_total_number_of_bins_used 
_refine_ls_shell.pdbx_phase_error 
_refine_ls_shell.pdbx_fsc_work 
_refine_ls_shell.pdbx_fsc_free 
_refine_ls_shell.R_factor_R_free 
'X-RAY DIFFRACTION' 1.46 1.50 . . 138 1419 97.00  . . . . 0.3317 . . . . . . . . . . . 0.3497 
'X-RAY DIFFRACTION' 1.50 1.54 . . 140 1409 99.00  . . . . 0.2976 . . . . . . . . . . . 0.3379 
'X-RAY DIFFRACTION' 1.58 1.63 . . 140 1410 100.00 . . . . 0.2433 . . . . . . . . . . . 0.2739 
'X-RAY DIFFRACTION' 1.63 1.69 . . 145 1457 100.00 . . . . 0.2452 . . . . . . . . . . . 0.2732 
'X-RAY DIFFRACTION' 1.69 1.76 . . 140 1437 100.00 . . . . 0.2540 . . . . . . . . . . . 0.3047 
'X-RAY DIFFRACTION' 1.84 1.94 . . 144 1488 100.00 . . . . 0.2376 . . . . . . . . . . . 0.2840 
'X-RAY DIFFRACTION' 1.94 2.06 . . 141 1440 100.00 . . . . 0.2093 . . . . . . . . . . . 0.2328 
'X-RAY DIFFRACTION' 2.22 2.44 . . 139 1474 100.00 . . . . 0.2297 . . . . . . . . . . . 0.2521 
'X-RAY DIFFRACTION' 2.44 2.79 . . 142 1460 100.00 . . . . 0.2275 . . . . . . . . . . . 0.2492 
'X-RAY DIFFRACTION' 2.79 3.51 . . 142 1486 100.00 . . . . 0.2055 . . . . . . . . . . . 0.2635 
# 
_struct.entry_id                     9JRS 
_struct.title                        'Crystal structure of BH1' 
_struct.pdbx_model_details           ? 
_struct.pdbx_formula_weight          ? 
_struct.pdbx_formula_weight_method   ? 
_struct.pdbx_model_type_details      ? 
_struct.pdbx_CASP_flag               N 
# 
_struct_keywords.entry_id        9JRS 
_struct_keywords.text            'antibody, ANTITUMOR PROTEIN' 
_struct_keywords.pdbx_keywords   'ANTITUMOR PROTEIN' 
# 
loop_
_struct_asym.id 
_struct_asym.pdbx_blank_PDB_chainid_flag 
_struct_asym.pdbx_modified 
_struct_asym.entity_id 
_struct_asym.details 
A N N 1 ? 
B N N 2 ? 
# 
_struct_ref.id                         1 
_struct_ref.db_name                    PDB 
_struct_ref.db_code                    9JRS 
_struct_ref.pdbx_db_accession          9JRS 
_struct_ref.pdbx_db_isoform            ? 
_struct_ref.entity_id                  1 
_struct_ref.pdbx_seq_one_letter_code   ? 
_struct_ref.pdbx_align_begin           1 
# 
_struct_ref_seq.align_id                      1 
_struct_ref_seq.ref_id                        1 
_struct_ref_seq.pdbx_PDB_id_code              9JRS 
_struct_ref_seq.pdbx_strand_id                A 
_struct_ref_seq.seq_align_beg                 1 
_struct_ref_seq.pdbx_seq_align_beg_ins_code   ? 
_struct_ref_seq.seq_align_end                 126 
_struct_ref_seq.pdbx_seq_align_end_ins_code   ? 
_struct_ref_seq.pdbx_db_accession             9JRS 
_struct_ref_seq.db_align_beg                  1 
_struct_ref_seq.pdbx_db_align_beg_ins_code    ? 
_struct_ref_seq.db_align_end                  126 
_struct_ref_seq.pdbx_db_align_end_ins_code    ? 
_struct_ref_seq.pdbx_auth_seq_align_beg       1 
_struct_ref_seq.pdbx_auth_seq_align_end       126 
# 
_pdbx_struct_assembly.id                   1 
_pdbx_struct_assembly.details              author_defined_assembly 
_pdbx_struct_assembly.method_details       ? 
_pdbx_struct_assembly.oligomeric_details   monomeric 
_pdbx_struct_assembly.oligomeric_count     1 
# 
_pdbx_struct_assembly_gen.assembly_id       1 
_pdbx_struct_assembly_gen.oper_expression   1 
_pdbx_struct_assembly_gen.asym_id_list      A,B 
# 
_pdbx_struct_assembly_auth_evidence.id                     1 
_pdbx_struct_assembly_auth_evidence.assembly_id            1 
_pdbx_struct_assembly_auth_evidence.experimental_support   'gel filtration' 
_pdbx_struct_assembly_auth_evidence.details                ? 
# 
_pdbx_struct_oper_list.id                   1 
_pdbx_struct_oper_list.type                 'identity operation' 
_pdbx_struct_oper_list.name                 1_555 
_pdbx_struct_oper_list.symmetry_operation   x,y,z 
_pdbx_struct_oper_list.matrix[1][1]         1.0000000000 
_pdbx_struct_oper_list.matrix[1][2]         0.0000000000 
_pdbx_struct_oper_list.matrix[1][3]         0.0000000000 
_pdbx_struct_oper_list.vector[1]            0.0000000000 
_pdbx_struct_oper_list.matrix[2][1]         0.0000000000 
_pdbx_struct_oper_list.matrix[2][2]         1.0000000000 
_pdbx_struct_oper_list.matrix[2][3]         0.0000000000 
_pdbx_struct_oper_list.vector[2]            0.0000000000 
_pdbx_struct_oper_list.matrix[3][1]         0.0000000000 
_pdbx_struct_oper_list.matrix[3][2]         0.0000000000 
_pdbx_struct_oper_list.matrix[3][3]         1.0000000000 
_pdbx_struct_oper_list.vector[3]            0.0000000000 
# 
loop_
_struct_conf.conf_type_id 
_struct_conf.id 
_struct_conf.pdbx_PDB_helix_id 
_struct_conf.beg_label_comp_id 
_struct_conf.beg_label_asym_id 
_struct_conf.beg_label_seq_id 
_struct_conf.pdbx_beg_PDB_ins_code 
_struct_conf.end_label_comp_id 
_struct_conf.end_label_asym_id 
_struct_conf.end_label_seq_id 
_struct_conf.pdbx_end_PDB_ins_code 
_struct_conf.beg_auth_comp_id 
_struct_conf.beg_auth_asym_id 
_struct_conf.beg_auth_seq_id 
_struct_conf.end_auth_comp_id 
_struct_conf.end_auth_asym_id 
_struct_conf.end_auth_seq_id 
_struct_conf.pdbx_PDB_helix_class 
_struct_conf.details 
_struct_conf.pdbx_PDB_helix_length 
HELX_P HELX_P1 AA1 ALA A 28  ? TYR A 32  ? ALA A 28  TYR A 32  5 ? 5 
HELX_P HELX_P2 AA2 ASP A 62  ? LYS A 65  ? ASP A 62  LYS A 65  5 ? 4 
HELX_P HELX_P3 AA3 LYS A 87  ? THR A 91  ? LYS A 87  THR A 91  5 ? 5 
HELX_P HELX_P4 AA4 ASN A 109 ? TYR A 113 ? ASN A 109 TYR A 113 5 ? 5 
# 
_struct_conf_type.id          HELX_P 
_struct_conf_type.criteria    ? 
_struct_conf_type.reference   ? 
# 
loop_
_struct_sheet.id 
_struct_sheet.type 
_struct_sheet.number_strands 
_struct_sheet.details 
AA1 ? 4 ? 
AA2 ? 6 ? 
AA3 ? 4 ? 
# 
loop_
_struct_sheet_order.sheet_id 
_struct_sheet_order.range_id_1 
_struct_sheet_order.range_id_2 
_struct_sheet_order.offset 
_struct_sheet_order.sense 
AA1 1 2 ? anti-parallel 
AA1 2 3 ? anti-parallel 
AA1 3 4 ? anti-parallel 
AA2 1 2 ? parallel      
AA2 2 3 ? anti-parallel 
AA2 3 4 ? anti-parallel 
AA2 4 5 ? anti-parallel 
AA2 5 6 ? anti-parallel 
AA3 1 2 ? parallel      
AA3 2 3 ? anti-parallel 
AA3 3 4 ? anti-parallel 
# 
loop_
_struct_sheet_range.sheet_id 
_struct_sheet_range.id 
_struct_sheet_range.beg_label_comp_id 
_struct_sheet_range.beg_label_asym_id 
_struct_sheet_range.beg_label_seq_id 
_struct_sheet_range.pdbx_beg_PDB_ins_code 
_struct_sheet_range.end_label_comp_id 
_struct_sheet_range.end_label_asym_id 
_struct_sheet_range.end_label_seq_id 
_struct_sheet_range.pdbx_end_PDB_ins_code 
_struct_sheet_range.beg_auth_comp_id 
_struct_sheet_range.beg_auth_asym_id 
_struct_sheet_range.beg_auth_seq_id 
_struct_sheet_range.end_auth_comp_id 
_struct_sheet_range.end_auth_asym_id 
_struct_sheet_range.end_auth_seq_id 
AA1 1 LYS A 3   ? SER A 7   ? LYS A 3   SER A 7   
AA1 2 LEU A 18  ? SER A 25  ? LEU A 18  SER A 25  
AA1 3 THR A 78  ? MET A 83  ? THR A 78  MET A 83  
AA1 4 PHE A 68  ? ASP A 73  ? PHE A 68  ASP A 73  
AA2 1 GLY A 10  ? GLN A 13  ? GLY A 10  GLN A 13  
AA2 2 THR A 120 ? SER A 125 ? THR A 120 SER A 125 
AA2 3 ALA A 92  ? ARG A 99  ? ALA A 92  ARG A 99  
AA2 4 PHE A 33  ? GLN A 39  ? PHE A 33  GLN A 39  
AA2 5 GLU A 46  ? VAL A 51  ? GLU A 46  VAL A 51  
AA2 6 THR A 58  ? TYR A 60  ? THR A 58  TYR A 60  
AA3 1 GLY A 10  ? GLN A 13  ? GLY A 10  GLN A 13  
AA3 2 THR A 120 ? SER A 125 ? THR A 120 SER A 125 
AA3 3 ALA A 92  ? ARG A 99  ? ALA A 92  ARG A 99  
AA3 4 TYR A 115 ? TRP A 116 ? TYR A 115 TRP A 116 
# 
loop_
_pdbx_struct_sheet_hbond.sheet_id 
_pdbx_struct_sheet_hbond.range_id_1 
_pdbx_struct_sheet_hbond.range_id_2 
_pdbx_struct_sheet_hbond.range_1_label_atom_id 
_pdbx_struct_sheet_hbond.range_1_label_comp_id 
_pdbx_struct_sheet_hbond.range_1_label_asym_id 
_pdbx_struct_sheet_hbond.range_1_label_seq_id 
_pdbx_struct_sheet_hbond.range_1_PDB_ins_code 
_pdbx_struct_sheet_hbond.range_1_auth_atom_id 
_pdbx_struct_sheet_hbond.range_1_auth_comp_id 
_pdbx_struct_sheet_hbond.range_1_auth_asym_id 
_pdbx_struct_sheet_hbond.range_1_auth_seq_id 
_pdbx_struct_sheet_hbond.range_2_label_atom_id 
_pdbx_struct_sheet_hbond.range_2_label_comp_id 
_pdbx_struct_sheet_hbond.range_2_label_asym_id 
_pdbx_struct_sheet_hbond.range_2_label_seq_id 
_pdbx_struct_sheet_hbond.range_2_PDB_ins_code 
_pdbx_struct_sheet_hbond.range_2_auth_atom_id 
_pdbx_struct_sheet_hbond.range_2_auth_comp_id 
_pdbx_struct_sheet_hbond.range_2_auth_asym_id 
_pdbx_struct_sheet_hbond.range_2_auth_seq_id 
AA1 1 2 N LYS A 3   ? N LYS A 3   O SER A 25  ? O SER A 25  
AA1 2 3 N LEU A 20  ? N LEU A 20  O LEU A 81  ? O LEU A 81  
AA1 3 4 O GLN A 82  ? O GLN A 82  N ALA A 69  ? N ALA A 69  
AA2 1 2 N VAL A 12  ? N VAL A 12  O SER A 125 ? O SER A 125 
AA2 2 3 O THR A 120 ? O THR A 120 N TYR A 94  ? N TYR A 94  
AA2 3 4 O ARG A 99  ? O ARG A 99  N PHE A 33  ? N PHE A 33  
AA2 4 5 N ARG A 38  ? N ARG A 38  O GLU A 46  ? O GLU A 46  
AA2 5 6 N SER A 50  ? N SER A 50  O TYR A 59  ? O TYR A 59  
AA3 1 2 N VAL A 12  ? N VAL A 12  O SER A 125 ? O SER A 125 
AA3 2 3 O THR A 120 ? O THR A 120 N TYR A 94  ? N TYR A 94  
AA3 3 4 N ALA A 98  ? N ALA A 98  O TYR A 115 ? O TYR A 115 
# 
_pdbx_entry_details.entry_id                   9JRS 
_pdbx_entry_details.compound_details           ? 
_pdbx_entry_details.source_details             ? 
_pdbx_entry_details.nonpolymer_details         ? 
_pdbx_entry_details.sequence_details           ? 
_pdbx_entry_details.has_ligand_of_interest     ? 
_pdbx_entry_details.has_protein_modification   N 
# 
loop_
_pdbx_validate_close_contact.id 
_pdbx_validate_close_contact.PDB_model_num 
_pdbx_validate_close_contact.auth_atom_id_1 
_pdbx_validate_close_contact.auth_asym_id_1 
_pdbx_validate_close_contact.auth_comp_id_1 
_pdbx_validate_close_contact.auth_seq_id_1 
_pdbx_validate_close_contact.PDB_ins_code_1 
_pdbx_validate_close_contact.label_alt_id_1 
_pdbx_validate_close_contact.auth_atom_id_2 
_pdbx_validate_close_contact.auth_asym_id_2 
_pdbx_validate_close_contact.auth_comp_id_2 
_pdbx_validate_close_contact.auth_seq_id_2 
_pdbx_validate_close_contact.PDB_ins_code_2 
_pdbx_validate_close_contact.label_alt_id_2 
_pdbx_validate_close_contact.dist 
1 1 O   A HOH 209 ? ? O A HOH 267 ? ? 1.89 
2 1 O   A HOH 228 ? ? O A HOH 257 ? ? 2.13 
3 1 NH1 A ARG 19  ? ? O A HOH 201 ? ? 2.13 
4 1 O   A HOH 229 ? ? O A HOH 235 ? ? 2.14 
5 1 NE  A ARG 106 ? ? O A HOH 202 ? ? 2.15 
6 1 NH2 A ARG 106 ? ? O A HOH 202 ? ? 2.19 
# 
_pdbx_validate_symm_contact.id                1 
_pdbx_validate_symm_contact.PDB_model_num     1 
_pdbx_validate_symm_contact.auth_atom_id_1    O 
_pdbx_validate_symm_contact.auth_asym_id_1    A 
_pdbx_validate_symm_contact.auth_comp_id_1    HOH 
_pdbx_validate_symm_contact.auth_seq_id_1     268 
_pdbx_validate_symm_contact.PDB_ins_code_1    ? 
_pdbx_validate_symm_contact.label_alt_id_1    ? 
_pdbx_validate_symm_contact.site_symmetry_1   1_555 
_pdbx_validate_symm_contact.auth_atom_id_2    O 
_pdbx_validate_symm_contact.auth_asym_id_2    A 
_pdbx_validate_symm_contact.auth_comp_id_2    HOH 
_pdbx_validate_symm_contact.auth_seq_id_2     274 
_pdbx_validate_symm_contact.PDB_ins_code_2    ? 
_pdbx_validate_symm_contact.label_alt_id_2    ? 
_pdbx_validate_symm_contact.site_symmetry_2   24_554 
_pdbx_validate_symm_contact.dist              2.11 
# 
_pdbx_validate_torsion.id              1 
_pdbx_validate_torsion.PDB_model_num   1 
_pdbx_validate_torsion.auth_comp_id    ALA 
_pdbx_validate_torsion.auth_asym_id    A 
_pdbx_validate_torsion.auth_seq_id     28 
_pdbx_validate_torsion.PDB_ins_code    ? 
_pdbx_validate_torsion.label_alt_id    ? 
_pdbx_validate_torsion.phi             -107.05 
_pdbx_validate_torsion.psi             64.67 
# 
loop_
_pdbx_struct_special_symmetry.id 
_pdbx_struct_special_symmetry.PDB_model_num 
_pdbx_struct_special_symmetry.auth_asym_id 
_pdbx_struct_special_symmetry.auth_comp_id 
_pdbx_struct_special_symmetry.auth_seq_id 
_pdbx_struct_special_symmetry.PDB_ins_code 
_pdbx_struct_special_symmetry.label_asym_id 
_pdbx_struct_special_symmetry.label_comp_id 
_pdbx_struct_special_symmetry.label_seq_id 
1 1 A HOH 279 ? B HOH . 
2 1 A HOH 283 ? B HOH . 
# 
loop_
_chem_comp_atom.comp_id 
_chem_comp_atom.atom_id 
_chem_comp_atom.type_symbol 
_chem_comp_atom.pdbx_aromatic_flag 
_chem_comp_atom.pdbx_stereo_config 
_chem_comp_atom.pdbx_ordinal 
ALA N    N N N 1   
ALA CA   C N S 2   
ALA C    C N N 3   
ALA O    O N N 4   
ALA CB   C N N 5   
ALA OXT  O N N 6   
ALA H    H N N 7   
ALA H2   H N N 8   
ALA HA   H N N 9   
ALA HB1  H N N 10  
ALA HB2  H N N 11  
ALA HB3  H N N 12  
ALA HXT  H N N 13  
ARG N    N N N 14  
ARG CA   C N S 15  
ARG C    C N N 16  
ARG O    O N N 17  
ARG CB   C N N 18  
ARG CG   C N N 19  
ARG CD   C N N 20  
ARG NE   N N N 21  
ARG CZ   C N N 22  
ARG NH1  N N N 23  
ARG NH2  N N N 24  
ARG OXT  O N N 25  
ARG H    H N N 26  
ARG H2   H N N 27  
ARG HA   H N N 28  
ARG HB2  H N N 29  
ARG HB3  H N N 30  
ARG HG2  H N N 31  
ARG HG3  H N N 32  
ARG HD2  H N N 33  
ARG HD3  H N N 34  
ARG HE   H N N 35  
ARG HH11 H N N 36  
ARG HH12 H N N 37  
ARG HH21 H N N 38  
ARG HH22 H N N 39  
ARG HXT  H N N 40  
ASN N    N N N 41  
ASN CA   C N S 42  
ASN C    C N N 43  
ASN O    O N N 44  
ASN CB   C N N 45  
ASN CG   C N N 46  
ASN OD1  O N N 47  
ASN ND2  N N N 48  
ASN OXT  O N N 49  
ASN H    H N N 50  
ASN H2   H N N 51  
ASN HA   H N N 52  
ASN HB2  H N N 53  
ASN HB3  H N N 54  
ASN HD21 H N N 55  
ASN HD22 H N N 56  
ASN HXT  H N N 57  
ASP N    N N N 58  
ASP CA   C N S 59  
ASP C    C N N 60  
ASP O    O N N 61  
ASP CB   C N N 62  
ASP CG   C N N 63  
ASP OD1  O N N 64  
ASP OD2  O N N 65  
ASP OXT  O N N 66  
ASP H    H N N 67  
ASP H2   H N N 68  
ASP HA   H N N 69  
ASP HB2  H N N 70  
ASP HB3  H N N 71  
ASP HD2  H N N 72  
ASP HXT  H N N 73  
CYS N    N N N 74  
CYS CA   C N R 75  
CYS C    C N N 76  
CYS O    O N N 77  
CYS CB   C N N 78  
CYS SG   S N N 79  
CYS OXT  O N N 80  
CYS H    H N N 81  
CYS H2   H N N 82  
CYS HA   H N N 83  
CYS HB2  H N N 84  
CYS HB3  H N N 85  
CYS HG   H N N 86  
CYS HXT  H N N 87  
GLN N    N N N 88  
GLN CA   C N S 89  
GLN C    C N N 90  
GLN O    O N N 91  
GLN CB   C N N 92  
GLN CG   C N N 93  
GLN CD   C N N 94  
GLN OE1  O N N 95  
GLN NE2  N N N 96  
GLN OXT  O N N 97  
GLN H    H N N 98  
GLN H2   H N N 99  
GLN HA   H N N 100 
GLN HB2  H N N 101 
GLN HB3  H N N 102 
GLN HG2  H N N 103 
GLN HG3  H N N 104 
GLN HE21 H N N 105 
GLN HE22 H N N 106 
GLN HXT  H N N 107 
GLU N    N N N 108 
GLU CA   C N S 109 
GLU C    C N N 110 
GLU O    O N N 111 
GLU CB   C N N 112 
GLU CG   C N N 113 
GLU CD   C N N 114 
GLU OE1  O N N 115 
GLU OE2  O N N 116 
GLU OXT  O N N 117 
GLU H    H N N 118 
GLU H2   H N N 119 
GLU HA   H N N 120 
GLU HB2  H N N 121 
GLU HB3  H N N 122 
GLU HG2  H N N 123 
GLU HG3  H N N 124 
GLU HE2  H N N 125 
GLU HXT  H N N 126 
GLY N    N N N 127 
GLY CA   C N N 128 
GLY C    C N N 129 
GLY O    O N N 130 
GLY OXT  O N N 131 
GLY H    H N N 132 
GLY H2   H N N 133 
GLY HA2  H N N 134 
GLY HA3  H N N 135 
GLY HXT  H N N 136 
HIS N    N N N 137 
HIS CA   C N S 138 
HIS C    C N N 139 
HIS O    O N N 140 
HIS CB   C N N 141 
HIS CG   C Y N 142 
HIS ND1  N Y N 143 
HIS CD2  C Y N 144 
HIS CE1  C Y N 145 
HIS NE2  N Y N 146 
HIS OXT  O N N 147 
HIS H    H N N 148 
HIS H2   H N N 149 
HIS HA   H N N 150 
HIS HB2  H N N 151 
HIS HB3  H N N 152 
HIS HD1  H N N 153 
HIS HD2  H N N 154 
HIS HE1  H N N 155 
HIS HE2  H N N 156 
HIS HXT  H N N 157 
HOH O    O N N 158 
HOH H1   H N N 159 
HOH H2   H N N 160 
ILE N    N N N 161 
ILE CA   C N S 162 
ILE C    C N N 163 
ILE O    O N N 164 
ILE CB   C N S 165 
ILE CG1  C N N 166 
ILE CG2  C N N 167 
ILE CD1  C N N 168 
ILE OXT  O N N 169 
ILE H    H N N 170 
ILE H2   H N N 171 
ILE HA   H N N 172 
ILE HB   H N N 173 
ILE HG12 H N N 174 
ILE HG13 H N N 175 
ILE HG21 H N N 176 
ILE HG22 H N N 177 
ILE HG23 H N N 178 
ILE HD11 H N N 179 
ILE HD12 H N N 180 
ILE HD13 H N N 181 
ILE HXT  H N N 182 
LEU N    N N N 183 
LEU CA   C N S 184 
LEU C    C N N 185 
LEU O    O N N 186 
LEU CB   C N N 187 
LEU CG   C N N 188 
LEU CD1  C N N 189 
LEU CD2  C N N 190 
LEU OXT  O N N 191 
LEU H    H N N 192 
LEU H2   H N N 193 
LEU HA   H N N 194 
LEU HB2  H N N 195 
LEU HB3  H N N 196 
LEU HG   H N N 197 
LEU HD11 H N N 198 
LEU HD12 H N N 199 
LEU HD13 H N N 200 
LEU HD21 H N N 201 
LEU HD22 H N N 202 
LEU HD23 H N N 203 
LEU HXT  H N N 204 
LYS N    N N N 205 
LYS CA   C N S 206 
LYS C    C N N 207 
LYS O    O N N 208 
LYS CB   C N N 209 
LYS CG   C N N 210 
LYS CD   C N N 211 
LYS CE   C N N 212 
LYS NZ   N N N 213 
LYS OXT  O N N 214 
LYS H    H N N 215 
LYS H2   H N N 216 
LYS HA   H N N 217 
LYS HB2  H N N 218 
LYS HB3  H N N 219 
LYS HG2  H N N 220 
LYS HG3  H N N 221 
LYS HD2  H N N 222 
LYS HD3  H N N 223 
LYS HE2  H N N 224 
LYS HE3  H N N 225 
LYS HZ1  H N N 226 
LYS HZ2  H N N 227 
LYS HZ3  H N N 228 
LYS HXT  H N N 229 
MET N    N N N 230 
MET CA   C N S 231 
MET C    C N N 232 
MET O    O N N 233 
MET CB   C N N 234 
MET CG   C N N 235 
MET SD   S N N 236 
MET CE   C N N 237 
MET OXT  O N N 238 
MET H    H N N 239 
MET H2   H N N 240 
MET HA   H N N 241 
MET HB2  H N N 242 
MET HB3  H N N 243 
MET HG2  H N N 244 
MET HG3  H N N 245 
MET HE1  H N N 246 
MET HE2  H N N 247 
MET HE3  H N N 248 
MET HXT  H N N 249 
PHE N    N N N 250 
PHE CA   C N S 251 
PHE C    C N N 252 
PHE O    O N N 253 
PHE CB   C N N 254 
PHE CG   C Y N 255 
PHE CD1  C Y N 256 
PHE CD2  C Y N 257 
PHE CE1  C Y N 258 
PHE CE2  C Y N 259 
PHE CZ   C Y N 260 
PHE OXT  O N N 261 
PHE H    H N N 262 
PHE H2   H N N 263 
PHE HA   H N N 264 
PHE HB2  H N N 265 
PHE HB3  H N N 266 
PHE HD1  H N N 267 
PHE HD2  H N N 268 
PHE HE1  H N N 269 
PHE HE2  H N N 270 
PHE HZ   H N N 271 
PHE HXT  H N N 272 
PRO N    N N N 273 
PRO CA   C N S 274 
PRO C    C N N 275 
PRO O    O N N 276 
PRO CB   C N N 277 
PRO CG   C N N 278 
PRO CD   C N N 279 
PRO OXT  O N N 280 
PRO H    H N N 281 
PRO HA   H N N 282 
PRO HB2  H N N 283 
PRO HB3  H N N 284 
PRO HG2  H N N 285 
PRO HG3  H N N 286 
PRO HD2  H N N 287 
PRO HD3  H N N 288 
PRO HXT  H N N 289 
SER N    N N N 290 
SER CA   C N S 291 
SER C    C N N 292 
SER O    O N N 293 
SER CB   C N N 294 
SER OG   O N N 295 
SER OXT  O N N 296 
SER H    H N N 297 
SER H2   H N N 298 
SER HA   H N N 299 
SER HB2  H N N 300 
SER HB3  H N N 301 
SER HG   H N N 302 
SER HXT  H N N 303 
THR N    N N N 304 
THR CA   C N S 305 
THR C    C N N 306 
THR O    O N N 307 
THR CB   C N R 308 
THR OG1  O N N 309 
THR CG2  C N N 310 
THR OXT  O N N 311 
THR H    H N N 312 
THR H2   H N N 313 
THR HA   H N N 314 
THR HB   H N N 315 
THR HG1  H N N 316 
THR HG21 H N N 317 
THR HG22 H N N 318 
THR HG23 H N N 319 
THR HXT  H N N 320 
TRP N    N N N 321 
TRP CA   C N S 322 
TRP C    C N N 323 
TRP O    O N N 324 
TRP CB   C N N 325 
TRP CG   C Y N 326 
TRP CD1  C Y N 327 
TRP CD2  C Y N 328 
TRP NE1  N Y N 329 
TRP CE2  C Y N 330 
TRP CE3  C Y N 331 
TRP CZ2  C Y N 332 
TRP CZ3  C Y N 333 
TRP CH2  C Y N 334 
TRP OXT  O N N 335 
TRP H    H N N 336 
TRP H2   H N N 337 
TRP HA   H N N 338 
TRP HB2  H N N 339 
TRP HB3  H N N 340 
TRP HD1  H N N 341 
TRP HE1  H N N 342 
TRP HE3  H N N 343 
TRP HZ2  H N N 344 
TRP HZ3  H N N 345 
TRP HH2  H N N 346 
TRP HXT  H N N 347 
TYR N    N N N 348 
TYR CA   C N S 349 
TYR C    C N N 350 
TYR O    O N N 351 
TYR CB   C N N 352 
TYR CG   C Y N 353 
TYR CD1  C Y N 354 
TYR CD2  C Y N 355 
TYR CE1  C Y N 356 
TYR CE2  C Y N 357 
TYR CZ   C Y N 358 
TYR OH   O N N 359 
TYR OXT  O N N 360 
TYR H    H N N 361 
TYR H2   H N N 362 
TYR HA   H N N 363 
TYR HB2  H N N 364 
TYR HB3  H N N 365 
TYR HD1  H N N 366 
TYR HD2  H N N 367 
TYR HE1  H N N 368 
TYR HE2  H N N 369 
TYR HH   H N N 370 
TYR HXT  H N N 371 
VAL N    N N N 372 
VAL CA   C N S 373 
VAL C    C N N 374 
VAL O    O N N 375 
VAL CB   C N N 376 
VAL CG1  C N N 377 
VAL CG2  C N N 378 
VAL OXT  O N N 379 
VAL H    H N N 380 
VAL H2   H N N 381 
VAL HA   H N N 382 
VAL HB   H N N 383 
VAL HG11 H N N 384 
VAL HG12 H N N 385 
VAL HG13 H N N 386 
VAL HG21 H N N 387 
VAL HG22 H N N 388 
VAL HG23 H N N 389 
VAL HXT  H N N 390 
# 
loop_
_chem_comp_bond.comp_id 
_chem_comp_bond.atom_id_1 
_chem_comp_bond.atom_id_2 
_chem_comp_bond.value_order 
_chem_comp_bond.pdbx_aromatic_flag 
_chem_comp_bond.pdbx_stereo_config 
_chem_comp_bond.pdbx_ordinal 
ALA N   CA   sing N N 1   
ALA N   H    sing N N 2   
ALA N   H2   sing N N 3   
ALA CA  C    sing N N 4   
ALA CA  CB   sing N N 5   
ALA CA  HA   sing N N 6   
ALA C   O    doub N N 7   
ALA C   OXT  sing N N 8   
ALA CB  HB1  sing N N 9   
ALA CB  HB2  sing N N 10  
ALA CB  HB3  sing N N 11  
ALA OXT HXT  sing N N 12  
ARG N   CA   sing N N 13  
ARG N   H    sing N N 14  
ARG N   H2   sing N N 15  
ARG CA  C    sing N N 16  
ARG CA  CB   sing N N 17  
ARG CA  HA   sing N N 18  
ARG C   O    doub N N 19  
ARG C   OXT  sing N N 20  
ARG CB  CG   sing N N 21  
ARG CB  HB2  sing N N 22  
ARG CB  HB3  sing N N 23  
ARG CG  CD   sing N N 24  
ARG CG  HG2  sing N N 25  
ARG CG  HG3  sing N N 26  
ARG CD  NE   sing N N 27  
ARG CD  HD2  sing N N 28  
ARG CD  HD3  sing N N 29  
ARG NE  CZ   sing N N 30  
ARG NE  HE   sing N N 31  
ARG CZ  NH1  sing N N 32  
ARG CZ  NH2  doub N N 33  
ARG NH1 HH11 sing N N 34  
ARG NH1 HH12 sing N N 35  
ARG NH2 HH21 sing N N 36  
ARG NH2 HH22 sing N N 37  
ARG OXT HXT  sing N N 38  
ASN N   CA   sing N N 39  
ASN N   H    sing N N 40  
ASN N   H2   sing N N 41  
ASN CA  C    sing N N 42  
ASN CA  CB   sing N N 43  
ASN CA  HA   sing N N 44  
ASN C   O    doub N N 45  
ASN C   OXT  sing N N 46  
ASN CB  CG   sing N N 47  
ASN CB  HB2  sing N N 48  
ASN CB  HB3  sing N N 49  
ASN CG  OD1  doub N N 50  
ASN CG  ND2  sing N N 51  
ASN ND2 HD21 sing N N 52  
ASN ND2 HD22 sing N N 53  
ASN OXT HXT  sing N N 54  
ASP N   CA   sing N N 55  
ASP N   H    sing N N 56  
ASP N   H2   sing N N 57  
ASP CA  C    sing N N 58  
ASP CA  CB   sing N N 59  
ASP CA  HA   sing N N 60  
ASP C   O    doub N N 61  
ASP C   OXT  sing N N 62  
ASP CB  CG   sing N N 63  
ASP CB  HB2  sing N N 64  
ASP CB  HB3  sing N N 65  
ASP CG  OD1  doub N N 66  
ASP CG  OD2  sing N N 67  
ASP OD2 HD2  sing N N 68  
ASP OXT HXT  sing N N 69  
CYS N   CA   sing N N 70  
CYS N   H    sing N N 71  
CYS N   H2   sing N N 72  
CYS CA  C    sing N N 73  
CYS CA  CB   sing N N 74  
CYS CA  HA   sing N N 75  
CYS C   O    doub N N 76  
CYS C   OXT  sing N N 77  
CYS CB  SG   sing N N 78  
CYS CB  HB2  sing N N 79  
CYS CB  HB3  sing N N 80  
CYS SG  HG   sing N N 81  
CYS OXT HXT  sing N N 82  
GLN N   CA   sing N N 83  
GLN N   H    sing N N 84  
GLN N   H2   sing N N 85  
GLN CA  C    sing N N 86  
GLN CA  CB   sing N N 87  
GLN CA  HA   sing N N 88  
GLN C   O    doub N N 89  
GLN C   OXT  sing N N 90  
GLN CB  CG   sing N N 91  
GLN CB  HB2  sing N N 92  
GLN CB  HB3  sing N N 93  
GLN CG  CD   sing N N 94  
GLN CG  HG2  sing N N 95  
GLN CG  HG3  sing N N 96  
GLN CD  OE1  doub N N 97  
GLN CD  NE2  sing N N 98  
GLN NE2 HE21 sing N N 99  
GLN NE2 HE22 sing N N 100 
GLN OXT HXT  sing N N 101 
GLU N   CA   sing N N 102 
GLU N   H    sing N N 103 
GLU N   H2   sing N N 104 
GLU CA  C    sing N N 105 
GLU CA  CB   sing N N 106 
GLU CA  HA   sing N N 107 
GLU C   O    doub N N 108 
GLU C   OXT  sing N N 109 
GLU CB  CG   sing N N 110 
GLU CB  HB2  sing N N 111 
GLU CB  HB3  sing N N 112 
GLU CG  CD   sing N N 113 
GLU CG  HG2  sing N N 114 
GLU CG  HG3  sing N N 115 
GLU CD  OE1  doub N N 116 
GLU CD  OE2  sing N N 117 
GLU OE2 HE2  sing N N 118 
GLU OXT HXT  sing N N 119 
GLY N   CA   sing N N 120 
GLY N   H    sing N N 121 
GLY N   H2   sing N N 122 
GLY CA  C    sing N N 123 
GLY CA  HA2  sing N N 124 
GLY CA  HA3  sing N N 125 
GLY C   O    doub N N 126 
GLY C   OXT  sing N N 127 
GLY OXT HXT  sing N N 128 
HIS N   CA   sing N N 129 
HIS N   H    sing N N 130 
HIS N   H2   sing N N 131 
HIS CA  C    sing N N 132 
HIS CA  CB   sing N N 133 
HIS CA  HA   sing N N 134 
HIS C   O    doub N N 135 
HIS C   OXT  sing N N 136 
HIS CB  CG   sing N N 137 
HIS CB  HB2  sing N N 138 
HIS CB  HB3  sing N N 139 
HIS CG  ND1  sing Y N 140 
HIS CG  CD2  doub Y N 141 
HIS ND1 CE1  doub Y N 142 
HIS ND1 HD1  sing N N 143 
HIS CD2 NE2  sing Y N 144 
HIS CD2 HD2  sing N N 145 
HIS CE1 NE2  sing Y N 146 
HIS CE1 HE1  sing N N 147 
HIS NE2 HE2  sing N N 148 
HIS OXT HXT  sing N N 149 
HOH O   H1   sing N N 150 
HOH O   H2   sing N N 151 
ILE N   CA   sing N N 152 
ILE N   H    sing N N 153 
ILE N   H2   sing N N 154 
ILE CA  C    sing N N 155 
ILE CA  CB   sing N N 156 
ILE CA  HA   sing N N 157 
ILE C   O    doub N N 158 
ILE C   OXT  sing N N 159 
ILE CB  CG1  sing N N 160 
ILE CB  CG2  sing N N 161 
ILE CB  HB   sing N N 162 
ILE CG1 CD1  sing N N 163 
ILE CG1 HG12 sing N N 164 
ILE CG1 HG13 sing N N 165 
ILE CG2 HG21 sing N N 166 
ILE CG2 HG22 sing N N 167 
ILE CG2 HG23 sing N N 168 
ILE CD1 HD11 sing N N 169 
ILE CD1 HD12 sing N N 170 
ILE CD1 HD13 sing N N 171 
ILE OXT HXT  sing N N 172 
LEU N   CA   sing N N 173 
LEU N   H    sing N N 174 
LEU N   H2   sing N N 175 
LEU CA  C    sing N N 176 
LEU CA  CB   sing N N 177 
LEU CA  HA   sing N N 178 
LEU C   O    doub N N 179 
LEU C   OXT  sing N N 180 
LEU CB  CG   sing N N 181 
LEU CB  HB2  sing N N 182 
LEU CB  HB3  sing N N 183 
LEU CG  CD1  sing N N 184 
LEU CG  CD2  sing N N 185 
LEU CG  HG   sing N N 186 
LEU CD1 HD11 sing N N 187 
LEU CD1 HD12 sing N N 188 
LEU CD1 HD13 sing N N 189 
LEU CD2 HD21 sing N N 190 
LEU CD2 HD22 sing N N 191 
LEU CD2 HD23 sing N N 192 
LEU OXT HXT  sing N N 193 
LYS N   CA   sing N N 194 
LYS N   H    sing N N 195 
LYS N   H2   sing N N 196 
LYS CA  C    sing N N 197 
LYS CA  CB   sing N N 198 
LYS CA  HA   sing N N 199 
LYS C   O    doub N N 200 
LYS C   OXT  sing N N 201 
LYS CB  CG   sing N N 202 
LYS CB  HB2  sing N N 203 
LYS CB  HB3  sing N N 204 
LYS CG  CD   sing N N 205 
LYS CG  HG2  sing N N 206 
LYS CG  HG3  sing N N 207 
LYS CD  CE   sing N N 208 
LYS CD  HD2  sing N N 209 
LYS CD  HD3  sing N N 210 
LYS CE  NZ   sing N N 211 
LYS CE  HE2  sing N N 212 
LYS CE  HE3  sing N N 213 
LYS NZ  HZ1  sing N N 214 
LYS NZ  HZ2  sing N N 215 
LYS NZ  HZ3  sing N N 216 
LYS OXT HXT  sing N N 217 
MET N   CA   sing N N 218 
MET N   H    sing N N 219 
MET N   H2   sing N N 220 
MET CA  C    sing N N 221 
MET CA  CB   sing N N 222 
MET CA  HA   sing N N 223 
MET C   O    doub N N 224 
MET C   OXT  sing N N 225 
MET CB  CG   sing N N 226 
MET CB  HB2  sing N N 227 
MET CB  HB3  sing N N 228 
MET CG  SD   sing N N 229 
MET CG  HG2  sing N N 230 
MET CG  HG3  sing N N 231 
MET SD  CE   sing N N 232 
MET CE  HE1  sing N N 233 
MET CE  HE2  sing N N 234 
MET CE  HE3  sing N N 235 
MET OXT HXT  sing N N 236 
PHE N   CA   sing N N 237 
PHE N   H    sing N N 238 
PHE N   H2   sing N N 239 
PHE CA  C    sing N N 240 
PHE CA  CB   sing N N 241 
PHE CA  HA   sing N N 242 
PHE C   O    doub N N 243 
PHE C   OXT  sing N N 244 
PHE CB  CG   sing N N 245 
PHE CB  HB2  sing N N 246 
PHE CB  HB3  sing N N 247 
PHE CG  CD1  doub Y N 248 
PHE CG  CD2  sing Y N 249 
PHE CD1 CE1  sing Y N 250 
PHE CD1 HD1  sing N N 251 
PHE CD2 CE2  doub Y N 252 
PHE CD2 HD2  sing N N 253 
PHE CE1 CZ   doub Y N 254 
PHE CE1 HE1  sing N N 255 
PHE CE2 CZ   sing Y N 256 
PHE CE2 HE2  sing N N 257 
PHE CZ  HZ   sing N N 258 
PHE OXT HXT  sing N N 259 
PRO N   CA   sing N N 260 
PRO N   CD   sing N N 261 
PRO N   H    sing N N 262 
PRO CA  C    sing N N 263 
PRO CA  CB   sing N N 264 
PRO CA  HA   sing N N 265 
PRO C   O    doub N N 266 
PRO C   OXT  sing N N 267 
PRO CB  CG   sing N N 268 
PRO CB  HB2  sing N N 269 
PRO CB  HB3  sing N N 270 
PRO CG  CD   sing N N 271 
PRO CG  HG2  sing N N 272 
PRO CG  HG3  sing N N 273 
PRO CD  HD2  sing N N 274 
PRO CD  HD3  sing N N 275 
PRO OXT HXT  sing N N 276 
SER N   CA   sing N N 277 
SER N   H    sing N N 278 
SER N   H2   sing N N 279 
SER CA  C    sing N N 280 
SER CA  CB   sing N N 281 
SER CA  HA   sing N N 282 
SER C   O    doub N N 283 
SER C   OXT  sing N N 284 
SER CB  OG   sing N N 285 
SER CB  HB2  sing N N 286 
SER CB  HB3  sing N N 287 
SER OG  HG   sing N N 288 
SER OXT HXT  sing N N 289 
THR N   CA   sing N N 290 
THR N   H    sing N N 291 
THR N   H2   sing N N 292 
THR CA  C    sing N N 293 
THR CA  CB   sing N N 294 
THR CA  HA   sing N N 295 
THR C   O    doub N N 296 
THR C   OXT  sing N N 297 
THR CB  OG1  sing N N 298 
THR CB  CG2  sing N N 299 
THR CB  HB   sing N N 300 
THR OG1 HG1  sing N N 301 
THR CG2 HG21 sing N N 302 
THR CG2 HG22 sing N N 303 
THR CG2 HG23 sing N N 304 
THR OXT HXT  sing N N 305 
TRP N   CA   sing N N 306 
TRP N   H    sing N N 307 
TRP N   H2   sing N N 308 
TRP CA  C    sing N N 309 
TRP CA  CB   sing N N 310 
TRP CA  HA   sing N N 311 
TRP C   O    doub N N 312 
TRP C   OXT  sing N N 313 
TRP CB  CG   sing N N 314 
TRP CB  HB2  sing N N 315 
TRP CB  HB3  sing N N 316 
TRP CG  CD1  doub Y N 317 
TRP CG  CD2  sing Y N 318 
TRP CD1 NE1  sing Y N 319 
TRP CD1 HD1  sing N N 320 
TRP CD2 CE2  doub Y N 321 
TRP CD2 CE3  sing Y N 322 
TRP NE1 CE2  sing Y N 323 
TRP NE1 HE1  sing N N 324 
TRP CE2 CZ2  sing Y N 325 
TRP CE3 CZ3  doub Y N 326 
TRP CE3 HE3  sing N N 327 
TRP CZ2 CH2  doub Y N 328 
TRP CZ2 HZ2  sing N N 329 
TRP CZ3 CH2  sing Y N 330 
TRP CZ3 HZ3  sing N N 331 
TRP CH2 HH2  sing N N 332 
TRP OXT HXT  sing N N 333 
TYR N   CA   sing N N 334 
TYR N   H    sing N N 335 
TYR N   H2   sing N N 336 
TYR CA  C    sing N N 337 
TYR CA  CB   sing N N 338 
TYR CA  HA   sing N N 339 
TYR C   O    doub N N 340 
TYR C   OXT  sing N N 341 
TYR CB  CG   sing N N 342 
TYR CB  HB2  sing N N 343 
TYR CB  HB3  sing N N 344 
TYR CG  CD1  doub Y N 345 
TYR CG  CD2  sing Y N 346 
TYR CD1 CE1  sing Y N 347 
TYR CD1 HD1  sing N N 348 
TYR CD2 CE2  doub Y N 349 
TYR CD2 HD2  sing N N 350 
TYR CE1 CZ   doub Y N 351 
TYR CE1 HE1  sing N N 352 
TYR CE2 CZ   sing Y N 353 
TYR CE2 HE2  sing N N 354 
TYR CZ  OH   sing N N 355 
TYR OH  HH   sing N N 356 
TYR OXT HXT  sing N N 357 
VAL N   CA   sing N N 358 
VAL N   H    sing N N 359 
VAL N   H2   sing N N 360 
VAL CA  C    sing N N 361 
VAL CA  CB   sing N N 362 
VAL CA  HA   sing N N 363 
VAL C   O    doub N N 364 
VAL C   OXT  sing N N 365 
VAL CB  CG1  sing N N 366 
VAL CB  CG2  sing N N 367 
VAL CB  HB   sing N N 368 
VAL CG1 HG11 sing N N 369 
VAL CG1 HG12 sing N N 370 
VAL CG1 HG13 sing N N 371 
VAL CG2 HG21 sing N N 372 
VAL CG2 HG22 sing N N 373 
VAL CG2 HG23 sing N N 374 
VAL OXT HXT  sing N N 375 
# 
_pdbx_audit_support.funding_organization   'Not funded' 
_pdbx_audit_support.country                ? 
_pdbx_audit_support.grant_number           ? 
_pdbx_audit_support.ordinal                1 
# 
_pdbx_initial_refinement_model.id               1 
_pdbx_initial_refinement_model.entity_id_list   ? 
_pdbx_initial_refinement_model.type             'in silico model' 
_pdbx_initial_refinement_model.source_name      AlphaFold 
_pdbx_initial_refinement_model.accession_code   ? 
_pdbx_initial_refinement_model.details          ? 
# 
_atom_sites.entry_id                    9JRS 
_atom_sites.Cartn_transf_matrix[1][1]   ? 
_atom_sites.Cartn_transf_matrix[1][2]   ? 
_atom_sites.Cartn_transf_matrix[1][3]   ? 
_atom_sites.Cartn_transf_matrix[2][1]   ? 
_atom_sites.Cartn_transf_matrix[2][2]   ? 
_atom_sites.Cartn_transf_matrix[2][3]   ? 
_atom_sites.Cartn_transf_matrix[3][1]   ? 
_atom_sites.Cartn_transf_matrix[3][2]   ? 
_atom_sites.Cartn_transf_matrix[3][3]   ? 
_atom_sites.Cartn_transf_vector[1]      ? 
_atom_sites.Cartn_transf_vector[2]      ? 
_atom_sites.Cartn_transf_vector[3]      ? 
_atom_sites.Cartn_transform_axes        ? 
_atom_sites.fract_transf_matrix[1][1]   -0.00818931 
_atom_sites.fract_transf_matrix[1][2]   -0.00345937 
_atom_sites.fract_transf_matrix[1][3]   0.00630697 
_atom_sites.fract_transf_matrix[2][1]   0.00698258 
_atom_sites.fract_transf_matrix[2][2]   -0.00611967 
_atom_sites.fract_transf_matrix[2][3]   0.00570992 
_atom_sites.fract_transf_matrix[3][1]   0.00172880 
_atom_sites.fract_transf_matrix[3][2]   0.00833021 
_atom_sites.fract_transf_matrix[3][3]   0.00681388 
_atom_sites.fract_transf_vector[1]      0.319939 
_atom_sites.fract_transf_vector[2]      0.240345 
_atom_sites.fract_transf_vector[3]      0.011982 
_atom_sites.solution_primary            ? 
_atom_sites.solution_secondary          ? 
_atom_sites.solution_hydrogens          ? 
_atom_sites.special_details             ? 
# 
loop_
_atom_type.symbol 
C 
N 
O 
S 
# 
loop_
_atom_site.group_PDB 
_atom_site.id 
_atom_site.type_symbol 
_atom_site.label_atom_id 
_atom_site.label_alt_id 
_atom_site.label_comp_id 
_atom_site.label_asym_id 
_atom_site.label_entity_id 
_atom_site.label_seq_id 
_atom_site.pdbx_PDB_ins_code 
_atom_site.Cartn_x 
_atom_site.Cartn_y 
_atom_site.Cartn_z 
_atom_site.occupancy 
_atom_site.B_iso_or_equiv 
_atom_site.pdbx_formal_charge 
_atom_site.auth_seq_id 
_atom_site.auth_comp_id 
_atom_site.auth_asym_id 
_atom_site.auth_atom_id 
_atom_site.pdbx_PDB_model_num 
ATOM   1    N N   . GLN A 1 1   ? 6.951   1.626   -17.814 1.00 41.99 ? 1   GLN A N   1 
ATOM   2    C CA  . GLN A 1 1   ? 7.246   1.337   -16.414 1.00 36.22 ? 1   GLN A CA  1 
ATOM   3    C C   . GLN A 1 1   ? 7.043   2.576   -15.549 1.00 34.31 ? 1   GLN A C   1 
ATOM   4    O O   . GLN A 1 1   ? 7.019   3.700   -16.051 1.00 38.05 ? 1   GLN A O   1 
ATOM   5    C CB  . GLN A 1 1   ? 8.667   0.786   -16.258 1.00 36.13 ? 1   GLN A CB  1 
ATOM   6    C CG  . GLN A 1 1   ? 8.959   -0.389  -17.188 1.00 38.43 ? 1   GLN A CG  1 
ATOM   7    C CD  . GLN A 1 1   ? 10.188  -1.185  -16.786 1.00 40.22 ? 1   GLN A CD  1 
ATOM   8    O OE1 . GLN A 1 1   ? 11.077  -0.678  -16.099 1.00 39.21 ? 1   GLN A OE1 1 
ATOM   9    N NE2 . GLN A 1 1   ? 10.235  -2.449  -17.207 1.00 34.90 ? 1   GLN A NE2 1 
ATOM   10   N N   . VAL A 1 2   ? 6.883   2.362   -14.248 1.00 31.87 ? 2   VAL A N   1 
ATOM   11   C CA  . VAL A 1 2   ? 6.633   3.432   -13.293 1.00 27.34 ? 2   VAL A CA  1 
ATOM   12   C C   . VAL A 1 2   ? 7.626   3.276   -12.146 1.00 24.83 ? 2   VAL A C   1 
ATOM   13   O O   . VAL A 1 2   ? 8.001   2.152   -11.792 1.00 28.65 ? 2   VAL A O   1 
ATOM   14   C CB  . VAL A 1 2   ? 5.160   3.401   -12.808 1.00 27.84 ? 2   VAL A CB  1 
ATOM   15   C CG1 . VAL A 1 2   ? 4.794   2.045   -12.173 1.00 27.23 ? 2   VAL A CG1 1 
ATOM   16   C CG2 . VAL A 1 2   ? 4.859   4.538   -11.853 1.00 30.61 ? 2   VAL A CG2 1 
ATOM   17   N N   . LYS A 1 3   ? 8.087   4.403   -11.593 1.00 25.89 ? 3   LYS A N   1 
ATOM   18   C CA  . LYS A 1 3   ? 8.946   4.411   -10.412 1.00 24.87 ? 3   LYS A CA  1 
ATOM   19   C C   . LYS A 1 3   ? 8.126   4.856   -9.207  1.00 24.85 ? 3   LYS A C   1 
ATOM   20   O O   . LYS A 1 3   ? 7.350   5.812   -9.291  1.00 25.66 ? 3   LYS A O   1 
ATOM   21   C CB  . LYS A 1 3   ? 10.147  5.343   -10.601 1.00 28.35 ? 3   LYS A CB  1 
ATOM   22   C CG  . LYS A 1 3   ? 11.032  4.960   -11.775 1.00 32.61 ? 3   LYS A CG  1 
ATOM   23   C CD  . LYS A 1 3   ? 12.513  5.163   -11.460 1.00 38.90 ? 3   LYS A CD  1 
ATOM   24   C CE  . LYS A 1 3   ? 13.394  4.630   -12.586 1.00 40.65 ? 3   LYS A CE  1 
ATOM   25   N NZ  . LYS A 1 3   ? 13.468  5.563   -13.743 1.00 44.87 ? 3   LYS A NZ  1 
ATOM   26   N N   . LEU A 1 4   ? 8.292   4.150   -8.092  1.00 22.89 ? 4   LEU A N   1 
ATOM   27   C CA  . LEU A 1 4   ? 7.454   4.345   -6.913  1.00 22.66 ? 4   LEU A CA  1 
ATOM   28   C C   . LEU A 1 4   ? 8.309   4.750   -5.723  1.00 21.18 ? 4   LEU A C   1 
ATOM   29   O O   . LEU A 1 4   ? 9.313   4.099   -5.436  1.00 21.92 ? 4   LEU A O   1 
ATOM   30   C CB  . LEU A 1 4   ? 6.738   3.035   -6.580  1.00 21.96 ? 4   LEU A CB  1 
ATOM   31   C CG  . LEU A 1 4   ? 5.873   2.456   -7.694  1.00 22.78 ? 4   LEU A CG  1 
ATOM   32   C CD1 . LEU A 1 4   ? 5.378   1.056   -7.314  1.00 21.20 ? 4   LEU A CD1 1 
ATOM   33   C CD2 . LEU A 1 4   ? 4.717   3.372   -8.002  1.00 23.81 ? 4   LEU A CD2 1 
ATOM   34   N N   . VAL A 1 5   ? 7.885   5.786   -5.003  1.00 21.55 ? 5   VAL A N   1 
ATOM   35   C CA  . VAL A 1 5   ? 8.608   6.285   -3.828  1.00 23.29 ? 5   VAL A CA  1 
ATOM   36   C C   . VAL A 1 5   ? 7.603   6.489   -2.702  1.00 22.75 ? 5   VAL A C   1 
ATOM   37   O O   . VAL A 1 5   ? 6.755   7.388   -2.781  1.00 24.64 ? 5   VAL A O   1 
ATOM   38   C CB  . VAL A 1 5   ? 9.350   7.602   -4.102  1.00 24.47 ? 5   VAL A CB  1 
ATOM   39   C CG1 . VAL A 1 5   ? 9.983   8.106   -2.808  1.00 25.20 ? 5   VAL A CG1 1 
ATOM   40   C CG2 . VAL A 1 5   ? 10.403  7.429   -5.166  1.00 23.15 ? 5   VAL A CG2 1 
ATOM   41   N N   . GLU A 1 6   ? 7.720   5.693   -1.636  1.00 22.42 ? 6   GLU A N   1 
ATOM   42   C CA  . GLU A 1 6   ? 6.813   5.815   -0.498  1.00 21.15 ? 6   GLU A CA  1 
ATOM   43   C C   . GLU A 1 6   ? 7.312   6.856   0.493   1.00 23.32 ? 6   GLU A C   1 
ATOM   44   O O   . GLU A 1 6   ? 8.518   7.083   0.628   1.00 24.85 ? 6   GLU A O   1 
ATOM   45   C CB  . GLU A 1 6   ? 6.660   4.474   0.227   1.00 23.42 ? 6   GLU A CB  1 
ATOM   46   C CG  . GLU A 1 6   ? 6.213   3.343   -0.667  1.00 22.51 ? 6   GLU A CG  1 
ATOM   47   C CD  . GLU A 1 6   ? 7.372   2.485   -1.094  1.00 24.14 ? 6   GLU A CD  1 
ATOM   48   O OE1 . GLU A 1 6   ? 8.475   3.035   -1.266  1.00 25.26 ? 6   GLU A OE1 1 
ATOM   49   O OE2 . GLU A 1 6   ? 7.194   1.258   -1.232  1.00 23.87 ? 6   GLU A OE2 1 
ATOM   50   N N   . SER A 1 7   ? 6.365   7.490   1.184   1.00 20.00 ? 7   SER A N   1 
ATOM   51   C CA  . SER A 1 7   ? 6.680   8.434   2.249   1.00 21.69 ? 7   SER A CA  1 
ATOM   52   C C   . SER A 1 7   ? 5.675   8.263   3.375   1.00 20.78 ? 7   SER A C   1 
ATOM   53   O O   . SER A 1 7   ? 4.613   7.660   3.199   1.00 20.93 ? 7   SER A O   1 
ATOM   54   C CB  . SER A 1 7   ? 6.632   9.888   1.755   1.00 24.45 ? 7   SER A CB  1 
ATOM   55   O OG  . SER A 1 7   ? 7.678   10.142  0.842   1.00 28.88 ? 7   SER A OG  1 
ATOM   56   N N   . GLY A 1 8   ? 6.008   8.825   4.537   1.00 18.90 ? 8   GLY A N   1 
ATOM   57   C CA  . GLY A 1 8   ? 5.078   8.909   5.643   1.00 20.13 ? 8   GLY A CA  1 
ATOM   58   C C   . GLY A 1 8   ? 5.387   7.999   6.812   1.00 18.54 ? 8   GLY A C   1 
ATOM   59   O O   . GLY A 1 8   ? 4.722   8.122   7.852   1.00 20.26 ? 8   GLY A O   1 
ATOM   60   N N   . GLY A 1 9   ? 6.369   7.107   6.693   1.00 17.84 ? 9   GLY A N   1 
ATOM   61   C CA  . GLY A 1 9   ? 6.686   6.219   7.797   1.00 18.70 ? 9   GLY A CA  1 
ATOM   62   C C   . GLY A 1 9   ? 7.128   6.973   9.040   1.00 18.47 ? 9   GLY A C   1 
ATOM   63   O O   . GLY A 1 9   ? 7.682   8.072   8.976   1.00 19.18 ? 9   GLY A O   1 
ATOM   64   N N   . GLY A 1 10  ? 6.846   6.380   10.189  1.00 17.47 ? 10  GLY A N   1 
ATOM   65   C CA  . GLY A 1 10  ? 7.194   7.009   11.448  1.00 22.58 ? 10  GLY A CA  1 
ATOM   66   C C   . GLY A 1 10  ? 6.550   6.265   12.596  1.00 20.31 ? 10  GLY A C   1 
ATOM   67   O O   . GLY A 1 10  ? 6.153   5.103   12.459  1.00 19.80 ? 10  GLY A O   1 
ATOM   68   N N   . SER A 1 11  ? 6.465   6.946   13.726  1.00 19.92 ? 11  SER A N   1 
ATOM   69   C CA  . SER A 1 11  ? 5.947   6.341   14.942  1.00 19.51 ? 11  SER A CA  1 
ATOM   70   C C   . SER A 1 11  ? 4.526   6.817   15.210  1.00 20.41 ? 11  SER A C   1 
ATOM   71   O O   . SER A 1 11  ? 4.119   7.899   14.784  1.00 19.51 ? 11  SER A O   1 
ATOM   72   C CB  . SER A 1 11  ? 6.865   6.664   16.123  1.00 21.28 ? 11  SER A CB  1 
ATOM   73   O OG  . SER A 1 11  ? 6.966   8.058   16.349  1.00 22.01 ? 11  SER A OG  1 
ATOM   74   N N   . VAL A 1 12  ? 3.767   5.980   15.918  1.00 19.24 ? 12  VAL A N   1 
ATOM   75   C CA  . VAL A 1 12  ? 2.381   6.275   16.263  1.00 21.32 ? 12  VAL A CA  1 
ATOM   76   C C   . VAL A 1 12  ? 2.037   5.481   17.513  1.00 23.77 ? 12  VAL A C   1 
ATOM   77   O O   . VAL A 1 12  ? 2.483   4.342   17.679  1.00 24.87 ? 12  VAL A O   1 
ATOM   78   C CB  . VAL A 1 12  ? 1.439   5.943   15.074  1.00 23.27 ? 12  VAL A CB  1 
ATOM   79   C CG1 . VAL A 1 12  ? 1.577   4.476   14.656  1.00 26.27 ? 12  VAL A CG1 1 
ATOM   80   C CG2 . VAL A 1 12  ? -0.017  6.293   15.385  1.00 24.37 ? 12  VAL A CG2 1 
ATOM   81   N N   . GLN A 1 13  ? 1.269   6.098   18.409  1.00 21.71 ? 13  GLN A N   1 
ATOM   82   C CA  . GLN A 1 13  ? 0.784   5.384   19.584  1.00 25.18 ? 13  GLN A CA  1 
ATOM   83   C C   . GLN A 1 13  ? -0.363  4.465   19.193  1.00 22.59 ? 13  GLN A C   1 
ATOM   84   O O   . GLN A 1 13  ? -1.144  4.763   18.288  1.00 24.37 ? 13  GLN A O   1 
ATOM   85   C CB  . GLN A 1 13  ? 0.277   6.377   20.628  1.00 24.39 ? 13  GLN A CB  1 
ATOM   86   C CG  . GLN A 1 13  ? -0.171  5.735   21.941  1.00 28.64 ? 13  GLN A CG  1 
ATOM   87   C CD  . GLN A 1 13  ? -0.365  6.756   23.041  1.00 31.63 ? 13  GLN A CD  1 
ATOM   88   O OE1 . GLN A 1 13  ? -1.457  7.306   23.208  1.00 27.75 ? 13  GLN A OE1 1 
ATOM   89   N NE2 . GLN A 1 13  ? 0.702   7.023   23.796  1.00 34.98 ? 13  GLN A NE2 1 
ATOM   90   N N   . ALA A 1 14  ? -0.451  3.331   19.889  1.00 23.87 ? 14  ALA A N   1 
ATOM   91   C CA  . ALA A 1 14  ? -1.593  2.445   19.737  1.00 22.33 ? 14  ALA A CA  1 
ATOM   92   C C   . ALA A 1 14  ? -2.898  3.222   19.862  1.00 23.03 ? 14  ALA A C   1 
ATOM   93   O O   . ALA A 1 14  ? -3.069  4.050   20.764  1.00 26.40 ? 14  ALA A O   1 
ATOM   94   C CB  . ALA A 1 14  ? -1.529  1.346   20.798  1.00 25.49 ? 14  ALA A CB  1 
ATOM   95   N N   . GLY A 1 15  ? -3.815  2.965   18.937  1.00 23.33 ? 15  GLY A N   1 
ATOM   96   C CA  . GLY A 1 15  ? -5.051  3.706   18.849  1.00 23.96 ? 15  GLY A CA  1 
ATOM   97   C C   . GLY A 1 15  ? -5.001  4.920   17.944  1.00 23.46 ? 15  GLY A C   1 
ATOM   98   O O   . GLY A 1 15  ? -6.061  5.475   17.631  1.00 24.89 ? 15  GLY A O   1 
ATOM   99   N N   . GLY A 1 16  ? -3.817  5.327   17.488  1.00 24.09 ? 16  GLY A N   1 
ATOM   100  C CA  . GLY A 1 16  ? -3.669  6.515   16.676  1.00 22.74 ? 16  GLY A CA  1 
ATOM   101  C C   . GLY A 1 16  ? -3.858  6.240   15.194  1.00 24.25 ? 16  GLY A C   1 
ATOM   102  O O   . GLY A 1 16  ? -4.309  5.172   14.772  1.00 24.44 ? 16  GLY A O   1 
ATOM   103  N N   . SER A 1 17  ? -3.485  7.236   14.400  1.00 21.43 ? 17  SER A N   1 
ATOM   104  C CA  . SER A 1 17  ? -3.616  7.200   12.954  1.00 22.18 ? 17  SER A CA  1 
ATOM   105  C C   . SER A 1 17  ? -2.291  7.567   12.309  1.00 21.50 ? 17  SER A C   1 
ATOM   106  O O   . SER A 1 17  ? -1.494  8.334   12.861  1.00 21.24 ? 17  SER A O   1 
ATOM   107  C CB  . SER A 1 17  ? -4.696  8.180   12.484  1.00 22.19 ? 17  SER A CB  1 
ATOM   108  O OG  . SER A 1 17  ? -5.972  7.778   12.968  1.00 24.58 ? 17  SER A OG  1 
ATOM   109  N N   . LEU A 1 18  ? -2.063  7.017   11.118  1.00 21.60 ? 18  LEU A N   1 
ATOM   110  C CA  . LEU A 1 18  ? -0.883  7.356   10.338  1.00 21.97 ? 18  LEU A CA  1 
ATOM   111  C C   . LEU A 1 18  ? -1.238  7.154   8.875   1.00 21.66 ? 18  LEU A C   1 
ATOM   112  O O   . LEU A 1 18  ? -1.955  6.206   8.536   1.00 21.35 ? 18  LEU A O   1 
ATOM   113  C CB  . LEU A 1 18  ? 0.307   6.482   10.742  1.00 22.08 ? 18  LEU A CB  1 
ATOM   114  C CG  . LEU A 1 18  ? 1.663   6.868   10.153  1.00 22.10 ? 18  LEU A CG  1 
ATOM   115  C CD1 . LEU A 1 18  ? 2.741   6.616   11.172  1.00 24.39 ? 18  LEU A CD1 1 
ATOM   116  C CD2 . LEU A 1 18  ? 1.940   6.063   8.903   1.00 23.55 ? 18  LEU A CD2 1 
ATOM   117  N N   . ARG A 1 19  ? -0.750  8.048   8.014   1.00 22.63 ? 19  ARG A N   1 
ATOM   118  C CA  . ARG A 1 19  ? -1.044  8.009   6.587   1.00 22.41 ? 19  ARG A CA  1 
ATOM   119  C C   . ARG A 1 19  ? 0.248   7.844   5.798   1.00 22.82 ? 19  ARG A C   1 
ATOM   120  O O   . ARG A 1 19  ? 1.212   8.592   5.996   1.00 22.47 ? 19  ARG A O   1 
ATOM   121  C CB  . ARG A 1 19  ? -1.789  9.271   6.124   1.00 24.45 ? 19  ARG A CB  1 
ATOM   122  C CG  . ARG A 1 19  ? -2.101  9.276   4.635   1.00 27.26 ? 19  ARG A CG  1 
ATOM   123  C CD  . ARG A 1 19  ? -2.787  10.573  4.170   1.00 34.48 ? 19  ARG A CD  1 
ATOM   124  N NE  . ARG A 1 19  ? -4.129  10.288  3.679   1.00 37.99 ? 19  ARG A NE  1 
ATOM   125  C CZ  . ARG A 1 19  ? -4.743  10.920  2.684   1.00 39.24 ? 19  ARG A CZ  1 
ATOM   126  N NH1 . ARG A 1 19  ? -4.159  11.907  2.021   1.00 36.03 ? 19  ARG A NH1 1 
ATOM   127  N NH2 . ARG A 1 19  ? -5.972  10.540  2.337   1.00 40.61 ? 19  ARG A NH2 1 
ATOM   128  N N   . LEU A 1 20  ? 0.274   6.850   4.921   1.00 21.92 ? 20  LEU A N   1 
ATOM   129  C CA  . LEU A 1 20  ? 1.387   6.663   4.011   1.00 20.69 ? 20  LEU A CA  1 
ATOM   130  C C   . LEU A 1 20  ? 0.981   7.131   2.625   1.00 21.32 ? 20  LEU A C   1 
ATOM   131  O O   . LEU A 1 20  ? -0.202  7.127   2.270   1.00 22.74 ? 20  LEU A O   1 
ATOM   132  C CB  . LEU A 1 20  ? 1.782   5.193   3.925   1.00 19.92 ? 20  LEU A CB  1 
ATOM   133  C CG  . LEU A 1 20  ? 2.180   4.505   5.224   1.00 17.92 ? 20  LEU A CG  1 
ATOM   134  C CD1 . LEU A 1 20  ? 2.533   3.068   4.947   1.00 23.02 ? 20  LEU A CD1 1 
ATOM   135  C CD2 . LEU A 1 20  ? 3.385   5.230   5.818   1.00 22.53 ? 20  LEU A CD2 1 
ATOM   136  N N   . SER A 1 21  ? 1.977   7.548   1.858   1.00 21.59 ? 21  SER A N   1 
ATOM   137  C CA  . SER A 1 21  ? 1.795   8.001   0.490   1.00 21.79 ? 21  SER A CA  1 
ATOM   138  C C   . SER A 1 21  ? 2.802   7.285   -0.391  1.00 24.90 ? 21  SER A C   1 
ATOM   139  O O   . SER A 1 21  ? 3.858   6.856   0.074   1.00 23.58 ? 21  SER A O   1 
ATOM   140  C CB  . SER A 1 21  ? 2.054   9.508   0.369   1.00 26.56 ? 21  SER A CB  1 
ATOM   141  O OG  . SER A 1 21  ? 1.191   10.261  1.202   1.00 35.49 ? 21  SER A OG  1 
ATOM   142  N N   . CYS A 1 22  ? 2.472   7.165   -1.674  1.00 25.16 ? 22  CYS A N   1 
ATOM   143  C CA  . CYS A 1 22  ? 3.433   6.687   -2.658  1.00 22.95 ? 22  CYS A CA  1 
ATOM   144  C C   . CYS A 1 22  ? 3.281   7.518   -3.915  1.00 25.36 ? 22  CYS A C   1 
ATOM   145  O O   . CYS A 1 22  ? 2.196   7.566   -4.505  1.00 26.01 ? 22  CYS A O   1 
ATOM   146  C CB  . CYS A 1 22  ? 3.227   5.217   -2.985  1.00 22.72 ? 22  CYS A CB  1 
ATOM   147  S SG  . CYS A 1 22  ? 4.485   4.617   -4.141  1.00 25.14 ? 22  CYS A SG  1 
ATOM   148  N N   . ALA A 1 23  ? 4.370   8.158   -4.324  1.00 25.26 ? 23  ALA A N   1 
ATOM   149  C CA  . ALA A 1 23  ? 4.396   8.963   -5.535  1.00 26.23 ? 23  ALA A CA  1 
ATOM   150  C C   . ALA A 1 23  ? 4.899   8.106   -6.686  1.00 26.46 ? 23  ALA A C   1 
ATOM   151  O O   . ALA A 1 23  ? 5.933   7.439   -6.569  1.00 26.48 ? 23  ALA A O   1 
ATOM   152  C CB  . ALA A 1 23  ? 5.321   10.163  -5.345  1.00 30.02 ? 23  ALA A CB  1 
ATOM   153  N N   . ALA A 1 24  ? 4.164   8.130   -7.791  1.00 25.16 ? 24  ALA A N   1 
ATOM   154  C CA  . ALA A 1 24  ? 4.454   7.307   -8.956  1.00 25.94 ? 24  ALA A CA  1 
ATOM   155  C C   . ALA A 1 24  ? 4.945   8.217   -10.071 1.00 29.09 ? 24  ALA A C   1 
ATOM   156  O O   . ALA A 1 24  ? 4.281   9.205   -10.403 1.00 34.81 ? 24  ALA A O   1 
ATOM   157  C CB  . ALA A 1 24  ? 3.186   6.586   -9.404  1.00 28.24 ? 24  ALA A CB  1 
ATOM   158  N N   . SER A 1 25  ? 6.109   7.900   -10.627 1.00 27.61 ? 25  SER A N   1 
ATOM   159  C CA  . SER A 1 25  ? 6.682   8.662   -11.731 1.00 28.38 ? 25  SER A CA  1 
ATOM   160  C C   . SER A 1 25  ? 6.555   7.848   -13.006 1.00 31.61 ? 25  SER A C   1 
ATOM   161  O O   . SER A 1 25  ? 6.922   6.669   -13.030 1.00 30.66 ? 25  SER A O   1 
ATOM   162  C CB  . SER A 1 25  ? 8.155   8.980   -11.462 1.00 31.31 ? 25  SER A CB  1 
ATOM   163  O OG  . SER A 1 25  ? 8.286   9.883   -10.374 1.00 40.48 ? 25  SER A OG  1 
ATOM   164  N N   . GLY A 1 26  ? 6.050   8.474   -14.056 1.00 34.56 ? 26  GLY A N   1 
ATOM   165  C CA  . GLY A 1 26  ? 5.853   7.794   -15.319 1.00 35.84 ? 26  GLY A CA  1 
ATOM   166  C C   . GLY A 1 26  ? 4.620   8.323   -16.022 1.00 39.81 ? 26  GLY A C   1 
ATOM   167  O O   . GLY A 1 26  ? 3.947   9.233   -15.541 1.00 42.90 ? 26  GLY A O   1 
ATOM   168  N N   . ASP A 1 27  ? 4.325   7.707   -17.168 1.00 39.15 ? 27  ASP A N   1 
ATOM   169  C CA  . ASP A 1 27  ? 3.348   8.261   -18.102 1.00 40.94 ? 27  ASP A CA  1 
ATOM   170  C C   . ASP A 1 27  ? 1.908   7.937   -17.713 1.00 42.89 ? 27  ASP A C   1 
ATOM   171  O O   . ASP A 1 27  ? 1.088   8.842   -17.515 1.00 46.47 ? 27  ASP A O   1 
ATOM   172  C CB  . ASP A 1 27  ? 3.632   7.747   -19.515 1.00 41.61 ? 27  ASP A CB  1 
ATOM   173  C CG  . ASP A 1 27  ? 4.921   8.289   -20.084 1.00 46.52 ? 27  ASP A CG  1 
ATOM   174  O OD1 . ASP A 1 27  ? 5.378   9.348   -19.602 1.00 48.09 ? 27  ASP A OD1 1 
ATOM   175  O OD2 . ASP A 1 27  ? 5.475   7.662   -21.012 1.00 49.56 ? 27  ASP A OD2 1 
ATOM   176  N N   . ALA A 1 28  ? 1.575   6.654   -17.635 1.00 38.65 ? 28  ALA A N   1 
ATOM   177  C CA  . ALA A 1 28  ? 0.185   6.208   -17.630 1.00 35.57 ? 28  ALA A CA  1 
ATOM   178  C C   . ALA A 1 28  ? -0.209  5.737   -16.231 1.00 34.47 ? 28  ALA A C   1 
ATOM   179  O O   . ALA A 1 28  ? -0.540  4.565   -16.005 1.00 30.78 ? 28  ALA A O   1 
ATOM   180  C CB  . ALA A 1 28  ? -0.008  5.123   -18.684 1.00 34.59 ? 28  ALA A CB  1 
ATOM   181  N N   . PHE A 1 29  ? -0.205  6.687   -15.290 1.00 31.45 ? 29  PHE A N   1 
ATOM   182  C CA  . PHE A 1 29  ? -0.553  6.391   -13.901 1.00 31.37 ? 29  PHE A CA  1 
ATOM   183  C C   . PHE A 1 29  ? -1.893  5.674   -13.793 1.00 30.07 ? 29  PHE A C   1 
ATOM   184  O O   . PHE A 1 29  ? -2.033  4.702   -13.038 1.00 28.21 ? 29  PHE A O   1 
ATOM   185  C CB  . PHE A 1 29  ? -0.582  7.696   -13.098 1.00 34.56 ? 29  PHE A CB  1 
ATOM   186  C CG  . PHE A 1 29  ? -1.105  7.550   -11.692 1.00 32.71 ? 29  PHE A CG  1 
ATOM   187  C CD1 . PHE A 1 29  ? -0.253  7.208   -10.652 1.00 34.18 ? 29  PHE A CD1 1 
ATOM   188  C CD2 . PHE A 1 29  ? -2.441  7.785   -11.401 1.00 33.03 ? 29  PHE A CD2 1 
ATOM   189  C CE1 . PHE A 1 29  ? -0.729  7.079   -9.353  1.00 31.36 ? 29  PHE A CE1 1 
ATOM   190  C CE2 . PHE A 1 29  ? -2.924  7.659   -10.104 1.00 33.61 ? 29  PHE A CE2 1 
ATOM   191  C CZ  . PHE A 1 29  ? -2.064  7.306   -9.079  1.00 33.31 ? 29  PHE A CZ  1 
ATOM   192  N N   . SER A 1 30  ? -2.897  6.146   -14.534 1.00 31.69 ? 30  SER A N   1 
ATOM   193  C CA  . SER A 1 30  ? -4.249  5.617   -14.403 1.00 29.25 ? 30  SER A CA  1 
ATOM   194  C C   . SER A 1 30  ? -4.380  4.186   -14.902 1.00 30.78 ? 30  SER A C   1 
ATOM   195  O O   . SER A 1 30  ? -5.437  3.579   -14.697 1.00 32.09 ? 30  SER A O   1 
ATOM   196  C CB  . SER A 1 30  ? -5.226  6.504   -15.175 1.00 31.92 ? 30  SER A CB  1 
ATOM   197  O OG  . SER A 1 30  ? -4.936  6.445   -16.561 1.00 39.80 ? 30  SER A OG  1 
ATOM   198  N N   . THR A 1 31  ? -3.354  3.636   -15.546 1.00 27.40 ? 31  THR A N   1 
ATOM   199  C CA  . THR A 1 31  ? -3.419  2.267   -16.039 1.00 27.08 ? 31  THR A CA  1 
ATOM   200  C C   . THR A 1 31  ? -2.934  1.235   -15.028 1.00 26.52 ? 31  THR A C   1 
ATOM   201  O O   . THR A 1 31  ? -3.024  0.035   -15.307 1.00 25.51 ? 31  THR A O   1 
ATOM   202  C CB  . THR A 1 31  ? -2.599  2.093   -17.327 1.00 30.52 ? 31  THR A CB  1 
ATOM   203  O OG1 . THR A 1 31  ? -1.201  2.227   -17.034 1.00 30.12 ? 31  THR A OG1 1 
ATOM   204  C CG2 . THR A 1 31  ? -3.005  3.117   -18.370 1.00 34.17 ? 31  THR A CG2 1 
ATOM   205  N N   . TYR A 1 32  ? -2.397  1.646   -13.882 1.00 23.12 ? 32  TYR A N   1 
ATOM   206  C CA  . TYR A 1 32  ? -1.770  0.696   -12.969 1.00 22.27 ? 32  TYR A CA  1 
ATOM   207  C C   . TYR A 1 32  ? -2.716  0.266   -11.858 1.00 22.69 ? 32  TYR A C   1 
ATOM   208  O O   . TYR A 1 32  ? -3.389  1.104   -11.239 1.00 22.97 ? 32  TYR A O   1 
ATOM   209  C CB  . TYR A 1 32  ? -0.491  1.263   -12.352 1.00 22.85 ? 32  TYR A CB  1 
ATOM   210  C CG  . TYR A 1 32  ? 0.652   1.358   -13.321 1.00 23.48 ? 32  TYR A CG  1 
ATOM   211  C CD1 . TYR A 1 32  ? 1.514   0.283   -13.515 1.00 22.51 ? 32  TYR A CD1 1 
ATOM   212  C CD2 . TYR A 1 32  ? 0.869   2.520   -14.045 1.00 26.50 ? 32  TYR A CD2 1 
ATOM   213  C CE1 . TYR A 1 32  ? 2.574   0.369   -14.416 1.00 25.04 ? 32  TYR A CE1 1 
ATOM   214  C CE2 . TYR A 1 32  ? 1.912   2.615   -14.945 1.00 27.92 ? 32  TYR A CE2 1 
ATOM   215  C CZ  . TYR A 1 32  ? 2.763   1.543   -15.123 1.00 27.31 ? 32  TYR A CZ  1 
ATOM   216  O OH  . TYR A 1 32  ? 3.807   1.641   -16.017 1.00 31.15 ? 32  TYR A OH  1 
ATOM   217  N N   . PHE A 1 33  ? -2.743  -1.044  -11.601 1.00 19.82 ? 33  PHE A N   1 
ATOM   218  C CA  . PHE A 1 33  ? -3.137  -1.540  -10.291 1.00 21.13 ? 33  PHE A CA  1 
ATOM   219  C C   . PHE A 1 33  ? -2.064  -1.139  -9.292  1.00 22.98 ? 33  PHE A C   1 
ATOM   220  O O   . PHE A 1 33  ? -0.871  -1.347  -9.536  1.00 21.75 ? 33  PHE A O   1 
ATOM   221  C CB  . PHE A 1 33  ? -3.253  -3.070  -10.289 1.00 20.51 ? 33  PHE A CB  1 
ATOM   222  C CG  . PHE A 1 33  ? -4.440  -3.603  -11.041 1.00 21.39 ? 33  PHE A CG  1 
ATOM   223  C CD1 . PHE A 1 33  ? -4.436  -3.662  -12.426 1.00 21.85 ? 33  PHE A CD1 1 
ATOM   224  C CD2 . PHE A 1 33  ? -5.562  -4.034  -10.352 1.00 22.47 ? 33  PHE A CD2 1 
ATOM   225  C CE1 . PHE A 1 33  ? -5.536  -4.143  -13.118 1.00 24.85 ? 33  PHE A CE1 1 
ATOM   226  C CE2 . PHE A 1 33  ? -6.658  -4.526  -11.036 1.00 23.83 ? 33  PHE A CE2 1 
ATOM   227  C CZ  . PHE A 1 33  ? -6.639  -4.579  -12.423 1.00 23.23 ? 33  PHE A CZ  1 
ATOM   228  N N   . MET A 1 34  ? -2.485  -0.539  -8.180  1.00 23.11 ? 34  MET A N   1 
ATOM   229  C CA  . MET A 1 34  ? -1.596  -0.056  -7.130  1.00 24.94 ? 34  MET A CA  1 
ATOM   230  C C   . MET A 1 34  ? -1.990  -0.750  -5.842  1.00 25.25 ? 34  MET A C   1 
ATOM   231  O O   . MET A 1 34  ? -3.166  -0.725  -5.461  1.00 27.04 ? 34  MET A O   1 
ATOM   232  C CB  . MET A 1 34  ? -1.759  1.450   -6.931  1.00 28.12 ? 34  MET A CB  1 
ATOM   233  C CG  . MET A 1 34  ? -1.468  2.301   -8.152  1.00 27.84 ? 34  MET A CG  1 
ATOM   234  S SD  . MET A 1 34  ? 0.291   2.334   -8.523  1.00 33.81 ? 34  MET A SD  1 
ATOM   235  C CE  . MET A 1 34  ? 0.928   3.216   -7.117  1.00 36.40 ? 34  MET A CE  1 
ATOM   236  N N   . ALA A 1 35  ? -1.019  -1.368  -5.177  1.00 23.28 ? 35  ALA A N   1 
ATOM   237  C CA  . ALA A 1 35  ? -1.290  -2.173  -4.002  1.00 22.32 ? 35  ALA A CA  1 
ATOM   238  C C   . ALA A 1 35  ? -0.343  -1.813  -2.871  1.00 23.09 ? 35  ALA A C   1 
ATOM   239  O O   . ALA A 1 35  ? 0.778   -1.348  -3.095  1.00 24.07 ? 35  ALA A O   1 
ATOM   240  C CB  . ALA A 1 35  ? -1.170  -3.668  -4.306  1.00 22.98 ? 35  ALA A CB  1 
ATOM   241  N N   . TRP A 1 36  ? -0.799  -2.034  -1.644  1.00 21.70 ? 36  TRP A N   1 
ATOM   242  C CA  . TRP A 1 36  ? 0.045   -1.894  -0.470  1.00 21.55 ? 36  TRP A CA  1 
ATOM   243  C C   . TRP A 1 36  ? 0.292   -3.251  0.165   1.00 22.57 ? 36  TRP A C   1 
ATOM   244  O O   . TRP A 1 36  ? -0.624  -4.086  0.261   1.00 22.45 ? 36  TRP A O   1 
ATOM   245  C CB  . TRP A 1 36  ? -0.535  -0.914  0.557   1.00 22.25 ? 36  TRP A CB  1 
ATOM   246  C CG  . TRP A 1 36  ? -0.386  0.533   0.162   1.00 23.06 ? 36  TRP A CG  1 
ATOM   247  C CD1 . TRP A 1 36  ? -1.268  1.269   -0.556  1.00 23.94 ? 36  TRP A CD1 1 
ATOM   248  C CD2 . TRP A 1 36  ? 0.729   1.401   0.446   1.00 23.62 ? 36  TRP A CD2 1 
ATOM   249  N NE1 . TRP A 1 36  ? -0.793  2.545   -0.733  1.00 23.11 ? 36  TRP A NE1 1 
ATOM   250  C CE2 . TRP A 1 36  ? 0.424   2.655   -0.121  1.00 22.63 ? 36  TRP A CE2 1 
ATOM   251  C CE3 . TRP A 1 36  ? 1.940   1.239   1.124   1.00 23.67 ? 36  TRP A CE3 1 
ATOM   252  C CZ2 . TRP A 1 36  ? 1.292   3.745   -0.040  1.00 23.55 ? 36  TRP A CZ2 1 
ATOM   253  C CZ3 . TRP A 1 36  ? 2.812   2.339   1.210   1.00 22.16 ? 36  TRP A CZ3 1 
ATOM   254  C CH2 . TRP A 1 36  ? 2.471   3.566   0.636   1.00 23.68 ? 36  TRP A CH2 1 
ATOM   255  N N   . PHE A 1 37  ? 1.544   -3.464  0.578   1.00 20.96 ? 37  PHE A N   1 
ATOM   256  C CA  . PHE A 1 37  ? 2.016   -4.668  1.235   1.00 20.83 ? 37  PHE A CA  1 
ATOM   257  C C   . PHE A 1 37  ? 2.755   -4.282  2.503   1.00 21.45 ? 37  PHE A C   1 
ATOM   258  O O   . PHE A 1 37  ? 3.197   -3.142  2.671   1.00 21.51 ? 37  PHE A O   1 
ATOM   259  C CB  . PHE A 1 37  ? 3.006   -5.427  0.329   1.00 21.00 ? 37  PHE A CB  1 
ATOM   260  C CG  . PHE A 1 37  ? 2.363   -6.084  -0.854  1.00 20.47 ? 37  PHE A CG  1 
ATOM   261  C CD1 . PHE A 1 37  ? 2.138   -5.392  -2.041  1.00 20.19 ? 37  PHE A CD1 1 
ATOM   262  C CD2 . PHE A 1 37  ? 1.967   -7.411  -0.767  1.00 22.88 ? 37  PHE A CD2 1 
ATOM   263  C CE1 . PHE A 1 37  ? 1.536   -6.031  -3.118  1.00 22.10 ? 37  PHE A CE1 1 
ATOM   264  C CE2 . PHE A 1 37  ? 1.351   -8.047  -1.835  1.00 21.13 ? 37  PHE A CE2 1 
ATOM   265  C CZ  . PHE A 1 37  ? 1.142   -7.359  -3.007  1.00 20.27 ? 37  PHE A CZ  1 
ATOM   266  N N   . ARG A 1 38  ? 2.898   -5.241  3.399   1.00 21.79 ? 38  ARG A N   1 
ATOM   267  C CA  . ARG A 1 38  ? 3.731   -5.028  4.566   1.00 22.52 ? 38  ARG A CA  1 
ATOM   268  C C   . ARG A 1 38  ? 4.494   -6.300  4.896   1.00 25.64 ? 38  ARG A C   1 
ATOM   269  O O   . ARG A 1 38  ? 4.076   -7.411  4.551   1.00 25.05 ? 38  ARG A O   1 
ATOM   270  C CB  . ARG A 1 38  ? 2.921   -4.490  5.761   1.00 22.52 ? 38  ARG A CB  1 
ATOM   271  C CG  . ARG A 1 38  ? 2.004   -5.507  6.409   1.00 21.38 ? 38  ARG A CG  1 
ATOM   272  C CD  . ARG A 1 38  ? 1.147   -4.868  7.479   1.00 23.02 ? 38  ARG A CD  1 
ATOM   273  N NE  . ARG A 1 38  ? 0.219   -5.836  8.040   1.00 25.54 ? 38  ARG A NE  1 
ATOM   274  C CZ  . ARG A 1 38  ? -0.732  -5.535  8.912   1.00 28.05 ? 38  ARG A CZ  1 
ATOM   275  N NH1 . ARG A 1 38  ? -0.900  -4.298  9.347   1.00 25.29 ? 38  ARG A NH1 1 
ATOM   276  N NH2 . ARG A 1 38  ? -1.540  -6.496  9.351   1.00 27.28 ? 38  ARG A NH2 1 
ATOM   277  N N   . GLN A 1 39  ? 5.645   -6.124  5.533   1.00 22.73 ? 39  GLN A N   1 
ATOM   278  C CA  . GLN A 1 39  ? 6.439   -7.246  6.007   1.00 26.59 ? 39  GLN A CA  1 
ATOM   279  C C   . GLN A 1 39  ? 6.775   -6.986  7.462   1.00 27.99 ? 39  GLN A C   1 
ATOM   280  O O   . GLN A 1 39  ? 7.528   -6.057  7.774   1.00 27.49 ? 39  GLN A O   1 
ATOM   281  C CB  . GLN A 1 39  ? 7.705   -7.435  5.183   1.00 31.87 ? 39  GLN A CB  1 
ATOM   282  C CG  . GLN A 1 39  ? 8.520   -8.629  5.652   1.00 34.68 ? 39  GLN A CG  1 
ATOM   283  C CD  . GLN A 1 39  ? 9.115   -9.411  4.508   1.00 35.37 ? 39  GLN A CD  1 
ATOM   284  O OE1 . GLN A 1 39  ? 10.125  -9.013  3.931   1.00 37.86 ? 39  GLN A OE1 1 
ATOM   285  N NE2 . GLN A 1 39  ? 8.490   -10.532 4.172   1.00 36.12 ? 39  GLN A NE2 1 
ATOM   286  N N   . ALA A 1 40  ? 6.196   -7.768  8.332   1.00 30.71 ? 40  ALA A N   1 
ATOM   287  C CA  . ALA A 1 40  ? 6.459   -7.686  9.753   1.00 33.07 ? 40  ALA A CA  1 
ATOM   288  C C   . ALA A 1 40  ? 7.626   -8.594  10.106  1.00 38.68 ? 40  ALA A C   1 
ATOM   289  O O   . ALA A 1 40  ? 7.914   -9.559  9.391   1.00 40.30 ? 40  ALA A O   1 
ATOM   290  C CB  . ALA A 1 40  ? 5.217   -8.119  10.524  1.00 32.91 ? 40  ALA A CB  1 
ATOM   291  N N   . PRO A 1 41  ? 8.331   -8.303  11.216  1.00 42.71 ? 41  PRO A N   1 
ATOM   292  C CA  . PRO A 1 41  ? 9.495   -9.120  11.590  1.00 41.99 ? 41  PRO A CA  1 
ATOM   293  C C   . PRO A 1 41  ? 9.223   -10.618 11.620  1.00 42.74 ? 41  PRO A C   1 
ATOM   294  O O   . PRO A 1 41  ? 8.337   -11.099 12.336  1.00 45.45 ? 41  PRO A O   1 
ATOM   295  C CB  . PRO A 1 41  ? 9.876   -8.577  12.979  1.00 41.46 ? 41  PRO A CB  1 
ATOM   296  C CG  . PRO A 1 41  ? 8.706   -7.745  13.424  1.00 41.85 ? 41  PRO A CG  1 
ATOM   297  C CD  . PRO A 1 41  ? 8.117   -7.199  12.163  1.00 38.27 ? 41  PRO A CD  1 
ATOM   298  N N   . GLY A 1 42  ? 9.978   -11.360 10.812  1.00 44.62 ? 42  GLY A N   1 
ATOM   299  C CA  . GLY A 1 42  ? 9.869   -12.807 10.791  1.00 44.77 ? 42  GLY A CA  1 
ATOM   300  C C   . GLY A 1 42  ? 8.597   -13.359 10.189  1.00 45.21 ? 42  GLY A C   1 
ATOM   301  O O   . GLY A 1 42  ? 8.170   -14.454 10.570  1.00 47.74 ? 42  GLY A O   1 
ATOM   302  N N   . LYS A 1 43  ? 7.969   -12.632 9.265   1.00 44.85 ? 43  LYS A N   1 
ATOM   303  C CA  . LYS A 1 43  ? 6.799   -13.118 8.546   1.00 40.64 ? 43  LYS A CA  1 
ATOM   304  C C   . LYS A 1 43  ? 6.956   -12.785 7.067   1.00 38.16 ? 43  LYS A C   1 
ATOM   305  O O   . LYS A 1 43  ? 7.726   -11.899 6.689   1.00 40.32 ? 43  LYS A O   1 
ATOM   306  C CB  . LYS A 1 43  ? 5.498   -12.500 9.088   1.00 41.49 ? 43  LYS A CB  1 
ATOM   307  C CG  . LYS A 1 43  ? 5.422   -12.436 10.614  1.00 44.44 ? 43  LYS A CG  1 
ATOM   308  C CD  . LYS A 1 43  ? 3.987   -12.296 11.114  1.00 44.25 ? 43  LYS A CD  1 
ATOM   309  C CE  . LYS A 1 43  ? 3.244   -13.618 11.031  1.00 45.66 ? 43  LYS A CE  1 
ATOM   310  N NZ  . LYS A 1 43  ? 3.984   -14.712 11.727  1.00 46.70 ? 43  LYS A NZ  1 
ATOM   311  N N   . GLU A 1 44  ? 6.221   -13.507 6.226   1.00 38.89 ? 44  GLU A N   1 
ATOM   312  C CA  . GLU A 1 44  ? 6.282   -13.231 4.800   1.00 37.51 ? 44  GLU A CA  1 
ATOM   313  C C   . GLU A 1 44  ? 5.515   -11.954 4.472   1.00 35.21 ? 44  GLU A C   1 
ATOM   314  O O   . GLU A 1 44  ? 4.650   -11.500 5.226   1.00 34.73 ? 44  GLU A O   1 
ATOM   315  C CB  . GLU A 1 44  ? 5.700   -14.392 3.994   1.00 35.92 ? 44  GLU A CB  1 
ATOM   316  C CG  . GLU A 1 44  ? 6.615   -15.607 3.896   1.00 38.13 ? 44  GLU A CG  1 
ATOM   317  C CD  . GLU A 1 44  ? 5.972   -16.767 3.161   1.00 38.64 ? 44  GLU A CD  1 
ATOM   318  O OE1 . GLU A 1 44  ? 5.061   -16.523 2.339   1.00 42.36 ? 44  GLU A OE1 1 
ATOM   319  O OE2 . GLU A 1 44  ? 6.379   -17.926 3.408   1.00 41.80 ? 44  GLU A OE2 1 
ATOM   320  N N   . ARG A 1 45  ? 5.838   -11.380 3.316   1.00 34.72 ? 45  ARG A N   1 
ATOM   321  C CA  . ARG A 1 45  ? 5.191   -10.152 2.875   1.00 29.94 ? 45  ARG A CA  1 
ATOM   322  C C   . ARG A 1 45  ? 3.697   -10.384 2.675   1.00 30.17 ? 45  ARG A C   1 
ATOM   323  O O   . ARG A 1 45  ? 3.289   -11.328 1.987   1.00 33.04 ? 45  ARG A O   1 
ATOM   324  C CB  . ARG A 1 45  ? 5.848   -9.694  1.573   1.00 28.07 ? 45  ARG A CB  1 
ATOM   325  C CG  . ARG A 1 45  ? 5.574   -8.269  1.149   1.00 28.82 ? 45  ARG A CG  1 
ATOM   326  C CD  . ARG A 1 45  ? 6.443   -7.932  -0.067  1.00 26.47 ? 45  ARG A CD  1 
ATOM   327  N NE  . ARG A 1 45  ? 7.718   -7.305  0.270   1.00 29.68 ? 45  ARG A NE  1 
ATOM   328  C CZ  . ARG A 1 45  ? 8.662   -6.999  -0.613  1.00 30.29 ? 45  ARG A CZ  1 
ATOM   329  N NH1 . ARG A 1 45  ? 8.582   -7.386  -1.875  1.00 27.92 ? 45  ARG A NH1 1 
ATOM   330  N NH2 . ARG A 1 45  ? 9.712   -6.284  -0.224  1.00 32.11 ? 45  ARG A NH2 1 
ATOM   331  N N   . GLU A 1 46  ? 2.885   -9.516  3.287   1.00 24.82 ? 46  GLU A N   1 
ATOM   332  C CA  . GLU A 1 46  ? 1.432   -9.641  3.362   1.00 25.28 ? 46  GLU A CA  1 
ATOM   333  C C   . GLU A 1 46  ? 0.786   -8.572  2.488   1.00 25.40 ? 46  GLU A C   1 
ATOM   334  O O   . GLU A 1 46  ? 1.107   -7.389  2.626   1.00 24.68 ? 46  GLU A O   1 
ATOM   335  C CB  . GLU A 1 46  ? 0.963   -9.449  4.818   1.00 27.34 ? 46  GLU A CB  1 
ATOM   336  C CG  . GLU A 1 46  ? -0.563  -9.503  5.014   1.00 31.58 ? 46  GLU A CG  1 
ATOM   337  C CD  . GLU A 1 46  ? -1.046  -9.119  6.424   1.00 32.39 ? 46  GLU A CD  1 
ATOM   338  O OE1 . GLU A 1 46  ? -2.204  -9.449  6.747   1.00 34.07 ? 46  GLU A OE1 1 
ATOM   339  O OE2 . GLU A 1 46  ? -0.290  -8.487  7.203   1.00 29.70 ? 46  GLU A OE2 1 
ATOM   340  N N   . GLY A 1 47  ? -0.118  -8.981  1.590   1.00 24.83 ? 47  GLY A N   1 
ATOM   341  C CA  . GLY A 1 47  ? -0.893  -8.017  0.820   1.00 24.12 ? 47  GLY A CA  1 
ATOM   342  C C   . GLY A 1 47  ? -2.030  -7.446  1.650   1.00 22.36 ? 47  GLY A C   1 
ATOM   343  O O   . GLY A 1 47  ? -2.679  -8.159  2.420   1.00 25.31 ? 47  GLY A O   1 
ATOM   344  N N   . LEU A 1 48  ? -2.264  -6.141  1.487   1.00 21.53 ? 48  LEU A N   1 
ATOM   345  C CA  . LEU A 1 48  ? -3.203  -5.397  2.332   1.00 22.47 ? 48  LEU A CA  1 
ATOM   346  C C   . LEU A 1 48  ? -4.373  -4.797  1.575   1.00 25.46 ? 48  LEU A C   1 
ATOM   347  O O   . LEU A 1 48  ? -5.513  -4.854  2.055   1.00 27.59 ? 48  LEU A O   1 
ATOM   348  C CB  . LEU A 1 48  ? -2.474  -4.254  3.053   1.00 24.36 ? 48  LEU A CB  1 
ATOM   349  C CG  . LEU A 1 48  ? -1.351  -4.660  3.996   1.00 23.30 ? 48  LEU A CG  1 
ATOM   350  C CD1 . LEU A 1 48  ? -0.684  -3.410  4.590   1.00 26.05 ? 48  LEU A CD1 1 
ATOM   351  C CD2 . LEU A 1 48  ? -1.829  -5.596  5.097   1.00 25.70 ? 48  LEU A CD2 1 
ATOM   352  N N   . ALA A 1 49  ? -4.121  -4.162  0.439   1.00 24.51 ? 49  ALA A N   1 
ATOM   353  C CA  . ALA A 1 49  ? -5.141  -3.415  -0.275  1.00 26.04 ? 49  ALA A CA  1 
ATOM   354  C C   . ALA A 1 49  ? -4.678  -3.248  -1.708  1.00 25.85 ? 49  ALA A C   1 
ATOM   355  O O   . ALA A 1 49  ? -3.483  -3.098  -1.965  1.00 23.09 ? 49  ALA A O   1 
ATOM   356  C CB  . ALA A 1 49  ? -5.372  -2.035  0.362   1.00 25.81 ? 49  ALA A CB  1 
ATOM   357  N N   . SER A 1 50  ? -5.626  -3.277  -2.639  1.00 26.54 ? 50  SER A N   1 
ATOM   358  C CA  . SER A 1 50  ? -5.316  -3.083  -4.047  1.00 26.59 ? 50  SER A CA  1 
ATOM   359  C C   . SER A 1 50  ? -6.422  -2.272  -4.703  1.00 28.13 ? 50  SER A C   1 
ATOM   360  O O   . SER A 1 50  ? -7.595  -2.649  -4.618  1.00 31.83 ? 50  SER A O   1 
ATOM   361  C CB  . SER A 1 50  ? -5.180  -4.435  -4.754  1.00 32.04 ? 50  SER A CB  1 
ATOM   362  O OG  . SER A 1 50  ? -4.998  -4.256  -6.151  1.00 34.28 ? 50  SER A OG  1 
ATOM   363  N N   . VAL A 1 51  ? -6.052  -1.163  -5.349  1.00 27.32 ? 51  VAL A N   1 
ATOM   364  C CA  . VAL A 1 51  ? -6.997  -0.328  -6.094  1.00 28.94 ? 51  VAL A CA  1 
ATOM   365  C C   . VAL A 1 51  ? -6.930  -0.676  -7.572  1.00 27.96 ? 51  VAL A C   1 
ATOM   366  O O   . VAL A 1 51  ? -5.844  -0.831  -8.146  1.00 28.12 ? 51  VAL A O   1 
ATOM   367  C CB  . VAL A 1 51  ? -6.771  1.184   -5.891  1.00 30.86 ? 51  VAL A CB  1 
ATOM   368  C CG1 . VAL A 1 51  ? -7.406  1.662   -4.613  1.00 36.16 ? 51  VAL A CG1 1 
ATOM   369  C CG2 . VAL A 1 51  ? -5.292  1.533   -5.915  1.00 32.89 ? 51  VAL A CG2 1 
ATOM   370  N N   . ILE A 1 52  ? -8.096  -0.760  -8.196  1.00 28.05 ? 52  ILE A N   1 
ATOM   371  C CA  . ILE A 1 52  ? -8.234  -1.144  -9.596  1.00 29.46 ? 52  ILE A CA  1 
ATOM   372  C C   . ILE A 1 52  ? -8.147  0.117   -10.450 1.00 31.94 ? 52  ILE A C   1 
ATOM   373  O O   . ILE A 1 52  ? -8.706  1.152   -10.060 1.00 39.28 ? 52  ILE A O   1 
ATOM   374  C CB  . ILE A 1 52  ? -9.552  -1.911  -9.805  1.00 28.50 ? 52  ILE A CB  1 
ATOM   375  C CG1 . ILE A 1 52  ? -9.456  -3.329  -9.226  1.00 30.82 ? 52  ILE A CG1 1 
ATOM   376  C CG2 . ILE A 1 52  ? -9.924  -1.968  -11.272 1.00 29.90 ? 52  ILE A CG2 1 
ATOM   377  C CD1 . ILE A 1 52  ? -9.567  -3.428  -7.722  1.00 37.64 ? 52  ILE A CD1 1 
ATOM   378  N N   . PRO A 1 53  ? -7.445  0.098   -11.586 1.00 24.39 ? 53  PRO A N   1 
ATOM   379  C CA  . PRO A 1 53  ? -7.404  1.281   -12.457 1.00 31.57 ? 53  PRO A CA  1 
ATOM   380  C C   . PRO A 1 53  ? -8.798  1.814   -12.751 1.00 36.71 ? 53  PRO A C   1 
ATOM   381  O O   . PRO A 1 53  ? -9.692  1.077   -13.175 1.00 39.26 ? 53  PRO A O   1 
ATOM   382  C CB  . PRO A 1 53  ? -6.721  0.766   -13.728 1.00 30.85 ? 53  PRO A CB  1 
ATOM   383  C CG  . PRO A 1 53  ? -5.962  -0.418  -13.318 1.00 25.96 ? 53  PRO A CG  1 
ATOM   384  C CD  . PRO A 1 53  ? -6.657  -1.018  -12.129 1.00 25.85 ? 53  PRO A CD  1 
ATOM   385  N N   . GLY A 1 54  ? -8.969  3.118   -12.541 1.00 41.20 ? 54  GLY A N   1 
ATOM   386  C CA  . GLY A 1 54  ? -10.274 3.732   -12.454 1.00 43.36 ? 54  GLY A CA  1 
ATOM   387  C C   . GLY A 1 54  ? -10.777 3.917   -11.040 1.00 43.60 ? 54  GLY A C   1 
ATOM   388  O O   . GLY A 1 54  ? -11.765 4.632   -10.840 1.00 44.78 ? 54  GLY A O   1 
ATOM   389  N N   . GLY A 1 55  ? -10.127 3.288   -10.059 1.00 45.82 ? 55  GLY A N   1 
ATOM   390  C CA  . GLY A 1 55  ? -10.478 3.408   -8.659  1.00 44.74 ? 55  GLY A CA  1 
ATOM   391  C C   . GLY A 1 55  ? -11.867 2.923   -8.306  1.00 47.78 ? 55  GLY A C   1 
ATOM   392  O O   . GLY A 1 55  ? -12.301 3.111   -7.160  1.00 49.16 ? 55  GLY A O   1 
ATOM   393  N N   . GLY A 1 56  ? -12.577 2.298   -9.249  1.00 47.61 ? 56  GLY A N   1 
ATOM   394  C CA  . GLY A 1 56  ? -13.980 1.990   -9.036  1.00 45.74 ? 56  GLY A CA  1 
ATOM   395  C C   . GLY A 1 56  ? -14.234 0.989   -7.923  1.00 46.18 ? 56  GLY A C   1 
ATOM   396  O O   . GLY A 1 56  ? -15.328 0.966   -7.352  1.00 44.46 ? 56  GLY A O   1 
ATOM   397  N N   . HIS A 1 57  ? -13.251 0.140   -7.613  1.00 42.93 ? 57  HIS A N   1 
ATOM   398  C CA  . HIS A 1 57  ? -13.371 -0.841  -6.538  1.00 40.17 ? 57  HIS A CA  1 
ATOM   399  C C   . HIS A 1 57  ? -11.998 -1.001  -5.902  1.00 37.88 ? 57  HIS A C   1 
ATOM   400  O O   . HIS A 1 57  ? -10.974 -0.767  -6.551  1.00 37.49 ? 57  HIS A O   1 
ATOM   401  C CB  . HIS A 1 57  ? -13.868 -2.203  -7.052  1.00 40.26 ? 57  HIS A CB  1 
ATOM   402  C CG  . HIS A 1 57  ? -15.299 -2.205  -7.496  1.00 41.33 ? 57  HIS A CG  1 
ATOM   403  N ND1 . HIS A 1 57  ? -15.776 -1.388  -8.498  1.00 43.43 ? 57  HIS A ND1 1 
ATOM   404  C CD2 . HIS A 1 57  ? -16.355 -2.942  -7.080  1.00 40.37 ? 57  HIS A CD2 1 
ATOM   405  C CE1 . HIS A 1 57  ? -17.068 -1.604  -8.666  1.00 41.29 ? 57  HIS A CE1 1 
ATOM   406  N NE2 . HIS A 1 57  ? -17.446 -2.544  -7.818  1.00 38.87 ? 57  HIS A NE2 1 
ATOM   407  N N   . THR A 1 58  ? -11.984 -1.382  -4.621  1.00 36.18 ? 58  THR A N   1 
ATOM   408  C CA  . THR A 1 58  ? -10.741 -1.610  -3.891  1.00 34.50 ? 58  THR A CA  1 
ATOM   409  C C   . THR A 1 58  ? -10.924 -2.804  -2.970  1.00 32.92 ? 58  THR A C   1 
ATOM   410  O O   . THR A 1 58  ? -11.937 -2.899  -2.277  1.00 36.41 ? 58  THR A O   1 
ATOM   411  C CB  . THR A 1 58  ? -10.352 -0.385  -3.062  1.00 35.36 ? 58  THR A CB  1 
ATOM   412  O OG1 . THR A 1 58  ? -10.255 0.773   -3.905  1.00 37.96 ? 58  THR A OG1 1 
ATOM   413  C CG2 . THR A 1 58  ? -9.014  -0.627  -2.364  1.00 32.38 ? 58  THR A CG2 1 
ATOM   414  N N   . TYR A 1 59  ? -9.946  -3.707  -2.960  1.00 33.03 ? 59  TYR A N   1 
ATOM   415  C CA  . TYR A 1 59  ? -9.979  -4.918  -2.151  1.00 29.88 ? 59  TYR A CA  1 
ATOM   416  C C   . TYR A 1 59  ? -9.145  -4.723  -0.885  1.00 32.85 ? 59  TYR A C   1 
ATOM   417  O O   . TYR A 1 59  ? -8.097  -4.072  -0.918  1.00 32.15 ? 59  TYR A O   1 
ATOM   418  C CB  . TYR A 1 59  ? -9.336  -6.055  -2.942  1.00 33.94 ? 59  TYR A CB  1 
ATOM   419  C CG  . TYR A 1 59  ? -10.167 -6.724  -4.016  1.00 38.39 ? 59  TYR A CG  1 
ATOM   420  C CD1 . TYR A 1 59  ? -11.433 -7.237  -3.745  1.00 38.15 ? 59  TYR A CD1 1 
ATOM   421  C CD2 . TYR A 1 59  ? -9.659  -6.878  -5.299  1.00 37.49 ? 59  TYR A CD2 1 
ATOM   422  C CE1 . TYR A 1 59  ? -12.184 -7.879  -4.740  1.00 37.31 ? 59  TYR A CE1 1 
ATOM   423  C CE2 . TYR A 1 59  ? -10.392 -7.513  -6.298  1.00 35.18 ? 59  TYR A CE2 1 
ATOM   424  C CZ  . TYR A 1 59  ? -11.651 -8.013  -6.013  1.00 32.38 ? 59  TYR A CZ  1 
ATOM   425  O OH  . TYR A 1 59  ? -12.375 -8.644  -6.994  1.00 36.63 ? 59  TYR A OH  1 
ATOM   426  N N   . TYR A 1 60  ? -9.586  -5.337  0.221   1.00 33.17 ? 60  TYR A N   1 
ATOM   427  C CA  . TYR A 1 60  ? -8.890  -5.249  1.506   1.00 29.67 ? 60  TYR A CA  1 
ATOM   428  C C   . TYR A 1 60  ? -8.739  -6.618  2.157   1.00 30.85 ? 60  TYR A C   1 
ATOM   429  O O   . TYR A 1 60  ? -9.684  -7.413  2.183   1.00 34.66 ? 60  TYR A O   1 
ATOM   430  C CB  . TYR A 1 60  ? -9.618  -4.309  2.467   1.00 30.28 ? 60  TYR A CB  1 
ATOM   431  C CG  . TYR A 1 60  ? -9.604  -2.875  2.014   1.00 29.06 ? 60  TYR A CG  1 
ATOM   432  C CD1 . TYR A 1 60  ? -8.524  -2.046  2.298   1.00 26.84 ? 60  TYR A CD1 1 
ATOM   433  C CD2 . TYR A 1 60  ? -10.659 -2.344  1.291   1.00 30.19 ? 60  TYR A CD2 1 
ATOM   434  C CE1 . TYR A 1 60  ? -8.506  -0.731  1.885   1.00 26.62 ? 60  TYR A CE1 1 
ATOM   435  C CE2 . TYR A 1 60  ? -10.652 -1.029  0.871   1.00 30.36 ? 60  TYR A CE2 1 
ATOM   436  C CZ  . TYR A 1 60  ? -9.571  -0.222  1.171   1.00 28.33 ? 60  TYR A CZ  1 
ATOM   437  O OH  . TYR A 1 60  ? -9.582  1.085   0.745   1.00 31.21 ? 60  TYR A OH  1 
ATOM   438  N N   . ALA A 1 61  ? -7.550  -6.880  2.692   1.00 28.05 ? 61  ALA A N   1 
ATOM   439  C CA  . ALA A 1 61  ? -7.330  -8.061  3.511   1.00 28.27 ? 61  ALA A CA  1 
ATOM   440  C C   . ALA A 1 61  ? -8.147  -7.969  4.796   1.00 30.92 ? 61  ALA A C   1 
ATOM   441  O O   . ALA A 1 61  ? -8.406  -6.880  5.316   1.00 29.43 ? 61  ALA A O   1 
ATOM   442  C CB  . ALA A 1 61  ? -5.847  -8.194  3.860   1.00 29.51 ? 61  ALA A CB  1 
ATOM   443  N N   . ASP A 1 62  ? -8.551  -9.135  5.309   1.00 31.81 ? 62  ASP A N   1 
ATOM   444  C CA  . ASP A 1 62  ? -9.389  -9.168  6.507   1.00 34.16 ? 62  ASP A CA  1 
ATOM   445  C C   . ASP A 1 62  ? -8.687  -8.546  7.710   1.00 31.33 ? 62  ASP A C   1 
ATOM   446  O O   . ASP A 1 62  ? -9.352  -8.008  8.606   1.00 32.30 ? 62  ASP A O   1 
ATOM   447  C CB  . ASP A 1 62  ? -9.813  -10.605 6.816   1.00 35.15 ? 62  ASP A CB  1 
ATOM   448  C CG  . ASP A 1 62  ? -10.865 -11.134 5.845   1.00 35.66 ? 62  ASP A CG  1 
ATOM   449  O OD1 . ASP A 1 62  ? -11.541 -10.325 5.173   1.00 37.32 ? 62  ASP A OD1 1 
ATOM   450  O OD2 . ASP A 1 62  ? -11.019 -12.370 5.772   1.00 40.11 ? 62  ASP A OD2 1 
ATOM   451  N N   . SER A 1 63  ? -7.351  -8.583  7.733   1.00 30.55 ? 63  SER A N   1 
ATOM   452  C CA  . SER A 1 63  ? -6.573  -8.097  8.871   1.00 30.40 ? 63  SER A CA  1 
ATOM   453  C C   . SER A 1 63  ? -6.638  -6.586  9.038   1.00 28.43 ? 63  SER A C   1 
ATOM   454  O O   . SER A 1 63  ? -6.250  -6.083  10.100  1.00 28.46 ? 63  SER A O   1 
ATOM   455  C CB  . SER A 1 63  ? -5.111  -8.508  8.713   1.00 31.69 ? 63  SER A CB  1 
ATOM   456  O OG  . SER A 1 63  ? -4.592  -8.059  7.468   1.00 30.91 ? 63  SER A OG  1 
ATOM   457  N N   . VAL A 1 64  ? -7.095  -5.858  8.022   1.00 26.45 ? 64  VAL A N   1 
ATOM   458  C CA  . VAL A 1 64  ? -7.083  -4.398  8.055   1.00 26.30 ? 64  VAL A CA  1 
ATOM   459  C C   . VAL A 1 64  ? -8.442  -3.803  7.687   1.00 29.07 ? 64  VAL A C   1 
ATOM   460  O O   . VAL A 1 64  ? -8.585  -2.581  7.589   1.00 26.79 ? 64  VAL A O   1 
ATOM   461  C CB  . VAL A 1 64  ? -5.950  -3.827  7.172   1.00 27.01 ? 64  VAL A CB  1 
ATOM   462  C CG1 . VAL A 1 64  ? -4.595  -4.365  7.615   1.00 26.58 ? 64  VAL A CG1 1 
ATOM   463  C CG2 . VAL A 1 64  ? -6.195  -4.143  5.705   1.00 26.73 ? 64  VAL A CG2 1 
ATOM   464  N N   . LYS A 1 65  ? -9.457  -4.645  7.494   1.00 30.14 ? 65  LYS A N   1 
ATOM   465  C CA  . LYS A 1 65  ? -10.765 -4.132  7.092   1.00 32.11 ? 65  LYS A CA  1 
ATOM   466  C C   . LYS A 1 65  ? -11.327 -3.174  8.138   1.00 31.12 ? 65  LYS A C   1 
ATOM   467  O O   . LYS A 1 65  ? -11.200 -3.399  9.343   1.00 31.74 ? 65  LYS A O   1 
ATOM   468  C CB  . LYS A 1 65  ? -11.750 -5.286  6.852   1.00 33.76 ? 65  LYS A CB  1 
ATOM   469  C CG  . LYS A 1 65  ? -11.546 -6.009  5.522   1.00 34.54 ? 65  LYS A CG  1 
ATOM   470  C CD  . LYS A 1 65  ? -12.870 -6.510  4.924   1.00 35.32 ? 65  LYS A CD  1 
ATOM   471  C CE  . LYS A 1 65  ? -12.671 -7.077  3.506   1.00 36.70 ? 65  LYS A CE  1 
ATOM   472  N NZ  . LYS A 1 65  ? -12.972 -6.072  2.434   1.00 37.80 ? 65  LYS A NZ  1 
ATOM   473  N N   . GLY A 1 66  ? -11.941 -2.091  7.663   1.00 30.97 ? 66  GLY A N   1 
ATOM   474  C CA  . GLY A 1 66  ? -12.514 -1.081  8.530   1.00 29.90 ? 66  GLY A CA  1 
ATOM   475  C C   . GLY A 1 66  ? -11.528 -0.110  9.149   1.00 31.63 ? 66  GLY A C   1 
ATOM   476  O O   . GLY A 1 66  ? -11.955 0.926   9.679   1.00 35.12 ? 66  GLY A O   1 
ATOM   477  N N   . ARG A 1 67  ? -10.228 -0.407  9.109   1.00 27.59 ? 67  ARG A N   1 
ATOM   478  C CA  . ARG A 1 67  ? -9.187  0.437   9.689   1.00 24.51 ? 67  ARG A CA  1 
ATOM   479  C C   . ARG A 1 67  ? -8.305  1.103   8.651   1.00 26.99 ? 67  ARG A C   1 
ATOM   480  O O   . ARG A 1 67  ? -7.863  2.242   8.858   1.00 25.44 ? 67  ARG A O   1 
ATOM   481  C CB  . ARG A 1 67  ? -8.297  -0.396  10.611  1.00 23.79 ? 67  ARG A CB  1 
ATOM   482  C CG  . ARG A 1 67  ? -9.022  -0.948  11.829  1.00 26.35 ? 67  ARG A CG  1 
ATOM   483  C CD  . ARG A 1 67  ? -8.078  -1.580  12.841  1.00 26.01 ? 67  ARG A CD  1 
ATOM   484  N NE  . ARG A 1 67  ? -7.261  -2.643  12.264  1.00 28.44 ? 67  ARG A NE  1 
ATOM   485  C CZ  . ARG A 1 67  ? -5.935  -2.641  12.248  1.00 25.25 ? 67  ARG A CZ  1 
ATOM   486  N NH1 . ARG A 1 67  ? -5.241  -1.687  12.846  1.00 26.14 ? 67  ARG A NH1 1 
ATOM   487  N NH2 . ARG A 1 67  ? -5.287  -3.606  11.595  1.00 26.57 ? 67  ARG A NH2 1 
ATOM   488  N N   . PHE A 1 68  ? -8.007  0.417   7.549   1.00 25.57 ? 68  PHE A N   1 
ATOM   489  C CA  . PHE A 1 68  ? -7.148  0.944   6.502   1.00 24.39 ? 68  PHE A CA  1 
ATOM   490  C C   . PHE A 1 68  ? -8.000  1.344   5.305   1.00 27.03 ? 68  PHE A C   1 
ATOM   491  O O   . PHE A 1 68  ? -8.967  0.656   4.968   1.00 27.81 ? 68  PHE A O   1 
ATOM   492  C CB  . PHE A 1 68  ? -6.103  -0.080  6.039   1.00 22.35 ? 68  PHE A CB  1 
ATOM   493  C CG  . PHE A 1 68  ? -5.014  -0.393  7.046   1.00 23.54 ? 68  PHE A CG  1 
ATOM   494  C CD1 . PHE A 1 68  ? -5.163  -0.111  8.391   1.00 24.32 ? 68  PHE A CD1 1 
ATOM   495  C CD2 . PHE A 1 68  ? -3.819  -0.991  6.627   1.00 22.19 ? 68  PHE A CD2 1 
ATOM   496  C CE1 . PHE A 1 68  ? -4.156  -0.426  9.300   1.00 23.95 ? 68  PHE A CE1 1 
ATOM   497  C CE2 . PHE A 1 68  ? -2.817  -1.301  7.529   1.00 24.08 ? 68  PHE A CE2 1 
ATOM   498  C CZ  . PHE A 1 68  ? -2.984  -1.025  8.860   1.00 25.78 ? 68  PHE A CZ  1 
ATOM   499  N N   . ALA A 1 69  ? -7.640  2.458   4.666   1.00 25.67 ? 69  ALA A N   1 
ATOM   500  C CA  . ALA A 1 69  ? -8.358  2.979   3.510   1.00 27.07 ? 69  ALA A CA  1 
ATOM   501  C C   . ALA A 1 69  ? -7.373  3.455   2.449   1.00 27.18 ? 69  ALA A C   1 
ATOM   502  O O   . ALA A 1 69  ? -6.510  4.297   2.720   1.00 27.21 ? 69  ALA A O   1 
ATOM   503  C CB  . ALA A 1 69  ? -9.292  4.123   3.915   1.00 28.11 ? 69  ALA A CB  1 
ATOM   504  N N   . LEU A 1 70  ? -7.515  2.936   1.236   1.00 28.48 ? 70  LEU A N   1 
ATOM   505  C CA  . LEU A 1 70  ? -6.606  3.221   0.136   1.00 27.26 ? 70  LEU A CA  1 
ATOM   506  C C   . LEU A 1 70  ? -7.283  4.173   -0.845  1.00 31.04 ? 70  LEU A C   1 
ATOM   507  O O   . LEU A 1 70  ? -8.442  3.955   -1.214  1.00 33.03 ? 70  LEU A O   1 
ATOM   508  C CB  . LEU A 1 70  ? -6.225  1.900   -0.547  1.00 28.17 ? 70  LEU A CB  1 
ATOM   509  C CG  . LEU A 1 70  ? -5.352  1.906   -1.801  1.00 29.76 ? 70  LEU A CG  1 
ATOM   510  C CD1 . LEU A 1 70  ? -4.097  2.716   -1.596  1.00 32.18 ? 70  LEU A CD1 1 
ATOM   511  C CD2 . LEU A 1 70  ? -5.001  0.474   -2.168  1.00 30.71 ? 70  LEU A CD2 1 
ATOM   512  N N   . SER A 1 71  ? -6.575  5.239   -1.248  1.00 30.15 ? 71  SER A N   1 
ATOM   513  C CA  . SER A 1 71  ? -7.120  6.241   -2.167  1.00 34.49 ? 71  SER A CA  1 
ATOM   514  C C   . SER A 1 71  ? -6.068  6.693   -3.183  1.00 33.82 ? 71  SER A C   1 
ATOM   515  O O   . SER A 1 71  ? -4.875  6.404   -3.048  1.00 31.33 ? 71  SER A O   1 
ATOM   516  C CB  . SER A 1 71  ? -7.702  7.447   -1.421  1.00 29.99 ? 71  SER A CB  1 
ATOM   517  O OG  . SER A 1 71  ? -6.698  8.180   -0.734  1.00 32.16 ? 71  SER A OG  1 
ATOM   518  N N   . ARG A 1 72  ? -6.526  7.423   -4.212  1.00 33.36 ? 72  ARG A N   1 
ATOM   519  C CA  . ARG A 1 72  ? -5.690  7.885   -5.316  1.00 32.89 ? 72  ARG A CA  1 
ATOM   520  C C   . ARG A 1 72  ? -5.927  9.371   -5.553  1.00 35.57 ? 72  ARG A C   1 
ATOM   521  O O   . ARG A 1 72  ? -7.041  9.870   -5.380  1.00 40.04 ? 72  ARG A O   1 
ATOM   522  C CB  . ARG A 1 72  ? -6.027  7.158   -6.650  1.00 39.03 ? 72  ARG A CB  1 
ATOM   523  C CG  . ARG A 1 72  ? -5.551  5.702   -6.809  1.00 38.91 ? 72  ARG A CG  1 
ATOM   524  C CD  . ARG A 1 72  ? -6.131  5.033   -8.089  1.00 37.19 ? 72  ARG A CD  1 
ATOM   525  N NE  . ARG A 1 72  ? -5.179  4.934   -9.199  1.00 41.91 ? 72  ARG A NE  1 
ATOM   526  C CZ  . ARG A 1 72  ? -4.768  3.797   -9.758  1.00 37.72 ? 72  ARG A CZ  1 
ATOM   527  N NH1 . ARG A 1 72  ? -5.215  2.617   -9.348  1.00 37.28 ? 72  ARG A NH1 1 
ATOM   528  N NH2 . ARG A 1 72  ? -3.888  3.845   -10.762 1.00 30.89 ? 72  ARG A NH2 1 
ATOM   529  N N   . ASP A 1 73  ? -4.872  10.072  -5.971  1.00 35.78 ? 73  ASP A N   1 
ATOM   530  C CA  . ASP A 1 73  ? -4.960  11.440  -6.497  1.00 35.91 ? 73  ASP A CA  1 
ATOM   531  C C   . ASP A 1 73  ? -4.234  11.412  -7.837  1.00 36.33 ? 73  ASP A C   1 
ATOM   532  O O   . ASP A 1 73  ? -3.017  11.602  -7.892  1.00 34.44 ? 73  ASP A O   1 
ATOM   533  C CB  . ASP A 1 73  ? -4.351  12.472  -5.542  1.00 35.71 ? 73  ASP A CB  1 
ATOM   534  C CG  . ASP A 1 73  ? -4.439  13.905  -6.075  1.00 38.16 ? 73  ASP A CG  1 
ATOM   535  O OD1 . ASP A 1 73  ? -4.874  14.109  -7.228  1.00 39.77 ? 73  ASP A OD1 1 
ATOM   536  O OD2 . ASP A 1 73  ? -4.071  14.838  -5.331  1.00 40.53 ? 73  ASP A OD2 1 
ATOM   537  N N   . ALA A 1 74  ? -4.996  11.197  -8.913  1.00 37.45 ? 74  ALA A N   1 
ATOM   538  C CA  . ALA A 1 74  ? -4.396  10.983  -10.227 1.00 35.33 ? 74  ALA A CA  1 
ATOM   539  C C   . ALA A 1 74  ? -3.614  12.204  -10.692 1.00 35.28 ? 74  ALA A C   1 
ATOM   540  O O   . ALA A 1 74  ? -2.560  12.067  -11.325 1.00 33.45 ? 74  ALA A O   1 
ATOM   541  C CB  . ALA A 1 74  ? -5.476  10.607  -11.240 1.00 36.44 ? 74  ALA A CB  1 
ATOM   542  N N   . ALA A 1 75  ? -4.111  13.405  -10.384 1.00 34.32 ? 75  ALA A N   1 
ATOM   543  C CA  . ALA A 1 75  ? -3.412  14.618  -10.793 1.00 33.81 ? 75  ALA A CA  1 
ATOM   544  C C   . ALA A 1 75  ? -2.034  14.705  -10.153 1.00 34.58 ? 75  ALA A C   1 
ATOM   545  O O   . ALA A 1 75  ? -1.071  15.141  -10.794 1.00 38.32 ? 75  ALA A O   1 
ATOM   546  C CB  . ALA A 1 75  ? -4.245  15.853  -10.448 1.00 33.31 ? 75  ALA A CB  1 
ATOM   547  N N   . ALA A 1 76  ? -1.922  14.295  -8.892  1.00 31.91 ? 76  ALA A N   1 
ATOM   548  C CA  . ALA A 1 76  ? -0.638  14.269  -8.202  1.00 33.21 ? 76  ALA A CA  1 
ATOM   549  C C   . ALA A 1 76  ? 0.105   12.955  -8.392  1.00 32.29 ? 76  ALA A C   1 
ATOM   550  O O   . ALA A 1 76  ? 1.208   12.802  -7.852  1.00 33.90 ? 76  ALA A O   1 
ATOM   551  C CB  . ALA A 1 76  ? -0.829  14.543  -6.710  1.00 35.21 ? 76  ALA A CB  1 
ATOM   552  N N   . LYS A 1 77  ? -0.469  12.015  -9.142  1.00 31.75 ? 77  LYS A N   1 
ATOM   553  C CA  . LYS A 1 77  ? 0.149   10.709  -9.389  1.00 29.62 ? 77  LYS A CA  1 
ATOM   554  C C   . LYS A 1 77  ? 0.557   10.034  -8.081  1.00 30.21 ? 77  LYS A C   1 
ATOM   555  O O   . LYS A 1 77  ? 1.663   9.511   -7.954  1.00 28.59 ? 77  LYS A O   1 
ATOM   556  C CB  . LYS A 1 77  ? 1.335   10.818  -10.350 1.00 33.45 ? 77  LYS A CB  1 
ATOM   557  C CG  . LYS A 1 77  ? 0.977   11.287  -11.750 1.00 34.07 ? 77  LYS A CG  1 
ATOM   558  C CD  . LYS A 1 77  ? 2.220   11.407  -12.616 1.00 38.12 ? 77  LYS A CD  1 
ATOM   559  C CE  . LYS A 1 77  ? 1.867   11.823  -14.035 1.00 39.18 ? 77  LYS A CE  1 
ATOM   560  N NZ  . LYS A 1 77  ? 3.006   11.604  -14.972 1.00 41.64 ? 77  LYS A NZ  1 
ATOM   561  N N   . THR A 1 78  ? -0.345  10.058  -7.099  1.00 29.84 ? 78  THR A N   1 
ATOM   562  C CA  . THR A 1 78  ? -0.056  9.606   -5.744  1.00 29.45 ? 78  THR A CA  1 
ATOM   563  C C   . THR A 1 78  ? -1.150  8.668   -5.249  1.00 29.37 ? 78  THR A C   1 
ATOM   564  O O   . THR A 1 78  ? -2.330  8.856   -5.553  1.00 31.88 ? 78  THR A O   1 
ATOM   565  C CB  . THR A 1 78  ? 0.078   10.817  -4.799  1.00 29.34 ? 78  THR A CB  1 
ATOM   566  O OG1 . THR A 1 78  ? 1.068   11.715  -5.312  1.00 31.67 ? 78  THR A OG1 1 
ATOM   567  C CG2 . THR A 1 78  ? 0.483   10.381  -3.382  1.00 29.58 ? 78  THR A CG2 1 
ATOM   568  N N   . VAL A 1 79  ? -0.746  7.639   -4.505  1.00 27.37 ? 79  VAL A N   1 
ATOM   569  C CA  . VAL A 1 79  ? -1.662  6.727   -3.830  1.00 28.01 ? 79  VAL A CA  1 
ATOM   570  C C   . VAL A 1 79  ? -1.455  6.890   -2.326  1.00 26.96 ? 79  VAL A C   1 
ATOM   571  O O   . VAL A 1 79  ? -0.347  7.172   -1.869  1.00 25.87 ? 79  VAL A O   1 
ATOM   572  C CB  . VAL A 1 79  ? -1.428  5.271   -4.310  1.00 31.70 ? 79  VAL A CB  1 
ATOM   573  C CG1 . VAL A 1 79  ? -0.319  4.592   -3.538  1.00 31.61 ? 79  VAL A CG1 1 
ATOM   574  C CG2 . VAL A 1 79  ? -2.708  4.467   -4.263  1.00 35.24 ? 79  VAL A CG2 1 
ATOM   575  N N   . TYR A 1 80  ? -2.533  6.748   -1.557  1.00 26.67 ? 80  TYR A N   1 
ATOM   576  C CA  . TYR A 1 80  ? -2.488  6.971   -0.114  1.00 26.26 ? 80  TYR A CA  1 
ATOM   577  C C   . TYR A 1 80  ? -3.073  5.792   0.643   1.00 25.84 ? 80  TYR A C   1 
ATOM   578  O O   . TYR A 1 80  ? -4.077  5.210   0.223   1.00 28.19 ? 80  TYR A O   1 
ATOM   579  C CB  . TYR A 1 80  ? -3.311  8.198   0.287   1.00 28.11 ? 80  TYR A CB  1 
ATOM   580  C CG  . TYR A 1 80  ? -2.885  9.470   -0.372  1.00 29.91 ? 80  TYR A CG  1 
ATOM   581  C CD1 . TYR A 1 80  ? -1.856  10.232  0.154   1.00 26.91 ? 80  TYR A CD1 1 
ATOM   582  C CD2 . TYR A 1 80  ? -3.514  9.912   -1.526  1.00 30.30 ? 80  TYR A CD2 1 
ATOM   583  C CE1 . TYR A 1 80  ? -1.464  11.411  -0.457  1.00 30.05 ? 80  TYR A CE1 1 
ATOM   584  C CE2 . TYR A 1 80  ? -3.128  11.076  -2.148  1.00 32.15 ? 80  TYR A CE2 1 
ATOM   585  C CZ  . TYR A 1 80  ? -2.107  11.824  -1.607  1.00 33.13 ? 80  TYR A CZ  1 
ATOM   586  O OH  . TYR A 1 80  ? -1.717  12.987  -2.227  1.00 40.36 ? 80  TYR A OH  1 
ATOM   587  N N   . LEU A 1 81  ? -2.473  5.470   1.786   1.00 22.31 ? 81  LEU A N   1 
ATOM   588  C CA  . LEU A 1 81  ? -2.987  4.445   2.686   1.00 22.76 ? 81  LEU A CA  1 
ATOM   589  C C   . LEU A 1 81  ? -3.213  5.090   4.048   1.00 22.06 ? 81  LEU A C   1 
ATOM   590  O O   . LEU A 1 81  ? -2.255  5.365   4.779   1.00 20.93 ? 81  LEU A O   1 
ATOM   591  C CB  . LEU A 1 81  ? -2.012  3.274   2.787   1.00 22.21 ? 81  LEU A CB  1 
ATOM   592  C CG  . LEU A 1 81  ? -2.486  2.101   3.636   1.00 22.73 ? 81  LEU A CG  1 
ATOM   593  C CD1 . LEU A 1 81  ? -3.678  1.448   2.930   1.00 23.76 ? 81  LEU A CD1 1 
ATOM   594  C CD2 . LEU A 1 81  ? -1.369  1.079   3.895   1.00 22.17 ? 81  LEU A CD2 1 
ATOM   595  N N   . GLN A 1 82  ? -4.472  5.340   4.386   1.00 21.80 ? 82  GLN A N   1 
ATOM   596  C CA  . GLN A 1 82  ? -4.816  5.889   5.692   1.00 20.84 ? 82  GLN A CA  1 
ATOM   597  C C   . GLN A 1 82  ? -5.032  4.733   6.659   1.00 21.98 ? 82  GLN A C   1 
ATOM   598  O O   . GLN A 1 82  ? -5.845  3.843   6.386   1.00 23.12 ? 82  GLN A O   1 
ATOM   599  C CB  . GLN A 1 82  ? -6.091  6.718   5.590   1.00 22.73 ? 82  GLN A CB  1 
ATOM   600  C CG  . GLN A 1 82  ? -6.535  7.302   6.937   1.00 23.90 ? 82  GLN A CG  1 
ATOM   601  C CD  . GLN A 1 82  ? -5.492  8.243   7.540   1.00 22.58 ? 82  GLN A CD  1 
ATOM   602  O OE1 . GLN A 1 82  ? -5.099  9.216   6.909   1.00 24.09 ? 82  GLN A OE1 1 
ATOM   603  N NE2 . GLN A 1 82  ? -5.030  7.937   8.753   1.00 20.31 ? 82  GLN A NE2 1 
ATOM   604  N N   . MET A 1 83  ? -4.311  4.725   7.772   1.00 18.84 ? 83  MET A N   1 
ATOM   605  C CA  . MET A 1 83  ? -4.446  3.676   8.775   1.00 22.44 ? 83  MET A CA  1 
ATOM   606  C C   . MET A 1 83  ? -4.968  4.290   10.064  1.00 23.95 ? 83  MET A C   1 
ATOM   607  O O   . MET A 1 83  ? -4.339  5.193   10.614  1.00 22.34 ? 83  MET A O   1 
ATOM   608  C CB  . MET A 1 83  ? -3.109  2.978   9.000   1.00 21.84 ? 83  MET A CB  1 
ATOM   609  C CG  . MET A 1 83  ? -2.533  2.425   7.701   1.00 22.20 ? 83  MET A CG  1 
ATOM   610  S SD  . MET A 1 83  ? -0.958  1.587   7.901   1.00 24.29 ? 83  MET A SD  1 
ATOM   611  C CE  . MET A 1 83  ? 0.107   3.004   8.025   1.00 24.34 ? 83  MET A CE  1 
ATOM   612  N N   . ASP A 1 84  ? -6.123  3.815   10.533  1.00 22.91 ? 84  ASP A N   1 
ATOM   613  C CA  . ASP A 1 84  ? -6.724  4.285   11.773  1.00 21.88 ? 84  ASP A CA  1 
ATOM   614  C C   . ASP A 1 84  ? -6.759  3.150   12.783  1.00 23.93 ? 84  ASP A C   1 
ATOM   615  O O   . ASP A 1 84  ? -6.784  1.975   12.413  1.00 27.21 ? 84  ASP A O   1 
ATOM   616  C CB  . ASP A 1 84  ? -8.155  4.775   11.547  1.00 24.76 ? 84  ASP A CB  1 
ATOM   617  C CG  . ASP A 1 84  ? -8.222  6.032   10.715  1.00 24.19 ? 84  ASP A CG  1 
ATOM   618  O OD1 . ASP A 1 84  ? -7.344  6.910   10.878  1.00 24.17 ? 84  ASP A OD1 1 
ATOM   619  O OD2 . ASP A 1 84  ? -9.162  6.158   9.895   1.00 26.81 ? 84  ASP A OD2 1 
ATOM   620  N N   . ASN A 1 85  ? -6.765  3.514   14.064  1.00 22.92 ? 85  ASN A N   1 
ATOM   621  C CA  . ASN A 1 85  ? -6.737  2.554   15.168  1.00 26.31 ? 85  ASN A CA  1 
ATOM   622  C C   . ASN A 1 85  ? -5.623  1.523   14.986  1.00 24.24 ? 85  ASN A C   1 
ATOM   623  O O   . ASN A 1 85  ? -5.844  0.308   14.943  1.00 27.09 ? 85  ASN A O   1 
ATOM   624  C CB  . ASN A 1 85  ? -8.100  1.896   15.393  1.00 27.17 ? 85  ASN A CB  1 
ATOM   625  C CG  . ASN A 1 85  ? -8.220  1.248   16.761  1.00 30.35 ? 85  ASN A CG  1 
ATOM   626  O OD1 . ASN A 1 85  ? -7.477  1.565   17.692  1.00 31.27 ? 85  ASN A OD1 1 
ATOM   627  N ND2 . ASN A 1 85  ? -9.162  0.322   16.883  1.00 33.55 ? 85  ASN A ND2 1 
ATOM   628  N N   . LEU A 1 86  ? -4.405  2.043   14.886  1.00 23.19 ? 86  LEU A N   1 
ATOM   629  C CA  . LEU A 1 86  ? -3.228  1.207   14.736  1.00 23.61 ? 86  LEU A CA  1 
ATOM   630  C C   . LEU A 1 86  ? -2.957  0.415   16.011  1.00 23.90 ? 86  LEU A C   1 
ATOM   631  O O   . LEU A 1 86  ? -3.248  0.860   17.126  1.00 23.81 ? 86  LEU A O   1 
ATOM   632  C CB  . LEU A 1 86  ? -2.025  2.079   14.369  1.00 23.39 ? 86  LEU A CB  1 
ATOM   633  C CG  . LEU A 1 86  ? -2.049  2.412   12.880  1.00 24.18 ? 86  LEU A CG  1 
ATOM   634  C CD1 . LEU A 1 86  ? -1.231  3.628   12.592  1.00 24.52 ? 86  LEU A CD1 1 
ATOM   635  C CD2 . LEU A 1 86  ? -1.507  1.233   12.108  1.00 24.95 ? 86  LEU A CD2 1 
ATOM   636  N N   . LYS A 1 87  ? -2.407  -0.776  15.832  1.00 26.39 ? 87  LYS A N   1 
ATOM   637  C CA  . LYS A 1 87  ? -2.143  -1.723  16.905  1.00 25.61 ? 87  LYS A CA  1 
ATOM   638  C C   . LYS A 1 87  ? -0.691  -2.164  16.805  1.00 26.78 ? 87  LYS A C   1 
ATOM   639  O O   . LYS A 1 87  ? -0.078  -2.058  15.739  1.00 25.97 ? 87  LYS A O   1 
ATOM   640  C CB  . LYS A 1 87  ? -3.074  -2.937  16.757  1.00 28.96 ? 87  LYS A CB  1 
ATOM   641  C CG  . LYS A 1 87  ? -4.531  -2.540  16.638  1.00 29.28 ? 87  LYS A CG  1 
ATOM   642  C CD  . LYS A 1 87  ? -5.441  -3.689  16.256  1.00 33.41 ? 87  LYS A CD  1 
ATOM   643  C CE  . LYS A 1 87  ? -6.834  -3.144  16.046  1.00 33.00 ? 87  LYS A CE  1 
ATOM   644  N NZ  . LYS A 1 87  ? -7.149  -2.144  17.104  1.00 37.82 ? 87  LYS A NZ  1 
ATOM   645  N N   . PRO A 1 88  ? -0.103  -2.631  17.909  1.00 29.36 ? 88  PRO A N   1 
ATOM   646  C CA  . PRO A 1 88  ? 1.316   -3.022  17.866  1.00 31.61 ? 88  PRO A CA  1 
ATOM   647  C C   . PRO A 1 88  ? 1.646   -4.021  16.771  1.00 30.14 ? 88  PRO A C   1 
ATOM   648  O O   . PRO A 1 88  ? 2.778   -4.023  16.268  1.00 31.95 ? 88  PRO A O   1 
ATOM   649  C CB  . PRO A 1 88  ? 1.557   -3.598  19.268  1.00 32.44 ? 88  PRO A CB  1 
ATOM   650  C CG  . PRO A 1 88  ? 0.560   -2.889  20.122  1.00 31.07 ? 88  PRO A CG  1 
ATOM   651  C CD  . PRO A 1 88  ? -0.661  -2.734  19.270  1.00 30.70 ? 88  PRO A CD  1 
ATOM   652  N N   . ASP A 1 89  ? 0.690   -4.857  16.366  1.00 30.59 ? 89  ASP A N   1 
ATOM   653  C CA  . ASP A 1 89  ? 0.911   -5.844  15.316  1.00 33.60 ? 89  ASP A CA  1 
ATOM   654  C C   . ASP A 1 89  ? 0.830   -5.262  13.910  1.00 32.11 ? 89  ASP A C   1 
ATOM   655  O O   . ASP A 1 89  ? 1.047   -5.991  12.938  1.00 32.07 ? 89  ASP A O   1 
ATOM   656  C CB  . ASP A 1 89  ? -0.051  -7.028  15.472  1.00 37.82 ? 89  ASP A CB  1 
ATOM   657  C CG  . ASP A 1 89  ? 0.396   -8.000  16.550  1.00 43.77 ? 89  ASP A CG  1 
ATOM   658  O OD1 . ASP A 1 89  ? 1.601   -7.992  16.909  1.00 42.71 ? 89  ASP A OD1 1 
ATOM   659  O OD2 . ASP A 1 89  ? -0.452  -8.776  17.037  1.00 47.09 ? 89  ASP A OD2 1 
ATOM   660  N N   . ASP A 1 90  ? 0.529   -3.975  13.772  1.00 26.80 ? 90  ASP A N   1 
ATOM   661  C CA  . ASP A 1 90  ? 0.673   -3.285  12.497  1.00 26.34 ? 90  ASP A CA  1 
ATOM   662  C C   . ASP A 1 90  ? 2.092   -2.776  12.268  1.00 23.40 ? 90  ASP A C   1 
ATOM   663  O O   . ASP A 1 90  ? 2.364   -2.212  11.206  1.00 24.89 ? 90  ASP A O   1 
ATOM   664  C CB  . ASP A 1 90  ? -0.302  -2.109  12.420  1.00 25.58 ? 90  ASP A CB  1 
ATOM   665  C CG  . ASP A 1 90  ? -1.751  -2.548  12.481  1.00 25.39 ? 90  ASP A CG  1 
ATOM   666  O OD1 . ASP A 1 90  ? -2.123  -3.477  11.742  1.00 27.83 ? 90  ASP A OD1 1 
ATOM   667  O OD2 . ASP A 1 90  ? -2.533  -1.962  13.258  1.00 26.96 ? 90  ASP A OD2 1 
ATOM   668  N N   . THR A 1 91  ? 2.986   -2.947  13.235  1.00 24.72 ? 91  THR A N   1 
ATOM   669  C CA  . THR A 1 91  ? 4.380   -2.567  13.046  1.00 23.43 ? 91  THR A CA  1 
ATOM   670  C C   . THR A 1 91  ? 4.993   -3.427  11.949  1.00 25.86 ? 91  THR A C   1 
ATOM   671  O O   . THR A 1 91  ? 4.930   -4.657  12.002  1.00 26.06 ? 91  THR A O   1 
ATOM   672  C CB  . THR A 1 91  ? 5.118   -2.766  14.365  1.00 25.33 ? 91  THR A CB  1 
ATOM   673  O OG1 . THR A 1 91  ? 4.590   -1.852  15.334  1.00 23.85 ? 91  THR A OG1 1 
ATOM   674  C CG2 . THR A 1 91  ? 6.612   -2.538  14.208  1.00 25.48 ? 91  THR A CG2 1 
ATOM   675  N N   . ALA A 1 92  ? 5.558   -2.774  10.936  1.00 22.52 ? 92  ALA A N   1 
ATOM   676  C CA  . ALA A 1 92  ? 6.063   -3.476  9.762   1.00 23.32 ? 92  ALA A CA  1 
ATOM   677  C C   . ALA A 1 92  ? 6.740   -2.465  8.844   1.00 23.90 ? 92  ALA A C   1 
ATOM   678  O O   . ALA A 1 92  ? 6.580   -1.249  8.997   1.00 23.62 ? 92  ALA A O   1 
ATOM   679  C CB  . ALA A 1 92  ? 4.916   -4.150  9.002   1.00 23.47 ? 92  ALA A CB  1 
ATOM   680  N N   . MET A 1 93  ? 7.491   -2.988  7.870   1.00 21.86 ? 93  MET A N   1 
ATOM   681  C CA  . MET A 1 93  ? 7.878   -2.209  6.700   1.00 23.90 ? 93  MET A CA  1 
ATOM   682  C C   . MET A 1 93  ? 6.756   -2.260  5.671   1.00 22.44 ? 93  MET A C   1 
ATOM   683  O O   . MET A 1 93  ? 6.306   -3.350  5.294   1.00 25.43 ? 93  MET A O   1 
ATOM   684  C CB  . MET A 1 93  ? 9.152   -2.787  6.079   1.00 25.88 ? 93  MET A CB  1 
ATOM   685  C CG  . MET A 1 93  ? 9.666   -2.027  4.845   1.00 25.18 ? 93  MET A CG  1 
ATOM   686  S SD  . MET A 1 93  ? 10.442  -0.435  5.226   1.00 29.76 ? 93  MET A SD  1 
ATOM   687  C CE  . MET A 1 93  ? 11.606  -0.982  6.458   1.00 35.62 ? 93  MET A CE  1 
ATOM   688  N N   . TYR A 1 94  ? 6.314   -1.098  5.214   1.00 21.61 ? 94  TYR A N   1 
ATOM   689  C CA  . TYR A 1 94  ? 5.223   -1.003  4.257   1.00 20.35 ? 94  TYR A CA  1 
ATOM   690  C C   . TYR A 1 94  ? 5.751   -0.677  2.867   1.00 23.38 ? 94  TYR A C   1 
ATOM   691  O O   . TYR A 1 94  ? 6.626   0.183   2.705   1.00 23.45 ? 94  TYR A O   1 
ATOM   692  C CB  . TYR A 1 94  ? 4.193   0.045   4.717   1.00 21.31 ? 94  TYR A CB  1 
ATOM   693  C CG  . TYR A 1 94  ? 3.337   -0.444  5.868   1.00 22.24 ? 94  TYR A CG  1 
ATOM   694  C CD1 . TYR A 1 94  ? 3.863   -0.579  7.144   1.00 20.19 ? 94  TYR A CD1 1 
ATOM   695  C CD2 . TYR A 1 94  ? 2.003   -0.792  5.669   1.00 21.80 ? 94  TYR A CD2 1 
ATOM   696  C CE1 . TYR A 1 94  ? 3.081   -1.057  8.206   1.00 18.86 ? 94  TYR A CE1 1 
ATOM   697  C CE2 . TYR A 1 94  ? 1.215   -1.261  6.713   1.00 21.13 ? 94  TYR A CE2 1 
ATOM   698  C CZ  . TYR A 1 94  ? 1.757   -1.395  7.968   1.00 21.35 ? 94  TYR A CZ  1 
ATOM   699  O OH  . TYR A 1 94  ? 0.976   -1.868  9.004   1.00 20.96 ? 94  TYR A OH  1 
ATOM   700  N N   . TYR A 1 95  ? 5.205   -1.359  1.857   1.00 22.17 ? 95  TYR A N   1 
ATOM   701  C CA  . TYR A 1 95  ? 5.627   -1.182  0.474   1.00 23.61 ? 95  TYR A CA  1 
ATOM   702  C C   . TYR A 1 95  ? 4.421   -0.929  -0.406  1.00 22.18 ? 95  TYR A C   1 
ATOM   703  O O   . TYR A 1 95  ? 3.354   -1.519  -0.201  1.00 22.83 ? 95  TYR A O   1 
ATOM   704  C CB  . TYR A 1 95  ? 6.286   -2.435  -0.088  1.00 23.47 ? 95  TYR A CB  1 
ATOM   705  C CG  . TYR A 1 95  ? 7.511   -2.872  0.639   1.00 26.75 ? 95  TYR A CG  1 
ATOM   706  C CD1 . TYR A 1 95  ? 7.422   -3.734  1.722   1.00 28.85 ? 95  TYR A CD1 1 
ATOM   707  C CD2 . TYR A 1 95  ? 8.764   -2.431  0.241   1.00 26.51 ? 95  TYR A CD2 1 
ATOM   708  C CE1 . TYR A 1 95  ? 8.550   -4.143  2.393   1.00 31.79 ? 95  TYR A CE1 1 
ATOM   709  C CE2 . TYR A 1 95  ? 9.901   -2.828  0.911   1.00 28.13 ? 95  TYR A CE2 1 
ATOM   710  C CZ  . TYR A 1 95  ? 9.784   -3.686  1.982   1.00 32.53 ? 95  TYR A CZ  1 
ATOM   711  O OH  . TYR A 1 95  ? 10.908  -4.090  2.655   1.00 38.43 ? 95  TYR A OH  1 
ATOM   712  N N   . CYS A 1 96  ? 4.603   -0.074  -1.400  1.00 21.08 ? 96  CYS A N   1 
ATOM   713  C CA  . CYS A 1 96  ? 3.656   0.082   -2.495  1.00 21.93 ? 96  CYS A CA  1 
ATOM   714  C C   . CYS A 1 96  ? 4.205   -0.637  -3.723  1.00 21.51 ? 96  CYS A C   1 
ATOM   715  O O   . CYS A 1 96  ? 5.413   -0.617  -3.977  1.00 21.70 ? 96  CYS A O   1 
ATOM   716  C CB  . CYS A 1 96  ? 3.437   1.565   -2.795  1.00 24.63 ? 96  CYS A CB  1 
ATOM   717  S SG  . CYS A 1 96  ? 2.111   1.931   -3.979  1.00 29.34 ? 96  CYS A SG  1 
ATOM   718  N N   . ALA A 1 97  ? 3.310   -1.267  -4.487  1.00 22.34 ? 97  ALA A N   1 
ATOM   719  C CA  . ALA A 1 97  ? 3.691   -2.014  -5.675  1.00 18.62 ? 97  ALA A CA  1 
ATOM   720  C C   . ALA A 1 97  ? 2.682   -1.746  -6.781  1.00 20.61 ? 97  ALA A C   1 
ATOM   721  O O   . ALA A 1 97  ? 1.538   -1.350  -6.523  1.00 20.99 ? 97  ALA A O   1 
ATOM   722  C CB  . ALA A 1 97  ? 3.748   -3.520  -5.402  1.00 19.97 ? 97  ALA A CB  1 
ATOM   723  N N   . ALA A 1 98  ? 3.108   -1.962  -8.029  1.00 19.73 ? 98  ALA A N   1 
ATOM   724  C CA  . ALA A 1 98  ? 2.269   -1.644  -9.180  1.00 19.79 ? 98  ALA A CA  1 
ATOM   725  C C   . ALA A 1 98  ? 2.374   -2.698  -10.279 1.00 16.97 ? 98  ALA A C   1 
ATOM   726  O O   . ALA A 1 98  ? 3.403   -3.375  -10.439 1.00 17.99 ? 98  ALA A O   1 
ATOM   727  C CB  . ALA A 1 98  ? 2.612   -0.256  -9.761  1.00 21.17 ? 98  ALA A CB  1 
ATOM   728  N N   . ARG A 1 99  ? 1.287   -2.823  -11.044 1.00 17.25 ? 99  ARG A N   1 
ATOM   729  C CA  . ARG A 1 99  ? 1.240   -3.691  -12.216 1.00 17.60 ? 99  ARG A CA  1 
ATOM   730  C C   . ARG A 1 99  ? 0.207   -3.167  -13.195 1.00 20.52 ? 99  ARG A C   1 
ATOM   731  O O   . ARG A 1 99  ? -0.921  -2.839  -12.800 1.00 19.80 ? 99  ARG A O   1 
ATOM   732  C CB  . ARG A 1 99  ? 0.868   -5.131  -11.827 1.00 18.54 ? 99  ARG A CB  1 
ATOM   733  C CG  . ARG A 1 99  ? 0.580   -6.010  -13.017 1.00 17.46 ? 99  ARG A CG  1 
ATOM   734  C CD  . ARG A 1 99  ? 0.447   -7.462  -12.587 1.00 19.14 ? 99  ARG A CD  1 
ATOM   735  N NE  . ARG A 1 99  ? 0.024   -8.284  -13.713 1.00 18.07 ? 99  ARG A NE  1 
ATOM   736  C CZ  . ARG A 1 99  ? 0.278   -9.582  -13.833 1.00 17.28 ? 99  ARG A CZ  1 
ATOM   737  N NH1 . ARG A 1 99  ? 0.980   -10.233 -12.926 1.00 17.49 ? 99  ARG A NH1 1 
ATOM   738  N NH2 . ARG A 1 99  ? -0.192  -10.237 -14.892 1.00 19.26 ? 99  ARG A NH2 1 
ATOM   739  N N   . SER A 1 100 ? 0.581   -3.117  -14.478 1.00 19.51 ? 100 SER A N   1 
ATOM   740  C CA  . SER A 1 100 ? -0.361  -2.783  -15.538 1.00 20.39 ? 100 SER A CA  1 
ATOM   741  C C   . SER A 1 100 ? -0.692  -3.941  -16.469 1.00 22.08 ? 100 SER A C   1 
ATOM   742  O O   . SER A 1 100 ? -1.777  -3.944  -17.053 1.00 22.38 ? 100 SER A O   1 
ATOM   743  C CB  . SER A 1 100 ? 0.164   -1.613  -16.380 1.00 23.40 ? 100 SER A CB  1 
ATOM   744  O OG  . SER A 1 100 ? 1.382   -1.971  -17.018 1.00 25.45 ? 100 SER A OG  1 
ATOM   745  N N   . ARG A 1 101 ? 0.192   -4.924  -16.625 1.00 22.29 ? 101 ARG A N   1 
ATOM   746  C CA  . ARG A 1 101 ? -0.068  -5.972  -17.607 1.00 20.94 ? 101 ARG A CA  1 
ATOM   747  C C   . ARG A 1 101 ? -1.219  -6.865  -17.159 1.00 22.66 ? 101 ARG A C   1 
ATOM   748  O O   . ARG A 1 101 ? -1.413  -7.115  -15.961 1.00 20.52 ? 101 ARG A O   1 
ATOM   749  C CB  . ARG A 1 101 ? 1.189   -6.793  -17.904 1.00 22.98 ? 101 ARG A CB  1 
ATOM   750  C CG  . ARG A 1 101 ? 1.758   -7.564  -16.737 1.00 22.65 ? 101 ARG A CG  1 
ATOM   751  C CD  . ARG A 1 101 ? 3.041   -8.286  -17.118 1.00 22.14 ? 101 ARG A CD  1 
ATOM   752  N NE  . ARG A 1 101 ? 3.716   -8.745  -15.914 1.00 21.30 ? 101 ARG A NE  1 
ATOM   753  C CZ  . ARG A 1 101 ? 3.691   -9.982  -15.442 1.00 20.93 ? 101 ARG A CZ  1 
ATOM   754  N NH1 . ARG A 1 101 ? 3.063   -10.962 -16.080 1.00 22.43 ? 101 ARG A NH1 1 
ATOM   755  N NH2 . ARG A 1 101 ? 4.313   -10.249 -14.297 1.00 21.84 ? 101 ARG A NH2 1 
ATOM   756  N N   . GLY A 1 102 ? -2.007  -7.321  -18.132 1.00 23.67 ? 102 GLY A N   1 
ATOM   757  C CA  . GLY A 1 102 ? -3.155  -8.154  -17.860 1.00 24.31 ? 102 GLY A CA  1 
ATOM   758  C C   . GLY A 1 102 ? -2.771  -9.607  -17.670 1.00 23.10 ? 102 GLY A C   1 
ATOM   759  O O   . GLY A 1 102 ? -1.605  -9.968  -17.484 1.00 22.03 ? 102 GLY A O   1 
ATOM   760  N N   . GLY A 1 103 ? -3.791  -10.451 -17.706 1.00 24.40 ? 103 GLY A N   1 
ATOM   761  C CA  . GLY A 1 103 ? -3.622  -11.883 -17.595 1.00 22.37 ? 103 GLY A CA  1 
ATOM   762  C C   . GLY A 1 103 ? -4.174  -12.450 -16.302 1.00 20.54 ? 103 GLY A C   1 
ATOM   763  O O   . GLY A 1 103 ? -5.033  -11.857 -15.636 1.00 20.65 ? 103 GLY A O   1 
ATOM   764  N N   . THR A 1 104 ? -3.657  -13.626 -15.942 1.00 19.89 ? 104 THR A N   1 
ATOM   765  C CA  . THR A 1 104 ? -4.104  -14.371 -14.769 1.00 19.46 ? 104 THR A CA  1 
ATOM   766  C C   . THR A 1 104 ? -3.121  -14.107 -13.635 1.00 19.77 ? 104 THR A C   1 
ATOM   767  O O   . THR A 1 104 ? -1.926  -14.409 -13.761 1.00 20.44 ? 104 THR A O   1 
ATOM   768  C CB  . THR A 1 104 ? -4.145  -15.861 -15.107 1.00 20.06 ? 104 THR A CB  1 
ATOM   769  O OG1 . THR A 1 104 ? -4.979  -16.060 -16.257 1.00 40.64 ? 104 THR A OG1 1 
ATOM   770  C CG2 . THR A 1 104 ? -4.702  -16.668 -13.971 1.00 23.08 ? 104 THR A CG2 1 
ATOM   771  N N   . TRP A 1 105 ? -3.612  -13.532 -12.534 1.00 18.98 ? 105 TRP A N   1 
ATOM   772  C CA  . TRP A 1 105 ? -2.741  -13.132 -11.428 1.00 18.93 ? 105 TRP A CA  1 
ATOM   773  C C   . TRP A 1 105 ? -3.597  -12.801 -10.218 1.00 21.27 ? 105 TRP A C   1 
ATOM   774  O O   . TRP A 1 105 ? -4.823  -12.711 -10.307 1.00 18.12 ? 105 TRP A O   1 
ATOM   775  C CB  . TRP A 1 105 ? -1.830  -11.961 -11.804 1.00 17.29 ? 105 TRP A CB  1 
ATOM   776  C CG  . TRP A 1 105 ? -2.480  -10.638 -12.148 1.00 17.13 ? 105 TRP A CG  1 
ATOM   777  C CD1 . TRP A 1 105 ? -3.176  -10.330 -13.279 1.00 19.89 ? 105 TRP A CD1 1 
ATOM   778  C CD2 . TRP A 1 105 ? -2.405  -9.431  -11.378 1.00 18.44 ? 105 TRP A CD2 1 
ATOM   779  N NE1 . TRP A 1 105 ? -3.551  -9.007  -13.256 1.00 20.27 ? 105 TRP A NE1 1 
ATOM   780  C CE2 . TRP A 1 105 ? -3.081  -8.432  -12.102 1.00 20.00 ? 105 TRP A CE2 1 
ATOM   781  C CE3 . TRP A 1 105 ? -1.845  -9.106  -10.136 1.00 18.90 ? 105 TRP A CE3 1 
ATOM   782  C CZ2 . TRP A 1 105 ? -3.217  -7.119  -11.622 1.00 21.16 ? 105 TRP A CZ2 1 
ATOM   783  C CZ3 . TRP A 1 105 ? -1.968  -7.802  -9.671  1.00 20.96 ? 105 TRP A CZ3 1 
ATOM   784  C CH2 . TRP A 1 105 ? -2.651  -6.833  -10.412 1.00 20.92 ? 105 TRP A CH2 1 
ATOM   785  N N   . ARG A 1 106 ? -2.931  -12.616 -9.076  1.00 17.69 ? 106 ARG A N   1 
ATOM   786  C CA  . ARG A 1 106 ? -3.583  -12.494 -7.774  1.00 19.28 ? 106 ARG A CA  1 
ATOM   787  C C   . ARG A 1 106 ? -3.228  -11.160 -7.131  1.00 18.73 ? 106 ARG A C   1 
ATOM   788  O O   . ARG A 1 106 ? -2.044  -10.840 -6.960  1.00 17.83 ? 106 ARG A O   1 
ATOM   789  C CB  . ARG A 1 106 ? -3.130  -13.636 -6.870  1.00 22.03 ? 106 ARG A CB  1 
ATOM   790  C CG  . ARG A 1 106 ? -3.364  -15.024 -7.475  1.00 23.39 ? 106 ARG A CG  1 
ATOM   791  C CD  . ARG A 1 106 ? -2.371  -16.067 -6.971  1.00 27.59 ? 106 ARG A CD  1 
ATOM   792  N NE  . ARG A 1 106 ? -1.021  -15.896 -7.507  1.00 29.68 ? 106 ARG A NE  1 
ATOM   793  C CZ  . ARG A 1 106 ? -0.043  -16.782 -7.353  1.00 31.21 ? 106 ARG A CZ  1 
ATOM   794  N NH1 . ARG A 1 106 ? -0.227  -17.906 -6.684  1.00 33.11 ? 106 ARG A NH1 1 
ATOM   795  N NH2 . ARG A 1 106 ? 1.153   -16.533 -7.887  1.00 33.99 ? 106 ARG A NH2 1 
ATOM   796  N N   . PHE A 1 107 ? -4.253  -10.411 -6.722  1.00 19.66 ? 107 PHE A N   1 
ATOM   797  C CA  . PHE A 1 107 ? -4.094  -8.997  -6.402  1.00 20.00 ? 107 PHE A CA  1 
ATOM   798  C C   . PHE A 1 107 ? -3.473  -8.725  -5.049  1.00 22.14 ? 107 PHE A C   1 
ATOM   799  O O   . PHE A 1 107 ? -3.018  -7.600  -4.834  1.00 20.37 ? 107 PHE A O   1 
ATOM   800  C CB  . PHE A 1 107 ? -5.428  -8.271  -6.532  1.00 21.07 ? 107 PHE A CB  1 
ATOM   801  C CG  . PHE A 1 107 ? -6.040  -8.470  -7.864  1.00 21.80 ? 107 PHE A CG  1 
ATOM   802  C CD1 . PHE A 1 107 ? -5.609  -7.729  -8.946  1.00 22.21 ? 107 PHE A CD1 1 
ATOM   803  C CD2 . PHE A 1 107 ? -6.975  -9.462  -8.067  1.00 24.79 ? 107 PHE A CD2 1 
ATOM   804  C CE1 . PHE A 1 107 ? -6.138  -7.932  -10.191 1.00 23.45 ? 107 PHE A CE1 1 
ATOM   805  C CE2 . PHE A 1 107 ? -7.501  -9.675  -9.314  1.00 22.68 ? 107 PHE A CE2 1 
ATOM   806  C CZ  . PHE A 1 107 ? -7.086  -8.911  -10.377 1.00 22.79 ? 107 PHE A CZ  1 
ATOM   807  N N   . LEU A 1 108 ? -3.465  -9.684  -4.130  1.00 20.80 ? 108 LEU A N   1 
ATOM   808  C CA  . LEU A 1 108 ? -2.768  -9.484  -2.868  1.00 22.17 ? 108 LEU A CA  1 
ATOM   809  C C   . LEU A 1 108 ? -1.519  -10.353 -2.750  1.00 21.75 ? 108 LEU A C   1 
ATOM   810  O O   . LEU A 1 108 ? -1.010  -10.553 -1.644  1.00 23.56 ? 108 LEU A O   1 
ATOM   811  C CB  . LEU A 1 108 ? -3.711  -9.631  -1.669  1.00 26.10 ? 108 LEU A CB  1 
ATOM   812  C CG  . LEU A 1 108 ? -4.789  -8.552  -1.480  1.00 30.41 ? 108 LEU A CG  1 
ATOM   813  C CD1 . LEU A 1 108 ? -5.402  -8.777  -0.122  1.00 32.00 ? 108 LEU A CD1 1 
ATOM   814  C CD2 . LEU A 1 108 ? -4.265  -7.109  -1.583  1.00 28.40 ? 108 LEU A CD2 1 
ATOM   815  N N   . ASN A 1 109 ? -0.996  -10.841 -3.873  1.00 20.50 ? 109 ASN A N   1 
ATOM   816  C CA  . ASN A 1 109 ? 0.167   -11.721 -3.917  1.00 21.36 ? 109 ASN A CA  1 
ATOM   817  C C   . ASN A 1 109 ? 1.369   -10.912 -4.384  1.00 19.88 ? 109 ASN A C   1 
ATOM   818  O O   . ASN A 1 109 ? 1.414   -10.472 -5.538  1.00 18.22 ? 109 ASN A O   1 
ATOM   819  C CB  . ASN A 1 109 ? -0.085  -12.892 -4.871  1.00 22.26 ? 109 ASN A CB  1 
ATOM   820  C CG  . ASN A 1 109 ? 1.161   -13.759 -5.110  1.00 23.58 ? 109 ASN A CG  1 
ATOM   821  O OD1 . ASN A 1 109 ? 2.045   -13.858 -4.273  1.00 22.83 ? 109 ASN A OD1 1 
ATOM   822  N ND2 . ASN A 1 109 ? 1.217   -14.394 -6.272  1.00 27.32 ? 109 ASN A ND2 1 
ATOM   823  N N   . SER A 1 110 ? 2.349   -10.759 -3.496  1.00 18.25 ? 110 SER A N   1 
ATOM   824  C CA  . SER A 1 110 ? 3.544   -9.970  -3.785  1.00 18.87 ? 110 SER A CA  1 
ATOM   825  C C   . SER A 1 110 ? 4.238   -10.428 -5.055  1.00 19.57 ? 110 SER A C   1 
ATOM   826  O O   . SER A 1 110 ? 4.783   -9.598  -5.800  1.00 18.77 ? 110 SER A O   1 
ATOM   827  C CB  . SER A 1 110 ? 4.521   -10.113 -2.621  1.00 20.69 ? 110 SER A CB  1 
ATOM   828  O OG  . SER A 1 110 ? 4.941   -11.463 -2.493  1.00 23.62 ? 110 SER A OG  1 
ATOM   829  N N   . ASN A 1 111 ? 4.209   -11.737 -5.324  1.00 18.42 ? 111 ASN A N   1 
ATOM   830  C CA  . ASN A 1 111 ? 4.938   -12.299 -6.456  1.00 16.90 ? 111 ASN A CA  1 
ATOM   831  C C   . ASN A 1 111 ? 4.386   -11.845 -7.792  1.00 19.73 ? 111 ASN A C   1 
ATOM   832  O O   . ASN A 1 111 ? 5.074   -11.978 -8.806  1.00 19.57 ? 111 ASN A O   1 
ATOM   833  C CB  . ASN A 1 111 ? 4.865   -13.821 -6.395  1.00 19.01 ? 111 ASN A CB  1 
ATOM   834  C CG  . ASN A 1 111 ? 5.435   -14.370 -5.116  1.00 19.24 ? 111 ASN A CG  1 
ATOM   835  O OD1 . ASN A 1 111 ? 4.770   -15.103 -4.383  1.00 26.14 ? 111 ASN A OD1 1 
ATOM   836  N ND2 . ASN A 1 111 ? 6.669   -14.015 -4.837  1.00 19.11 ? 111 ASN A ND2 1 
ATOM   837  N N   . ASP A 1 112 ? 3.167   -11.314 -7.825  1.00 17.76 ? 112 ASP A N   1 
ATOM   838  C CA  . ASP A 1 112 ? 2.559   -10.967 -9.099  1.00 19.02 ? 112 ASP A CA  1 
ATOM   839  C C   . ASP A 1 112 ? 2.700   -9.490  -9.469  1.00 19.16 ? 112 ASP A C   1 
ATOM   840  O O   . ASP A 1 112 ? 2.287   -9.104  -10.560 1.00 18.12 ? 112 ASP A O   1 
ATOM   841  C CB  . ASP A 1 112 ? 1.089   -11.410 -9.112  1.00 16.69 ? 112 ASP A CB  1 
ATOM   842  C CG  . ASP A 1 112 ? 0.942   -12.912 -9.167  1.00 21.97 ? 112 ASP A CG  1 
ATOM   843  O OD1 . ASP A 1 112 ? 1.944   -13.611 -9.416  1.00 27.43 ? 112 ASP A OD1 1 
ATOM   844  O OD2 . ASP A 1 112 ? -0.164  -13.426 -8.949  1.00 19.60 ? 112 ASP A OD2 1 
ATOM   845  N N   . TYR A 1 113 ? 3.272   -8.653  -8.605  1.00 16.54 ? 113 TYR A N   1 
ATOM   846  C CA  . TYR A 1 113 ? 3.452   -7.241  -8.921  1.00 18.19 ? 113 TYR A CA  1 
ATOM   847  C C   . TYR A 1 113 ? 4.812   -6.987  -9.546  1.00 21.69 ? 113 TYR A C   1 
ATOM   848  O O   . TYR A 1 113 ? 5.803   -7.617  -9.172  1.00 25.33 ? 113 TYR A O   1 
ATOM   849  C CB  . TYR A 1 113 ? 3.272   -6.389  -7.669  1.00 18.50 ? 113 TYR A CB  1 
ATOM   850  C CG  . TYR A 1 113 ? 1.825   -6.223  -7.351  1.00 18.25 ? 113 TYR A CG  1 
ATOM   851  C CD1 . TYR A 1 113 ? 1.131   -7.217  -6.666  1.00 19.15 ? 113 TYR A CD1 1 
ATOM   852  C CD2 . TYR A 1 113 ? 1.135   -5.087  -7.761  1.00 17.46 ? 113 TYR A CD2 1 
ATOM   853  C CE1 . TYR A 1 113 ? -0.215  -7.076  -6.402  1.00 18.60 ? 113 TYR A CE1 1 
ATOM   854  C CE2 . TYR A 1 113 ? -0.206  -4.941  -7.511  1.00 19.03 ? 113 TYR A CE2 1 
ATOM   855  C CZ  . TYR A 1 113 ? -0.873  -5.943  -6.839  1.00 16.93 ? 113 TYR A CZ  1 
ATOM   856  O OH  . TYR A 1 113 ? -2.217  -5.780  -6.580  1.00 19.53 ? 113 TYR A OH  1 
ATOM   857  N N   . ASP A 1 114 ? 4.846   -6.047  -10.491 1.00 18.41 ? 114 ASP A N   1 
ATOM   858  C CA  . ASP A 1 114 ? 6.059   -5.805  -11.268 1.00 21.87 ? 114 ASP A CA  1 
ATOM   859  C C   . ASP A 1 114 ? 6.954   -4.727  -10.673 1.00 22.46 ? 114 ASP A C   1 
ATOM   860  O O   . ASP A 1 114 ? 8.181   -4.882  -10.668 1.00 23.02 ? 114 ASP A O   1 
ATOM   861  C CB  . ASP A 1 114 ? 5.718   -5.451  -12.716 1.00 21.84 ? 114 ASP A CB  1 
ATOM   862  C CG  . ASP A 1 114 ? 5.226   -6.640  -13.512 1.00 23.18 ? 114 ASP A CG  1 
ATOM   863  O OD1 . ASP A 1 114 ? 4.566   -6.407  -14.541 1.00 23.47 ? 114 ASP A OD1 1 
ATOM   864  O OD2 . ASP A 1 114 ? 5.491   -7.797  -13.116 1.00 22.81 ? 114 ASP A OD2 1 
ATOM   865  N N   . TYR A 1 115 ? 6.381   -3.643  -10.166 1.00 19.89 ? 115 TYR A N   1 
ATOM   866  C CA  . TYR A 1 115 ? 7.171   -2.477  -9.792  1.00 19.90 ? 115 TYR A CA  1 
ATOM   867  C C   . TYR A 1 115 ? 7.006   -2.223  -8.306  1.00 22.21 ? 115 TYR A C   1 
ATOM   868  O O   . TYR A 1 115 ? 5.917   -2.413  -7.757  1.00 20.26 ? 115 TYR A O   1 
ATOM   869  C CB  . TYR A 1 115 ? 6.755   -1.265  -10.636 1.00 22.49 ? 115 TYR A CB  1 
ATOM   870  C CG  . TYR A 1 115 ? 6.772   -1.617  -12.107 1.00 22.06 ? 115 TYR A CG  1 
ATOM   871  C CD1 . TYR A 1 115 ? 7.964   -1.969  -12.737 1.00 28.03 ? 115 TYR A CD1 1 
ATOM   872  C CD2 . TYR A 1 115 ? 5.603   -1.664  -12.846 1.00 24.34 ? 115 TYR A CD2 1 
ATOM   873  C CE1 . TYR A 1 115 ? 7.987   -2.325  -14.076 1.00 29.51 ? 115 TYR A CE1 1 
ATOM   874  C CE2 . TYR A 1 115 ? 5.623   -2.016  -14.183 1.00 25.59 ? 115 TYR A CE2 1 
ATOM   875  C CZ  . TYR A 1 115 ? 6.813   -2.352  -14.784 1.00 28.24 ? 115 TYR A CZ  1 
ATOM   876  O OH  . TYR A 1 115 ? 6.815   -2.699  -16.113 1.00 28.37 ? 115 TYR A OH  1 
ATOM   877  N N   . TRP A 1 116 ? 8.095   -1.823  -7.657  1.00 20.38 ? 116 TRP A N   1 
ATOM   878  C CA  . TRP A 1 116 ? 8.142   -1.772  -6.203  1.00 20.45 ? 116 TRP A CA  1 
ATOM   879  C C   . TRP A 1 116 ? 8.781   -0.479  -5.740  1.00 22.76 ? 116 TRP A C   1 
ATOM   880  O O   . TRP A 1 116 ? 9.736   0.006   -6.354  1.00 24.21 ? 116 TRP A O   1 
ATOM   881  C CB  . TRP A 1 116 ? 8.917   -2.959  -5.617  1.00 22.40 ? 116 TRP A CB  1 
ATOM   882  C CG  . TRP A 1 116 ? 8.128   -4.227  -5.704  1.00 20.84 ? 116 TRP A CG  1 
ATOM   883  C CD1 . TRP A 1 116 ? 8.065   -5.065  -6.769  1.00 20.60 ? 116 TRP A CD1 1 
ATOM   884  C CD2 . TRP A 1 116 ? 7.261   -4.779  -4.701  1.00 21.16 ? 116 TRP A CD2 1 
ATOM   885  N NE1 . TRP A 1 116 ? 7.224   -6.120  -6.494  1.00 20.14 ? 116 TRP A NE1 1 
ATOM   886  C CE2 . TRP A 1 116 ? 6.713   -5.964  -5.231  1.00 20.62 ? 116 TRP A CE2 1 
ATOM   887  C CE3 . TRP A 1 116 ? 6.901   -4.391  -3.401  1.00 21.79 ? 116 TRP A CE3 1 
ATOM   888  C CZ2 . TRP A 1 116 ? 5.823   -6.764  -4.516  1.00 19.91 ? 116 TRP A CZ2 1 
ATOM   889  C CZ3 . TRP A 1 116 ? 6.007   -5.183  -2.689  1.00 22.88 ? 116 TRP A CZ3 1 
ATOM   890  C CH2 . TRP A 1 116 ? 5.486   -6.362  -3.246  1.00 21.90 ? 116 TRP A CH2 1 
ATOM   891  N N   . GLY A 1 117 ? 8.256   0.063   -4.647  1.00 22.79 ? 117 GLY A N   1 
ATOM   892  C CA  . GLY A 1 117 ? 8.923   1.144   -3.954  1.00 23.06 ? 117 GLY A CA  1 
ATOM   893  C C   . GLY A 1 117 ? 10.013  0.615   -3.040  1.00 26.79 ? 117 GLY A C   1 
ATOM   894  O O   . GLY A 1 117 ? 10.350  -0.569  -3.033  1.00 29.07 ? 117 GLY A O   1 
ATOM   895  N N   . GLN A 1 118 ? 10.571  1.522   -2.247  1.00 23.21 ? 118 GLN A N   1 
ATOM   896  C CA  . GLN A 1 118 ? 11.706  1.193   -1.398  1.00 24.19 ? 118 GLN A CA  1 
ATOM   897  C C   . GLN A 1 118 ? 11.300  0.773   0.006   1.00 26.33 ? 118 GLN A C   1 
ATOM   898  O O   . GLN A 1 118 ? 12.146  0.289   0.766   1.00 28.30 ? 118 GLN A O   1 
ATOM   899  C CB  . GLN A 1 118 ? 12.682  2.380   -1.329  1.00 26.58 ? 118 GLN A CB  1 
ATOM   900  C CG  . GLN A 1 118 ? 12.333  3.450   -0.292  1.00 31.28 ? 118 GLN A CG  1 
ATOM   901  C CD  . GLN A 1 118 ? 11.235  4.408   -0.730  1.00 31.45 ? 118 GLN A CD  1 
ATOM   902  O OE1 . GLN A 1 118 ? 10.837  4.440   -1.901  1.00 35.36 ? 118 GLN A OE1 1 
ATOM   903  N NE2 . GLN A 1 118 ? 10.746  5.210   0.216   1.00 29.92 ? 118 GLN A NE2 1 
ATOM   904  N N   . GLY A 1 119 ? 10.038  0.945   0.359   1.00 23.25 ? 119 GLY A N   1 
ATOM   905  C CA  . GLY A 1 119 ? 9.641   0.661   1.728   1.00 22.96 ? 119 GLY A CA  1 
ATOM   906  C C   . GLY A 1 119 ? 9.642   1.903   2.596   1.00 25.93 ? 119 GLY A C   1 
ATOM   907  O O   . GLY A 1 119 ? 10.471  2.807   2.457   1.00 26.92 ? 119 GLY A O   1 
ATOM   908  N N   . THR A 1 120 ? 8.684   1.944   3.514   1.00 25.12 ? 120 THR A N   1 
ATOM   909  C CA  . THR A 1 120 ? 8.672   2.953   4.567   1.00 25.04 ? 120 THR A CA  1 
ATOM   910  C C   . THR A 1 120 ? 8.199   2.276   5.854   1.00 22.43 ? 120 THR A C   1 
ATOM   911  O O   . THR A 1 120 ? 7.260   1.477   5.833   1.00 22.16 ? 120 THR A O   1 
ATOM   912  C CB  . THR A 1 120 ? 7.843   4.180   4.134   1.00 23.29 ? 120 THR A CB  1 
ATOM   913  O OG1 . THR A 1 120 ? 7.964   5.237   5.098   1.00 24.23 ? 120 THR A OG1 1 
ATOM   914  C CG2 . THR A 1 120 ? 6.368   3.838   3.966   1.00 20.46 ? 120 THR A CG2 1 
ATOM   915  N N   . GLN A 1 121 ? 8.887   2.528   6.963   1.00 22.71 ? 121 GLN A N   1 
ATOM   916  C CA  . GLN A 1 121 ? 8.661   1.777   8.194   1.00 24.14 ? 121 GLN A CA  1 
ATOM   917  C C   . GLN A 1 121 ? 7.608   2.435   9.085   1.00 20.78 ? 121 GLN A C   1 
ATOM   918  O O   . GLN A 1 121 ? 7.600   3.655   9.251   1.00 20.17 ? 121 GLN A O   1 
ATOM   919  C CB  . GLN A 1 121 ? 9.977   1.744   8.966   1.00 27.99 ? 121 GLN A CB  1 
ATOM   920  C CG  . GLN A 1 121 ? 10.160  0.570   9.851   1.00 30.42 ? 121 GLN A CG  1 
ATOM   921  C CD  . GLN A 1 121 ? 11.578  0.044   9.785   1.00 34.81 ? 121 GLN A CD  1 
ATOM   922  O OE1 . GLN A 1 121 ? 12.544  0.816   9.814   1.00 36.26 ? 121 GLN A OE1 1 
ATOM   923  N NE2 . GLN A 1 121 ? 11.712  -1.277  9.666   1.00 40.45 ? 121 GLN A NE2 1 
ATOM   924  N N   . VAL A 1 122 ? 6.742   1.617   9.693   1.00 18.59 ? 122 VAL A N   1 
ATOM   925  C CA  . VAL A 1 122 ? 5.767   2.078   10.686  1.00 20.22 ? 122 VAL A CA  1 
ATOM   926  C C   . VAL A 1 122 ? 6.000   1.330   11.997  1.00 22.81 ? 122 VAL A C   1 
ATOM   927  O O   . VAL A 1 122 ? 6.092   0.096   12.008  1.00 21.99 ? 122 VAL A O   1 
ATOM   928  C CB  . VAL A 1 122 ? 4.327   1.860   10.194  1.00 20.24 ? 122 VAL A CB  1 
ATOM   929  C CG1 . VAL A 1 122 ? 3.343   2.213   11.284  1.00 22.15 ? 122 VAL A CG1 1 
ATOM   930  C CG2 . VAL A 1 122 ? 4.089   2.717   8.985   1.00 20.24 ? 122 VAL A CG2 1 
ATOM   931  N N   . ALA A 1 123 ? 6.080   2.069   13.108  1.00 19.44 ? 123 ALA A N   1 
ATOM   932  C CA  . ALA A 1 123 ? 6.227   1.465   14.427  1.00 22.03 ? 123 ALA A CA  1 
ATOM   933  C C   . ALA A 1 123 ? 5.110   1.959   15.338  1.00 22.93 ? 123 ALA A C   1 
ATOM   934  O O   . ALA A 1 123 ? 4.884   3.171   15.458  1.00 21.22 ? 123 ALA A O   1 
ATOM   935  C CB  . ALA A 1 123 ? 7.600   1.793   15.015  1.00 21.27 ? 123 ALA A CB  1 
ATOM   936  N N   . VAL A 1 124 ? 4.399   1.028   15.962  1.00 20.74 ? 124 VAL A N   1 
ATOM   937  C CA  . VAL A 1 124 ? 3.266   1.350   16.828  1.00 22.53 ? 124 VAL A CA  1 
ATOM   938  C C   . VAL A 1 124 ? 3.679   1.095   18.274  1.00 24.60 ? 124 VAL A C   1 
ATOM   939  O O   . VAL A 1 124 ? 3.951   -0.049  18.667  1.00 26.51 ? 124 VAL A O   1 
ATOM   940  C CB  . VAL A 1 124 ? 2.008   0.561   16.445  1.00 22.69 ? 124 VAL A CB  1 
ATOM   941  C CG1 . VAL A 1 124 ? 0.831   1.007   17.299  1.00 22.68 ? 124 VAL A CG1 1 
ATOM   942  C CG2 . VAL A 1 124 ? 1.693   0.745   14.966  1.00 22.00 ? 124 VAL A CG2 1 
ATOM   943  N N   . SER A 1 125 ? 3.746   2.164   19.065  1.00 24.62 ? 125 SER A N   1 
ATOM   944  C CA  . SER A 1 125 ? 4.102   2.060   20.472  1.00 28.03 ? 125 SER A CA  1 
ATOM   945  C C   . SER A 1 125 ? 2.849   1.947   21.338  1.00 30.45 ? 125 SER A C   1 
ATOM   946  O O   . SER A 1 125 ? 1.740   2.290   20.925  1.00 29.77 ? 125 SER A O   1 
ATOM   947  C CB  . SER A 1 125 ? 4.939   3.264   20.904  1.00 29.56 ? 125 SER A CB  1 
ATOM   948  O OG  . SER A 1 125 ? 4.275   4.488   20.635  1.00 33.01 ? 125 SER A OG  1 
ATOM   949  N N   . SER A 1 126 ? 3.039   1.455   22.558  1.00 37.76 ? 126 SER A N   1 
ATOM   950  C CA  . SER A 1 126 ? 1.906   1.277   23.467  1.00 38.18 ? 126 SER A CA  1 
ATOM   951  C C   . SER A 1 126 ? 2.107   2.062   24.756  1.00 43.13 ? 126 SER A C   1 
ATOM   952  O O   . SER A 1 126 ? 3.129   2.724   24.936  1.00 43.99 ? 126 SER A O   1 
ATOM   953  C CB  . SER A 1 126 ? 1.672   -0.206  23.763  1.00 39.07 ? 126 SER A CB  1 
ATOM   954  O OG  . SER A 1 126 ? 2.861   -0.833  24.216  1.00 46.63 ? 126 SER A OG  1 
HETATM 955  O O   . HOH B 2 .   ? -2.467  13.088  2.565   1.00 39.19 ? 201 HOH A O   1 
HETATM 956  O O   . HOH B 2 .   ? -0.257  -16.110 -9.509  1.00 32.04 ? 202 HOH A O   1 
HETATM 957  O O   . HOH B 2 .   ? 6.547   5.631   -21.359 1.00 50.98 ? 203 HOH A O   1 
HETATM 958  O O   . HOH B 2 .   ? -6.570  10.255  4.593   1.00 36.95 ? 204 HOH A O   1 
HETATM 959  O O   . HOH B 2 .   ? -13.717 -1.865  -0.996  1.00 37.80 ? 205 HOH A O   1 
HETATM 960  O O   . HOH B 2 .   ? 2.457   -5.980  10.938  1.00 34.36 ? 206 HOH A O   1 
HETATM 961  O O   . HOH B 2 .   ? -8.237  -7.327  -0.514  1.00 44.76 ? 207 HOH A O   1 
HETATM 962  O O   . HOH B 2 .   ? 13.591  2.833   8.723   1.00 32.12 ? 208 HOH A O   1 
HETATM 963  O O   . HOH B 2 .   ? 3.193   -17.186 -6.486  1.00 38.51 ? 209 HOH A O   1 
HETATM 964  O O   . HOH B 2 .   ? 4.711   -2.422  18.047  1.00 42.39 ? 210 HOH A O   1 
HETATM 965  O O   . HOH B 2 .   ? 0.639   9.762   12.581  1.00 23.66 ? 211 HOH A O   1 
HETATM 966  O O   . HOH B 2 .   ? 9.916   0.683   -10.872 1.00 34.64 ? 212 HOH A O   1 
HETATM 967  O O   . HOH B 2 .   ? 4.399   9.689   9.927   1.00 25.88 ? 213 HOH A O   1 
HETATM 968  O O   . HOH B 2 .   ? -3.677  -11.104 5.336   1.00 34.24 ? 214 HOH A O   1 
HETATM 969  O O   . HOH B 2 .   ? 4.153   -14.834 -10.170 1.00 34.84 ? 215 HOH A O   1 
HETATM 970  O O   . HOH B 2 .   ? 10.200  1.902   -8.154  1.00 29.23 ? 216 HOH A O   1 
HETATM 971  O O   . HOH B 2 .   ? -4.507  -1.448  -16.937 1.00 37.14 ? 217 HOH A O   1 
HETATM 972  O O   . HOH B 2 .   ? -11.756 2.214   -0.300  1.00 44.78 ? 218 HOH A O   1 
HETATM 973  O O   . HOH B 2 .   ? -2.350  -10.160 9.314   1.00 40.02 ? 219 HOH A O   1 
HETATM 974  O O   . HOH B 2 .   ? 5.590   -12.490 -0.115  1.00 24.63 ? 220 HOH A O   1 
HETATM 975  O O   . HOH B 2 .   ? 1.863   -9.411  8.513   1.00 38.28 ? 221 HOH A O   1 
HETATM 976  O O   . HOH B 2 .   ? 3.589   -0.440  -17.703 1.00 46.77 ? 222 HOH A O   1 
HETATM 977  O O   . HOH B 2 .   ? 10.410  6.363   5.349   1.00 24.49 ? 223 HOH A O   1 
HETATM 978  O O   . HOH B 2 .   ? -11.080 -9.342  10.203  1.00 40.38 ? 224 HOH A O   1 
HETATM 979  O O   . HOH B 2 .   ? -6.978  -13.410 -8.828  1.00 22.41 ? 225 HOH A O   1 
HETATM 980  O O   . HOH B 2 .   ? 2.956   12.686  -3.609  1.00 39.21 ? 226 HOH A O   1 
HETATM 981  O O   . HOH B 2 .   ? 9.160   -7.273  -9.797  1.00 26.35 ? 227 HOH A O   1 
HETATM 982  O O   . HOH B 2 .   ? 2.741   10.033  7.741   1.00 41.00 ? 228 HOH A O   1 
HETATM 983  O O   . HOH B 2 .   ? 7.528   -9.587  -10.001 1.00 33.75 ? 229 HOH A O   1 
HETATM 984  O O   . HOH B 2 .   ? -3.452  -10.792 2.662   1.00 32.93 ? 230 HOH A O   1 
HETATM 985  O O   . HOH B 2 .   ? 2.977   -4.361  -15.483 1.00 20.50 ? 231 HOH A O   1 
HETATM 986  O O   . HOH B 2 .   ? 4.529   -3.233  -17.572 1.00 29.83 ? 232 HOH A O   1 
HETATM 987  O O   . HOH B 2 .   ? 0.902   -10.859 -18.234 1.00 24.32 ? 233 HOH A O   1 
HETATM 988  O O   . HOH B 2 .   ? 6.570   9.927   -1.702  1.00 27.57 ? 234 HOH A O   1 
HETATM 989  O O   . HOH B 2 .   ? 5.903   -9.889  -11.353 1.00 28.53 ? 235 HOH A O   1 
HETATM 990  O O   . HOH B 2 .   ? 8.388   8.718   -7.839  1.00 34.98 ? 236 HOH A O   1 
HETATM 991  O O   . HOH B 2 .   ? -8.972  4.661   7.527   1.00 29.48 ? 237 HOH A O   1 
HETATM 992  O O   . HOH B 2 .   ? -9.103  -4.409  10.927  1.00 31.51 ? 238 HOH A O   1 
HETATM 993  O O   . HOH B 2 .   ? 0.632   0.885   -18.708 1.00 40.80 ? 239 HOH A O   1 
HETATM 994  O O   . HOH B 2 .   ? -7.861  -11.625 4.120   1.00 35.36 ? 240 HOH A O   1 
HETATM 995  O O   . HOH B 2 .   ? -6.828  7.020   1.860   1.00 29.73 ? 241 HOH A O   1 
HETATM 996  O O   . HOH B 2 .   ? -3.521  -6.351  11.389  1.00 34.24 ? 242 HOH A O   1 
HETATM 997  O O   . HOH B 2 .   ? 4.221   -9.461  7.170   1.00 32.08 ? 243 HOH A O   1 
HETATM 998  O O   . HOH B 2 .   ? 8.589   10.020  4.741   1.00 24.39 ? 244 HOH A O   1 
HETATM 999  O O   . HOH B 2 .   ? 9.602   8.580   6.922   1.00 21.72 ? 245 HOH A O   1 
HETATM 1000 O O   . HOH B 2 .   ? 6.149   -6.304  -16.943 1.00 25.11 ? 246 HOH A O   1 
HETATM 1001 O O   . HOH B 2 .   ? 1.787   -12.975 -12.587 1.00 28.13 ? 247 HOH A O   1 
HETATM 1002 O O   . HOH B 2 .   ? 11.368  3.997   6.856   1.00 24.36 ? 248 HOH A O   1 
HETATM 1003 O O   . HOH B 2 .   ? 1.904   10.673  3.971   1.00 30.91 ? 249 HOH A O   1 
HETATM 1004 O O   . HOH B 2 .   ? -0.843  -11.767 1.307   1.00 33.11 ? 250 HOH A O   1 
HETATM 1005 O O   . HOH B 2 .   ? 0.166   -13.115 -15.298 1.00 23.80 ? 251 HOH A O   1 
HETATM 1006 O O   . HOH B 2 .   ? -2.134  9.672   15.358  1.00 23.23 ? 252 HOH A O   1 
HETATM 1007 O O   . HOH B 2 .   ? 3.455   9.786   12.649  1.00 27.32 ? 253 HOH A O   1 
HETATM 1008 O O   . HOH B 2 .   ? 1.989   -11.650 -0.717  1.00 26.76 ? 254 HOH A O   1 
HETATM 1009 O O   . HOH B 2 .   ? -6.356  -18.626 -16.752 1.00 37.63 ? 255 HOH A O   1 
HETATM 1010 O O   . HOH B 2 .   ? 9.782   -5.646  9.680   1.00 43.26 ? 256 HOH A O   1 
HETATM 1011 O O   . HOH B 2 .   ? 1.025   10.286  8.971   1.00 32.15 ? 257 HOH A O   1 
HETATM 1012 O O   . HOH B 2 .   ? -4.776  -3.661  -17.113 1.00 41.35 ? 258 HOH A O   1 
HETATM 1013 O O   . HOH B 2 .   ? -1.381  -5.793  18.355  1.00 34.34 ? 259 HOH A O   1 
HETATM 1014 O O   . HOH B 2 .   ? -3.219  -4.210  -19.705 1.00 37.26 ? 260 HOH A O   1 
HETATM 1015 O O   . HOH B 2 .   ? 3.603   10.506  16.252  1.00 34.21 ? 261 HOH A O   1 
HETATM 1016 O O   . HOH B 2 .   ? 0.148   -15.263 -11.683 1.00 33.15 ? 262 HOH A O   1 
HETATM 1017 O O   . HOH B 2 .   ? -6.112  -11.051 6.388   1.00 32.61 ? 263 HOH A O   1 
HETATM 1018 O O   . HOH B 2 .   ? 13.850  -3.525  9.342   1.00 44.84 ? 264 HOH A O   1 
HETATM 1019 O O   . HOH B 2 .   ? -2.648  8.654   -16.426 1.00 39.27 ? 265 HOH A O   1 
HETATM 1020 O O   . HOH B 2 .   ? 3.712   11.439  2.960   1.00 41.12 ? 266 HOH A O   1 
HETATM 1021 O O   . HOH B 2 .   ? 4.413   -17.355 -7.915  1.00 40.20 ? 267 HOH A O   1 
HETATM 1022 O O   . HOH B 2 .   ? 2.316   -17.517 -3.962  1.00 36.34 ? 268 HOH A O   1 
HETATM 1023 O O   . HOH B 2 .   ? 3.223   -19.298 -7.275  1.00 35.60 ? 269 HOH A O   1 
HETATM 1024 O O   . HOH B 2 .   ? -2.423  -16.791 -10.738 1.00 26.34 ? 270 HOH A O   1 
HETATM 1025 O O   . HOH B 2 .   ? 5.658   12.513  4.644   1.00 37.65 ? 271 HOH A O   1 
HETATM 1026 O O   . HOH B 2 .   ? 9.923   -14.679 5.597   1.00 47.28 ? 272 HOH A O   1 
HETATM 1027 O O   . HOH B 2 .   ? -0.641  -14.098 -0.618  1.00 51.59 ? 273 HOH A O   1 
HETATM 1028 O O   . HOH B 2 .   ? -5.896  13.212  5.167   1.00 48.44 ? 274 HOH A O   1 
HETATM 1029 O O   . HOH B 2 .   ? 9.387   -7.040  -13.580 1.00 52.42 ? 275 HOH A O   1 
HETATM 1030 O O   . HOH B 2 .   ? 3.673   -14.023 -18.281 1.00 30.16 ? 276 HOH A O   1 
HETATM 1031 O O   . HOH B 2 .   ? 4.286   11.031  -1.573  1.00 39.88 ? 277 HOH A O   1 
HETATM 1032 O O   . HOH B 2 .   ? -10.482 -11.150 0.882   1.00 52.39 ? 278 HOH A O   1 
HETATM 1033 O O   . HOH B 2 .   ? 2.712   -9.901  -20.286 0.33 25.75 ? 279 HOH A O   1 
HETATM 1034 O O   . HOH B 2 .   ? 8.006   12.837  4.484   1.00 35.62 ? 280 HOH A O   1 
HETATM 1035 O O   . HOH B 2 .   ? -6.268  -11.773 2.266   1.00 44.22 ? 281 HOH A O   1 
HETATM 1036 O O   . HOH B 2 .   ? 0.862   -5.604  -21.401 1.00 27.98 ? 282 HOH A O   1 
HETATM 1037 O O   . HOH B 2 .   ? 3.151   -7.221  -21.065 0.33 25.62 ? 283 HOH A O   1 
# 
